data_2QYZ
# 
_entry.id   2QYZ 
# 
_audit_conform.dict_name       mmcif_pdbx.dic 
_audit_conform.dict_version    5.398 
_audit_conform.dict_location   http://mmcif.pdb.org/dictionaries/ascii/mmcif_pdbx.dic 
# 
loop_
_database_2.database_id 
_database_2.database_code 
_database_2.pdbx_database_accession 
_database_2.pdbx_DOI 
PDB   2QYZ         pdb_00002qyz 10.2210/pdb2qyz/pdb 
RCSB  RCSB044221   ?            ?                   
WWPDB D_1000044221 ?            ?                   
# 
loop_
_pdbx_audit_revision_history.ordinal 
_pdbx_audit_revision_history.data_content_type 
_pdbx_audit_revision_history.major_revision 
_pdbx_audit_revision_history.minor_revision 
_pdbx_audit_revision_history.revision_date 
1 'Structure model' 1 0 2007-08-28 
2 'Structure model' 1 1 2011-07-13 
3 'Structure model' 1 2 2017-10-25 
4 'Structure model' 1 3 2018-11-14 
5 'Structure model' 1 4 2021-02-03 
6 'Structure model' 1 5 2024-10-30 
# 
_pdbx_audit_revision_details.ordinal             1 
_pdbx_audit_revision_details.revision_ordinal    1 
_pdbx_audit_revision_details.data_content_type   'Structure model' 
_pdbx_audit_revision_details.provider            repository 
_pdbx_audit_revision_details.type                'Initial release' 
_pdbx_audit_revision_details.description         ? 
_pdbx_audit_revision_details.details             ? 
# 
loop_
_pdbx_audit_revision_group.ordinal 
_pdbx_audit_revision_group.revision_ordinal 
_pdbx_audit_revision_group.data_content_type 
_pdbx_audit_revision_group.group 
1  2 'Structure model' Advisory                    
2  2 'Structure model' 'Version format compliance' 
3  3 'Structure model' 'Refinement description'    
4  4 'Structure model' 'Data collection'           
5  4 'Structure model' 'Structure summary'         
6  5 'Structure model' 'Database references'       
7  5 'Structure model' 'Structure summary'         
8  6 'Structure model' 'Data collection'           
9  6 'Structure model' 'Database references'       
10 6 'Structure model' 'Structure summary'         
# 
loop_
_pdbx_audit_revision_category.ordinal 
_pdbx_audit_revision_category.revision_ordinal 
_pdbx_audit_revision_category.data_content_type 
_pdbx_audit_revision_category.category 
1  3 'Structure model' software                  
2  4 'Structure model' audit_author              
3  5 'Structure model' audit_author              
4  5 'Structure model' citation_author           
5  5 'Structure model' struct_ref_seq_dif        
6  6 'Structure model' chem_comp_atom            
7  6 'Structure model' chem_comp_bond            
8  6 'Structure model' database_2                
9  6 'Structure model' pdbx_entry_details        
10 6 'Structure model' pdbx_modification_feature 
# 
loop_
_pdbx_audit_revision_item.ordinal 
_pdbx_audit_revision_item.revision_ordinal 
_pdbx_audit_revision_item.data_content_type 
_pdbx_audit_revision_item.item 
1 4 'Structure model' '_audit_author.identifier_ORCID'      
2 5 'Structure model' '_audit_author.identifier_ORCID'      
3 5 'Structure model' '_citation_author.identifier_ORCID'   
4 5 'Structure model' '_struct_ref_seq_dif.details'         
5 6 'Structure model' '_database_2.pdbx_DOI'                
6 6 'Structure model' '_database_2.pdbx_database_accession' 
# 
_pdbx_database_status.entry_id                        2QYZ 
_pdbx_database_status.deposit_site                    RCSB 
_pdbx_database_status.process_site                    RCSB 
_pdbx_database_status.recvd_initial_deposition_date   2007-08-15 
_pdbx_database_status.status_code                     REL 
_pdbx_database_status.status_code_sf                  REL 
_pdbx_database_status.status_code_mr                  ? 
_pdbx_database_status.SG_entry                        Y 
_pdbx_database_status.pdb_format_compatible           Y 
_pdbx_database_status.status_code_cs                  ? 
_pdbx_database_status.methods_development_category    ? 
_pdbx_database_status.status_code_nmr_data            ? 
# 
_pdbx_database_related.db_name        TargetDB 
_pdbx_database_related.db_id          NYSGXRC-10427h 
_pdbx_database_related.details        . 
_pdbx_database_related.content_type   unspecified 
# 
loop_
_audit_author.name 
_audit_author.pdbx_ordinal 
_audit_author.identifier_ORCID 
'Malashkevich, V.N.'                                             1 ?                   
'Toro, R.'                                                       2 ?                   
'Meyer, A.J.'                                                    3 ?                   
'Sauder, J.M.'                                                   4 0000-0002-0254-4955 
'Wasserman, T.'                                                  5 ?                   
'Burley, S.K.'                                                   6 0000-0002-2487-9713 
'Almo, S.C.'                                                     7 ?                   
'New York SGX Research Center for Structural Genomics (NYSGXRC)' 8 ?                   
# 
_citation.id                        primary 
_citation.title                     'Crystal structure of the uncharacterized protein CTC02137 from Clostridium tetani E88.' 
_citation.journal_abbrev            'To be Published' 
_citation.journal_volume            ? 
_citation.page_first                ? 
_citation.page_last                 ? 
_citation.year                      ? 
_citation.journal_id_ASTM           ? 
_citation.country                   ? 
_citation.journal_id_ISSN           ? 
_citation.journal_id_CSD            0353 
_citation.book_publisher            ? 
_citation.pdbx_database_id_PubMed   ? 
_citation.pdbx_database_id_DOI      ? 
# 
loop_
_citation_author.citation_id 
_citation_author.name 
_citation_author.ordinal 
_citation_author.identifier_ORCID 
primary 'Malashkevich, V.N.' 1 ?                   
primary 'Toro, R.'           2 ?                   
primary 'Meyer, A.J.'        3 ?                   
primary 'Sauder, J.M.'       4 ?                   
primary 'Wasserman, T.'      5 ?                   
primary 'Burley, S.K.'       6 0000-0002-2487-9713 
primary 'Almo, S.C.'         7 ?                   
# 
loop_
_entity.id 
_entity.type 
_entity.src_method 
_entity.pdbx_description 
_entity.formula_weight 
_entity.pdbx_number_of_molecules 
_entity.pdbx_ec 
_entity.pdbx_mutation 
_entity.pdbx_fragment 
_entity.details 
1 polymer man 'Uncharacterized protein' 16384.461 1  ? ? ? ? 
2 water   nat water                     18.015    67 ? ? ? ? 
# 
_entity_poly.entity_id                      1 
_entity_poly.type                           'polypeptide(L)' 
_entity_poly.nstd_linkage                   no 
_entity_poly.nstd_monomer                   no 
_entity_poly.pdbx_seq_one_letter_code       
;MSLNREVKFRAWDKELNMMVYTKEQTGHIEYNTNPADTINIILNQDDYGYVFMQYTGLKDKNEKEIYEGDIIKKSNRSSN
LYEIIYQDSIACFRCKVIKGDIKSFPCLNIGTVRNCEVIGNIYENPELLEEEGHHHHHH
;
_entity_poly.pdbx_seq_one_letter_code_can   
;MSLNREVKFRAWDKELNMMVYTKEQTGHIEYNTNPADTINIILNQDDYGYVFMQYTGLKDKNEKEIYEGDIIKKSNRSSN
LYEIIYQDSIACFRCKVIKGDIKSFPCLNIGTVRNCEVIGNIYENPELLEEEGHHHHHH
;
_entity_poly.pdbx_strand_id                 A 
_entity_poly.pdbx_target_identifier         NYSGXRC-10427h 
# 
_pdbx_entity_nonpoly.entity_id   2 
_pdbx_entity_nonpoly.name        water 
_pdbx_entity_nonpoly.comp_id     HOH 
# 
loop_
_entity_poly_seq.entity_id 
_entity_poly_seq.num 
_entity_poly_seq.mon_id 
_entity_poly_seq.hetero 
1 1   MET n 
1 2   SER n 
1 3   LEU n 
1 4   ASN n 
1 5   ARG n 
1 6   GLU n 
1 7   VAL n 
1 8   LYS n 
1 9   PHE n 
1 10  ARG n 
1 11  ALA n 
1 12  TRP n 
1 13  ASP n 
1 14  LYS n 
1 15  GLU n 
1 16  LEU n 
1 17  ASN n 
1 18  MET n 
1 19  MET n 
1 20  VAL n 
1 21  TYR n 
1 22  THR n 
1 23  LYS n 
1 24  GLU n 
1 25  GLN n 
1 26  THR n 
1 27  GLY n 
1 28  HIS n 
1 29  ILE n 
1 30  GLU n 
1 31  TYR n 
1 32  ASN n 
1 33  THR n 
1 34  ASN n 
1 35  PRO n 
1 36  ALA n 
1 37  ASP n 
1 38  THR n 
1 39  ILE n 
1 40  ASN n 
1 41  ILE n 
1 42  ILE n 
1 43  LEU n 
1 44  ASN n 
1 45  GLN n 
1 46  ASP n 
1 47  ASP n 
1 48  TYR n 
1 49  GLY n 
1 50  TYR n 
1 51  VAL n 
1 52  PHE n 
1 53  MET n 
1 54  GLN n 
1 55  TYR n 
1 56  THR n 
1 57  GLY n 
1 58  LEU n 
1 59  LYS n 
1 60  ASP n 
1 61  LYS n 
1 62  ASN n 
1 63  GLU n 
1 64  LYS n 
1 65  GLU n 
1 66  ILE n 
1 67  TYR n 
1 68  GLU n 
1 69  GLY n 
1 70  ASP n 
1 71  ILE n 
1 72  ILE n 
1 73  LYS n 
1 74  LYS n 
1 75  SER n 
1 76  ASN n 
1 77  ARG n 
1 78  SER n 
1 79  SER n 
1 80  ASN n 
1 81  LEU n 
1 82  TYR n 
1 83  GLU n 
1 84  ILE n 
1 85  ILE n 
1 86  TYR n 
1 87  GLN n 
1 88  ASP n 
1 89  SER n 
1 90  ILE n 
1 91  ALA n 
1 92  CYS n 
1 93  PHE n 
1 94  ARG n 
1 95  CYS n 
1 96  LYS n 
1 97  VAL n 
1 98  ILE n 
1 99  LYS n 
1 100 GLY n 
1 101 ASP n 
1 102 ILE n 
1 103 LYS n 
1 104 SER n 
1 105 PHE n 
1 106 PRO n 
1 107 CYS n 
1 108 LEU n 
1 109 ASN n 
1 110 ILE n 
1 111 GLY n 
1 112 THR n 
1 113 VAL n 
1 114 ARG n 
1 115 ASN n 
1 116 CYS n 
1 117 GLU n 
1 118 VAL n 
1 119 ILE n 
1 120 GLY n 
1 121 ASN n 
1 122 ILE n 
1 123 TYR n 
1 124 GLU n 
1 125 ASN n 
1 126 PRO n 
1 127 GLU n 
1 128 LEU n 
1 129 LEU n 
1 130 GLU n 
1 131 GLU n 
1 132 GLU n 
1 133 GLY n 
1 134 HIS n 
1 135 HIS n 
1 136 HIS n 
1 137 HIS n 
1 138 HIS n 
1 139 HIS n 
# 
_entity_src_gen.entity_id                          1 
_entity_src_gen.pdbx_src_id                        1 
_entity_src_gen.pdbx_alt_source_flag               sample 
_entity_src_gen.pdbx_seq_type                      ? 
_entity_src_gen.pdbx_beg_seq_num                   ? 
_entity_src_gen.pdbx_end_seq_num                   ? 
_entity_src_gen.gene_src_common_name               ? 
_entity_src_gen.gene_src_genus                     Clostridium 
_entity_src_gen.pdbx_gene_src_gene                 CTC_02137 
_entity_src_gen.gene_src_species                   'Clostridium tetani' 
_entity_src_gen.gene_src_strain                    'E88, Massachusetts' 
_entity_src_gen.gene_src_tissue                    ? 
_entity_src_gen.gene_src_tissue_fraction           ? 
_entity_src_gen.gene_src_details                   ? 
_entity_src_gen.pdbx_gene_src_fragment             ? 
_entity_src_gen.pdbx_gene_src_scientific_name      'Clostridium tetani E88' 
_entity_src_gen.pdbx_gene_src_ncbi_taxonomy_id     212717 
_entity_src_gen.pdbx_gene_src_variant              ? 
_entity_src_gen.pdbx_gene_src_cell_line            ? 
_entity_src_gen.pdbx_gene_src_atcc                 ? 
_entity_src_gen.pdbx_gene_src_organ                ? 
_entity_src_gen.pdbx_gene_src_organelle            ? 
_entity_src_gen.pdbx_gene_src_cell                 ? 
_entity_src_gen.pdbx_gene_src_cellular_location    ? 
_entity_src_gen.host_org_common_name               ? 
_entity_src_gen.pdbx_host_org_scientific_name      'Escherichia coli' 
_entity_src_gen.pdbx_host_org_ncbi_taxonomy_id     562 
_entity_src_gen.host_org_genus                     Escherichia 
_entity_src_gen.pdbx_host_org_gene                 ? 
_entity_src_gen.pdbx_host_org_organ                ? 
_entity_src_gen.host_org_species                   ? 
_entity_src_gen.pdbx_host_org_tissue               ? 
_entity_src_gen.pdbx_host_org_tissue_fraction      ? 
_entity_src_gen.pdbx_host_org_strain               'BL21(DE3)CODON+RIL' 
_entity_src_gen.pdbx_host_org_variant              ? 
_entity_src_gen.pdbx_host_org_cell_line            ? 
_entity_src_gen.pdbx_host_org_atcc                 ? 
_entity_src_gen.pdbx_host_org_culture_collection   ? 
_entity_src_gen.pdbx_host_org_cell                 ? 
_entity_src_gen.pdbx_host_org_organelle            ? 
_entity_src_gen.pdbx_host_org_cellular_location    ? 
_entity_src_gen.pdbx_host_org_vector_type          Plasmid 
_entity_src_gen.pdbx_host_org_vector               ? 
_entity_src_gen.host_org_details                   ? 
_entity_src_gen.expression_system_id               ? 
_entity_src_gen.plasmid_name                       'BC-pSGX3(BC)' 
_entity_src_gen.plasmid_details                    ? 
_entity_src_gen.pdbx_description                   ? 
# 
loop_
_chem_comp.id 
_chem_comp.type 
_chem_comp.mon_nstd_flag 
_chem_comp.name 
_chem_comp.pdbx_synonyms 
_chem_comp.formula 
_chem_comp.formula_weight 
ALA 'L-peptide linking' y ALANINE         ? 'C3 H7 N O2'     89.093  
ARG 'L-peptide linking' y ARGININE        ? 'C6 H15 N4 O2 1' 175.209 
ASN 'L-peptide linking' y ASPARAGINE      ? 'C4 H8 N2 O3'    132.118 
ASP 'L-peptide linking' y 'ASPARTIC ACID' ? 'C4 H7 N O4'     133.103 
CYS 'L-peptide linking' y CYSTEINE        ? 'C3 H7 N O2 S'   121.158 
GLN 'L-peptide linking' y GLUTAMINE       ? 'C5 H10 N2 O3'   146.144 
GLU 'L-peptide linking' y 'GLUTAMIC ACID' ? 'C5 H9 N O4'     147.129 
GLY 'peptide linking'   y GLYCINE         ? 'C2 H5 N O2'     75.067  
HIS 'L-peptide linking' y HISTIDINE       ? 'C6 H10 N3 O2 1' 156.162 
HOH non-polymer         . WATER           ? 'H2 O'           18.015  
ILE 'L-peptide linking' y ISOLEUCINE      ? 'C6 H13 N O2'    131.173 
LEU 'L-peptide linking' y LEUCINE         ? 'C6 H13 N O2'    131.173 
LYS 'L-peptide linking' y LYSINE          ? 'C6 H15 N2 O2 1' 147.195 
MET 'L-peptide linking' y METHIONINE      ? 'C5 H11 N O2 S'  149.211 
PHE 'L-peptide linking' y PHENYLALANINE   ? 'C9 H11 N O2'    165.189 
PRO 'L-peptide linking' y PROLINE         ? 'C5 H9 N O2'     115.130 
SER 'L-peptide linking' y SERINE          ? 'C3 H7 N O3'     105.093 
THR 'L-peptide linking' y THREONINE       ? 'C4 H9 N O3'     119.119 
TRP 'L-peptide linking' y TRYPTOPHAN      ? 'C11 H12 N2 O2'  204.225 
TYR 'L-peptide linking' y TYROSINE        ? 'C9 H11 N O3'    181.189 
VAL 'L-peptide linking' y VALINE          ? 'C5 H11 N O2'    117.146 
# 
loop_
_pdbx_poly_seq_scheme.asym_id 
_pdbx_poly_seq_scheme.entity_id 
_pdbx_poly_seq_scheme.seq_id 
_pdbx_poly_seq_scheme.mon_id 
_pdbx_poly_seq_scheme.ndb_seq_num 
_pdbx_poly_seq_scheme.pdb_seq_num 
_pdbx_poly_seq_scheme.auth_seq_num 
_pdbx_poly_seq_scheme.pdb_mon_id 
_pdbx_poly_seq_scheme.auth_mon_id 
_pdbx_poly_seq_scheme.pdb_strand_id 
_pdbx_poly_seq_scheme.pdb_ins_code 
_pdbx_poly_seq_scheme.hetero 
A 1 1   MET 1   1   ?   ?   ?   A . n 
A 1 2   SER 2   2   ?   ?   ?   A . n 
A 1 3   LEU 3   3   ?   ?   ?   A . n 
A 1 4   ASN 4   4   4   ASN ASN A . n 
A 1 5   ARG 5   5   5   ARG ARG A . n 
A 1 6   GLU 6   6   6   GLU GLU A . n 
A 1 7   VAL 7   7   7   VAL VAL A . n 
A 1 8   LYS 8   8   8   LYS LYS A . n 
A 1 9   PHE 9   9   9   PHE PHE A . n 
A 1 10  ARG 10  10  10  ARG ARG A . n 
A 1 11  ALA 11  11  11  ALA ALA A . n 
A 1 12  TRP 12  12  12  TRP TRP A . n 
A 1 13  ASP 13  13  13  ASP ASP A . n 
A 1 14  LYS 14  14  14  LYS LYS A . n 
A 1 15  GLU 15  15  15  GLU GLU A . n 
A 1 16  LEU 16  16  16  LEU LEU A . n 
A 1 17  ASN 17  17  17  ASN ASN A . n 
A 1 18  MET 18  18  18  MET MET A . n 
A 1 19  MET 19  19  19  MET MET A . n 
A 1 20  VAL 20  20  20  VAL VAL A . n 
A 1 21  TYR 21  21  21  TYR TYR A . n 
A 1 22  THR 22  22  22  THR THR A . n 
A 1 23  LYS 23  23  23  LYS LYS A . n 
A 1 24  GLU 24  24  24  GLU GLU A . n 
A 1 25  GLN 25  25  25  GLN GLN A . n 
A 1 26  THR 26  26  26  THR THR A . n 
A 1 27  GLY 27  27  27  GLY GLY A . n 
A 1 28  HIS 28  28  28  HIS HIS A . n 
A 1 29  ILE 29  29  29  ILE ILE A . n 
A 1 30  GLU 30  30  30  GLU GLU A . n 
A 1 31  TYR 31  31  31  TYR TYR A . n 
A 1 32  ASN 32  32  32  ASN ASN A . n 
A 1 33  THR 33  33  33  THR THR A . n 
A 1 34  ASN 34  34  34  ASN ASN A . n 
A 1 35  PRO 35  35  35  PRO PRO A . n 
A 1 36  ALA 36  36  36  ALA ALA A . n 
A 1 37  ASP 37  37  37  ASP ASP A . n 
A 1 38  THR 38  38  38  THR THR A . n 
A 1 39  ILE 39  39  39  ILE ILE A . n 
A 1 40  ASN 40  40  40  ASN ASN A . n 
A 1 41  ILE 41  41  41  ILE ILE A . n 
A 1 42  ILE 42  42  42  ILE ILE A . n 
A 1 43  LEU 43  43  43  LEU LEU A . n 
A 1 44  ASN 44  44  44  ASN ASN A . n 
A 1 45  GLN 45  45  45  GLN GLN A . n 
A 1 46  ASP 46  46  46  ASP ASP A . n 
A 1 47  ASP 47  47  47  ASP ASP A . n 
A 1 48  TYR 48  48  48  TYR TYR A . n 
A 1 49  GLY 49  49  49  GLY GLY A . n 
A 1 50  TYR 50  50  50  TYR TYR A . n 
A 1 51  VAL 51  51  51  VAL VAL A . n 
A 1 52  PHE 52  52  52  PHE PHE A . n 
A 1 53  MET 53  53  53  MET MET A . n 
A 1 54  GLN 54  54  54  GLN GLN A . n 
A 1 55  TYR 55  55  55  TYR TYR A . n 
A 1 56  THR 56  56  56  THR THR A . n 
A 1 57  GLY 57  57  57  GLY GLY A . n 
A 1 58  LEU 58  58  58  LEU LEU A . n 
A 1 59  LYS 59  59  59  LYS LYS A . n 
A 1 60  ASP 60  60  60  ASP ASP A . n 
A 1 61  LYS 61  61  61  LYS LYS A . n 
A 1 62  ASN 62  62  62  ASN ASN A . n 
A 1 63  GLU 63  63  63  GLU GLU A . n 
A 1 64  LYS 64  64  64  LYS LYS A . n 
A 1 65  GLU 65  65  65  GLU GLU A . n 
A 1 66  ILE 66  66  66  ILE ILE A . n 
A 1 67  TYR 67  67  67  TYR TYR A . n 
A 1 68  GLU 68  68  68  GLU GLU A . n 
A 1 69  GLY 69  69  69  GLY GLY A . n 
A 1 70  ASP 70  70  70  ASP ASP A . n 
A 1 71  ILE 71  71  71  ILE ILE A . n 
A 1 72  ILE 72  72  72  ILE ILE A . n 
A 1 73  LYS 73  73  73  LYS LYS A . n 
A 1 74  LYS 74  74  74  LYS LYS A . n 
A 1 75  SER 75  75  75  SER SER A . n 
A 1 76  ASN 76  76  76  ASN ASN A . n 
A 1 77  ARG 77  77  77  ARG ARG A . n 
A 1 78  SER 78  78  78  SER SER A . n 
A 1 79  SER 79  79  79  SER SER A . n 
A 1 80  ASN 80  80  80  ASN ASN A . n 
A 1 81  LEU 81  81  81  LEU LEU A . n 
A 1 82  TYR 82  82  82  TYR TYR A . n 
A 1 83  GLU 83  83  83  GLU GLU A . n 
A 1 84  ILE 84  84  84  ILE ILE A . n 
A 1 85  ILE 85  85  85  ILE ILE A . n 
A 1 86  TYR 86  86  86  TYR TYR A . n 
A 1 87  GLN 87  87  87  GLN GLN A . n 
A 1 88  ASP 88  88  88  ASP ASP A . n 
A 1 89  SER 89  89  89  SER SER A . n 
A 1 90  ILE 90  90  90  ILE ILE A . n 
A 1 91  ALA 91  91  91  ALA ALA A . n 
A 1 92  CYS 92  92  92  CYS CYS A . n 
A 1 93  PHE 93  93  93  PHE PHE A . n 
A 1 94  ARG 94  94  94  ARG ARG A . n 
A 1 95  CYS 95  95  95  CYS CYS A . n 
A 1 96  LYS 96  96  96  LYS LYS A . n 
A 1 97  VAL 97  97  97  VAL VAL A . n 
A 1 98  ILE 98  98  98  ILE ILE A . n 
A 1 99  LYS 99  99  99  LYS LYS A . n 
A 1 100 GLY 100 100 100 GLY GLY A . n 
A 1 101 ASP 101 101 101 ASP ASP A . n 
A 1 102 ILE 102 102 102 ILE ILE A . n 
A 1 103 LYS 103 103 103 LYS LYS A . n 
A 1 104 SER 104 104 104 SER SER A . n 
A 1 105 PHE 105 105 105 PHE PHE A . n 
A 1 106 PRO 106 106 106 PRO PRO A . n 
A 1 107 CYS 107 107 107 CYS CYS A . n 
A 1 108 LEU 108 108 108 LEU LEU A . n 
A 1 109 ASN 109 109 109 ASN ASN A . n 
A 1 110 ILE 110 110 110 ILE ILE A . n 
A 1 111 GLY 111 111 111 GLY GLY A . n 
A 1 112 THR 112 112 112 THR THR A . n 
A 1 113 VAL 113 113 113 VAL VAL A . n 
A 1 114 ARG 114 114 114 ARG ARG A . n 
A 1 115 ASN 115 115 115 ASN ASN A . n 
A 1 116 CYS 116 116 116 CYS CYS A . n 
A 1 117 GLU 117 117 117 GLU GLU A . n 
A 1 118 VAL 118 118 118 VAL VAL A . n 
A 1 119 ILE 119 119 119 ILE ILE A . n 
A 1 120 GLY 120 120 120 GLY GLY A . n 
A 1 121 ASN 121 121 121 ASN ASN A . n 
A 1 122 ILE 122 122 122 ILE ILE A . n 
A 1 123 TYR 123 123 123 TYR TYR A . n 
A 1 124 GLU 124 124 124 GLU GLU A . n 
A 1 125 ASN 125 125 125 ASN ASN A . n 
A 1 126 PRO 126 126 126 PRO PRO A . n 
A 1 127 GLU 127 127 127 GLU GLU A . n 
A 1 128 LEU 128 128 128 LEU LEU A . n 
A 1 129 LEU 129 129 129 LEU LEU A . n 
A 1 130 GLU 130 130 130 GLU GLU A . n 
A 1 131 GLU 131 131 ?   ?   ?   A . n 
A 1 132 GLU 132 132 ?   ?   ?   A . n 
A 1 133 GLY 133 133 ?   ?   ?   A . n 
A 1 134 HIS 134 134 ?   ?   ?   A . n 
A 1 135 HIS 135 135 ?   ?   ?   A . n 
A 1 136 HIS 136 136 ?   ?   ?   A . n 
A 1 137 HIS 137 137 ?   ?   ?   A . n 
A 1 138 HIS 138 138 ?   ?   ?   A . n 
A 1 139 HIS 139 139 ?   ?   ?   A . n 
# 
loop_
_pdbx_nonpoly_scheme.asym_id 
_pdbx_nonpoly_scheme.entity_id 
_pdbx_nonpoly_scheme.mon_id 
_pdbx_nonpoly_scheme.ndb_seq_num 
_pdbx_nonpoly_scheme.pdb_seq_num 
_pdbx_nonpoly_scheme.auth_seq_num 
_pdbx_nonpoly_scheme.pdb_mon_id 
_pdbx_nonpoly_scheme.auth_mon_id 
_pdbx_nonpoly_scheme.pdb_strand_id 
_pdbx_nonpoly_scheme.pdb_ins_code 
B 2 HOH 1  140 1   HOH HOH A . 
B 2 HOH 2  141 3   HOH HOH A . 
B 2 HOH 3  142 4   HOH HOH A . 
B 2 HOH 4  143 5   HOH HOH A . 
B 2 HOH 5  144 6   HOH HOH A . 
B 2 HOH 6  145 7   HOH HOH A . 
B 2 HOH 7  146 8   HOH HOH A . 
B 2 HOH 8  147 9   HOH HOH A . 
B 2 HOH 9  148 10  HOH HOH A . 
B 2 HOH 10 149 11  HOH HOH A . 
B 2 HOH 11 150 13  HOH HOH A . 
B 2 HOH 12 151 14  HOH HOH A . 
B 2 HOH 13 152 15  HOH HOH A . 
B 2 HOH 14 153 16  HOH HOH A . 
B 2 HOH 15 154 20  HOH HOH A . 
B 2 HOH 16 155 22  HOH HOH A . 
B 2 HOH 17 156 24  HOH HOH A . 
B 2 HOH 18 157 26  HOH HOH A . 
B 2 HOH 19 158 27  HOH HOH A . 
B 2 HOH 20 159 28  HOH HOH A . 
B 2 HOH 21 160 29  HOH HOH A . 
B 2 HOH 22 161 30  HOH HOH A . 
B 2 HOH 23 162 31  HOH HOH A . 
B 2 HOH 24 163 32  HOH HOH A . 
B 2 HOH 25 164 33  HOH HOH A . 
B 2 HOH 26 165 35  HOH HOH A . 
B 2 HOH 27 166 36  HOH HOH A . 
B 2 HOH 28 167 38  HOH HOH A . 
B 2 HOH 29 168 39  HOH HOH A . 
B 2 HOH 30 169 40  HOH HOH A . 
B 2 HOH 31 170 41  HOH HOH A . 
B 2 HOH 32 171 44  HOH HOH A . 
B 2 HOH 33 172 47  HOH HOH A . 
B 2 HOH 34 173 49  HOH HOH A . 
B 2 HOH 35 174 53  HOH HOH A . 
B 2 HOH 36 175 55  HOH HOH A . 
B 2 HOH 37 176 57  HOH HOH A . 
B 2 HOH 38 177 58  HOH HOH A . 
B 2 HOH 39 178 61  HOH HOH A . 
B 2 HOH 40 179 67  HOH HOH A . 
B 2 HOH 41 180 68  HOH HOH A . 
B 2 HOH 42 181 70  HOH HOH A . 
B 2 HOH 43 182 71  HOH HOH A . 
B 2 HOH 44 183 72  HOH HOH A . 
B 2 HOH 45 184 73  HOH HOH A . 
B 2 HOH 46 185 74  HOH HOH A . 
B 2 HOH 47 186 76  HOH HOH A . 
B 2 HOH 48 187 78  HOH HOH A . 
B 2 HOH 49 188 80  HOH HOH A . 
B 2 HOH 50 189 81  HOH HOH A . 
B 2 HOH 51 190 82  HOH HOH A . 
B 2 HOH 52 191 83  HOH HOH A . 
B 2 HOH 53 192 85  HOH HOH A . 
B 2 HOH 54 193 86  HOH HOH A . 
B 2 HOH 55 194 87  HOH HOH A . 
B 2 HOH 56 195 88  HOH HOH A . 
B 2 HOH 57 196 89  HOH HOH A . 
B 2 HOH 58 197 91  HOH HOH A . 
B 2 HOH 59 198 93  HOH HOH A . 
B 2 HOH 60 199 94  HOH HOH A . 
B 2 HOH 61 200 96  HOH HOH A . 
B 2 HOH 62 201 97  HOH HOH A . 
B 2 HOH 63 202 101 HOH HOH A . 
B 2 HOH 64 203 102 HOH HOH A . 
B 2 HOH 65 204 103 HOH HOH A . 
B 2 HOH 66 205 104 HOH HOH A . 
B 2 HOH 67 206 105 HOH HOH A . 
# 
loop_
_software.name 
_software.version 
_software.date 
_software.type 
_software.contact_author 
_software.contact_author_email 
_software.classification 
_software.location 
_software.language 
_software.citation_id 
_software.pdbx_ordinal 
DENZO       .     ?              package 'Zbyszek Otwinowski' zbyszek@mix.swmed.edu    'data reduction'  
http://www.lnls.br/infra/linhasluz/denzo-hkl.htm ?          ? 1 
SCALEPACK   .     ?              package 'Zbyszek Otwinowski' zbyszek@mix.swmed.edu    'data scaling'    
http://www.lnls.br/infra/linhasluz/denzo-hkl.htm ?          ? 2 
REFMAC      .     ?              program 'Murshudov, G.N.'    ccp4@dl.ac.uk            refinement        
http://www.ccp4.ac.uk/main.html                  Fortran_77 ? 3 
PDB_EXTRACT 3.000 'July 2, 2007' package PDB                  sw-help@rcsb.rutgers.edu 'data extraction' 
http://pdb.rutgers.edu/software/                 C++        ? 4 
CBASS       .     ?              ?       ?                    ?                        'data collection' ? ?          ? 5 
SHELXS      .     ?              ?       ?                    ?                        phasing           ? ?          ? 6 
# 
_cell.length_a           40.711 
_cell.length_b           40.711 
_cell.length_c           156.753 
_cell.angle_alpha        90.000 
_cell.angle_beta         90.000 
_cell.angle_gamma        120.000 
_cell.entry_id           2QYZ 
_cell.pdbx_unique_axis   ? 
_cell.Z_PDB              6 
_cell.length_a_esd       ? 
_cell.length_b_esd       ? 
_cell.length_c_esd       ? 
_cell.angle_alpha_esd    ? 
_cell.angle_beta_esd     ? 
_cell.angle_gamma_esd    ? 
# 
_symmetry.space_group_name_H-M             'P 31 1 2' 
_symmetry.entry_id                         2QYZ 
_symmetry.Int_Tables_number                151 
_symmetry.pdbx_full_space_group_name_H-M   ? 
_symmetry.cell_setting                     ? 
_symmetry.space_group_name_Hall            ? 
# 
_exptl.crystals_number   1 
_exptl.entry_id          2QYZ 
_exptl.method            'X-RAY DIFFRACTION' 
# 
_exptl_crystal.id                    1 
_exptl_crystal.density_Matthews      2.29 
_exptl_crystal.density_meas          ? 
_exptl_crystal.density_percent_sol   46.26 
_exptl_crystal.description           ? 
_exptl_crystal.F_000                 ? 
_exptl_crystal.preparation           ? 
# 
_exptl_crystal_grow.crystal_id      1 
_exptl_crystal_grow.method          'VAPOR DIFFUSION' 
_exptl_crystal_grow.pH              5.5 
_exptl_crystal_grow.temp            294 
_exptl_crystal_grow.temp_details    ? 
_exptl_crystal_grow.pdbx_details    '0.2M Ammonium sulfate, 0.1M Bis-Tris pH 5.5, 25% PEG 3350, VAPOR DIFFUSION, temperature 294K' 
_exptl_crystal_grow.pdbx_pH_range   . 
# 
_diffrn.id                     1 
_diffrn.ambient_temp           100 
_diffrn.ambient_temp_details   ? 
_diffrn.crystal_id             1 
# 
_diffrn_detector.diffrn_id              1 
_diffrn_detector.detector               CCD 
_diffrn_detector.type                   'ADSC QUANTUM 315' 
_diffrn_detector.pdbx_collection_date   2007-07-18 
_diffrn_detector.details                ? 
# 
_diffrn_radiation.diffrn_id                        1 
_diffrn_radiation.wavelength_id                    1 
_diffrn_radiation.pdbx_diffrn_protocol             'SINGLE WAVELENGTH' 
_diffrn_radiation.monochromator                    ? 
_diffrn_radiation.pdbx_monochromatic_or_laue_m_l   M 
_diffrn_radiation.pdbx_scattering_type             x-ray 
# 
_diffrn_radiation_wavelength.id           1 
_diffrn_radiation_wavelength.wavelength   0.97900 
_diffrn_radiation_wavelength.wt           1.0 
# 
_diffrn_source.diffrn_id                   1 
_diffrn_source.source                      SYNCHROTRON 
_diffrn_source.type                        'NSLS BEAMLINE X29A' 
_diffrn_source.pdbx_wavelength             ? 
_diffrn_source.pdbx_wavelength_list        0.97900 
_diffrn_source.pdbx_synchrotron_site       NSLS 
_diffrn_source.pdbx_synchrotron_beamline   X29A 
# 
_reflns.entry_id                     2QYZ 
_reflns.d_resolution_high            2.040 
_reflns.d_resolution_low             50.000 
_reflns.number_obs                   16582 
_reflns.pdbx_Rmerge_I_obs            0.035 
_reflns.pdbx_netI_over_sigmaI        18.300 
_reflns.pdbx_chi_squared             1.143 
_reflns.pdbx_redundancy              4.900 
_reflns.percent_possible_obs         89.300 
_reflns.observed_criterion_sigma_F   ? 
_reflns.observed_criterion_sigma_I   ? 
_reflns.number_all                   ? 
_reflns.pdbx_Rsym_value              ? 
_reflns.B_iso_Wilson_estimate        ? 
_reflns.R_free_details               ? 
_reflns.limit_h_max                  ? 
_reflns.limit_h_min                  ? 
_reflns.limit_k_max                  ? 
_reflns.limit_k_min                  ? 
_reflns.limit_l_max                  ? 
_reflns.limit_l_min                  ? 
_reflns.observed_criterion_F_max     ? 
_reflns.observed_criterion_F_min     ? 
_reflns.pdbx_scaling_rejects         ? 
_reflns.pdbx_ordinal                 1 
_reflns.pdbx_diffrn_id               1 
# 
loop_
_reflns_shell.d_res_high 
_reflns_shell.d_res_low 
_reflns_shell.number_measured_obs 
_reflns_shell.number_measured_all 
_reflns_shell.number_unique_obs 
_reflns_shell.Rmerge_I_obs 
_reflns_shell.meanI_over_sigI_obs 
_reflns_shell.pdbx_Rsym_value 
_reflns_shell.pdbx_chi_squared 
_reflns_shell.pdbx_redundancy 
_reflns_shell.percent_possible_obs 
_reflns_shell.number_unique_all 
_reflns_shell.percent_possible_all 
_reflns_shell.pdbx_ordinal 
_reflns_shell.pdbx_diffrn_id 
2.04 2.11  ? ? ? 0.183 ? ? 0.509 2.60 ? 722  39.60  1  1 
2.11 2.20  ? ? ? 0.172 ? ? 0.523 3.00 ? 1326 71.60  2  1 
2.20 2.30  ? ? ? 0.196 ? ? 1.369 3.50 ? 1656 89.30  3  1 
2.30 2.42  ? ? ? 0.109 ? ? 0.618 4.70 ? 1847 98.90  4  1 
2.42 2.57  ? ? ? 0.090 ? ? 0.681 5.50 ? 1866 100.00 5  1 
2.57 2.77  ? ? ? 0.063 ? ? 0.809 5.70 ? 1834 99.90  6  1 
2.77 3.05  ? ? ? 0.048 ? ? 0.992 5.70 ? 1848 100.00 7  1 
3.05 3.49  ? ? ? 0.036 ? ? 1.244 5.70 ? 1872 100.00 8  1 
3.49 4.39  ? ? ? 0.036 ? ? 2.088 5.30 ? 1796 96.60  9  1 
4.39 50.00 ? ? ? 0.024 ? ? 1.784 5.30 ? 1815 96.30  10 1 
# 
_refine.entry_id                                 2QYZ 
_refine.ls_d_res_high                            2.040 
_refine.ls_d_res_low                             19.700 
_refine.pdbx_ls_sigma_F                          0.00 
_refine.ls_percent_reflns_obs                    92.090 
_refine.ls_number_reflns_obs                     9007 
_refine.pdbx_ls_cross_valid_method               THROUGHOUT 
_refine.pdbx_R_Free_selection_details            RANDOM 
_refine.details                                  
'The Bijvoet differences were used for phasing. HYDROGENS HAVE BEEN ADDED IN THE RIDING POSITIONS' 
_refine.ls_R_factor_obs                          0.194 
_refine.ls_R_factor_R_work                       0.191 
_refine.ls_R_factor_R_free                       0.259 
_refine.ls_percent_reflns_R_free                 4.800 
_refine.ls_number_reflns_R_free                  435 
_refine.B_iso_mean                               54.382 
_refine.aniso_B[1][1]                            0.210 
_refine.aniso_B[2][2]                            0.210 
_refine.aniso_B[3][3]                            -0.310 
_refine.aniso_B[1][2]                            0.100 
_refine.aniso_B[1][3]                            0.000 
_refine.aniso_B[2][3]                            0.000 
_refine.correlation_coeff_Fo_to_Fc               0.968 
_refine.correlation_coeff_Fo_to_Fc_free          0.938 
_refine.pdbx_overall_ESU_R                       0.212 
_refine.pdbx_overall_ESU_R_Free                  0.199 
_refine.overall_SU_ML                            0.242 
_refine.overall_SU_B                             22.616 
_refine.solvent_model_details                    'BABINET MODEL WITH MASK' 
_refine.pdbx_solvent_vdw_probe_radii             1.200 
_refine.pdbx_solvent_ion_probe_radii             0.800 
_refine.pdbx_solvent_shrinkage_radii             0.800 
_refine.pdbx_method_to_determine_struct          ? 
_refine.pdbx_stereochemistry_target_values       'MAXIMUM LIKELIHOOD' 
_refine.pdbx_ls_sigma_I                          ? 
_refine.ls_number_reflns_all                     ? 
_refine.ls_R_factor_all                          ? 
_refine.ls_redundancy_reflns_obs                 ? 
_refine.pdbx_data_cutoff_high_absF               ? 
_refine.pdbx_data_cutoff_low_absF                ? 
_refine.ls_number_parameters                     ? 
_refine.ls_number_restraints                     ? 
_refine.ls_R_factor_R_free_error                 ? 
_refine.ls_R_factor_R_free_error_details         ? 
_refine.pdbx_starting_model                      ? 
_refine.pdbx_stereochem_target_val_spec_case     ? 
_refine.solvent_model_param_bsol                 ? 
_refine.solvent_model_param_ksol                 ? 
_refine.occupancy_max                            ? 
_refine.occupancy_min                            ? 
_refine.pdbx_isotropic_thermal_model             ? 
_refine.B_iso_min                                ? 
_refine.B_iso_max                                ? 
_refine.overall_SU_R_Cruickshank_DPI             ? 
_refine.overall_SU_R_free                        ? 
_refine.pdbx_data_cutoff_high_rms_absF           ? 
_refine.ls_wR_factor_R_free                      ? 
_refine.ls_wR_factor_R_work                      ? 
_refine.overall_FOM_free_R_set                   ? 
_refine.overall_FOM_work_R_set                   ? 
_refine.pdbx_refine_id                           'X-RAY DIFFRACTION' 
_refine.pdbx_TLS_residual_ADP_flag               'LIKELY RESIDUAL' 
_refine.pdbx_diffrn_id                           1 
_refine.pdbx_overall_phase_error                 ? 
_refine.pdbx_overall_SU_R_free_Cruickshank_DPI   ? 
_refine.pdbx_overall_SU_R_Blow_DPI               ? 
_refine.pdbx_overall_SU_R_free_Blow_DPI          ? 
# 
_refine_hist.pdbx_refine_id                   'X-RAY DIFFRACTION' 
_refine_hist.cycle_id                         LAST 
_refine_hist.pdbx_number_atoms_protein        1044 
_refine_hist.pdbx_number_atoms_nucleic_acid   0 
_refine_hist.pdbx_number_atoms_ligand         0 
_refine_hist.number_atoms_solvent             67 
_refine_hist.number_atoms_total               1111 
_refine_hist.d_res_high                       2.040 
_refine_hist.d_res_low                        19.700 
# 
loop_
_refine_ls_restr.type 
_refine_ls_restr.number 
_refine_ls_restr.dev_ideal 
_refine_ls_restr.dev_ideal_target 
_refine_ls_restr.weight 
_refine_ls_restr.pdbx_refine_id 
_refine_ls_restr.pdbx_restraint_function 
r_bond_refined_d         1066 0.021  0.022  ? 'X-RAY DIFFRACTION' ? 
r_angle_refined_deg      1438 2.008  1.956  ? 'X-RAY DIFFRACTION' ? 
r_dihedral_angle_1_deg   128  8.538  5.000  ? 'X-RAY DIFFRACTION' ? 
r_dihedral_angle_2_deg   57   42.195 25.614 ? 'X-RAY DIFFRACTION' ? 
r_dihedral_angle_3_deg   202  19.268 15.000 ? 'X-RAY DIFFRACTION' ? 
r_dihedral_angle_4_deg   5    25.263 15.000 ? 'X-RAY DIFFRACTION' ? 
r_chiral_restr           155  0.132  0.200  ? 'X-RAY DIFFRACTION' ? 
r_gen_planes_refined     809  0.008  0.020  ? 'X-RAY DIFFRACTION' ? 
r_nbd_refined            412  0.243  0.200  ? 'X-RAY DIFFRACTION' ? 
r_nbtor_refined          718  0.322  0.200  ? 'X-RAY DIFFRACTION' ? 
r_xyhbond_nbd_refined    57   0.157  0.200  ? 'X-RAY DIFFRACTION' ? 
r_symmetry_vdw_refined   62   0.222  0.200  ? 'X-RAY DIFFRACTION' ? 
r_symmetry_hbond_refined 9    0.165  0.200  ? 'X-RAY DIFFRACTION' ? 
r_mcbond_it              657  1.807  1.500  ? 'X-RAY DIFFRACTION' ? 
r_mcangle_it             1031 5.987  20.000 ? 'X-RAY DIFFRACTION' ? 
r_scbond_it              476  11.645 20.000 ? 'X-RAY DIFFRACTION' ? 
r_scangle_it             406  5.213  4.500  ? 'X-RAY DIFFRACTION' ? 
# 
_refine_ls_shell.d_res_high                       2.040 
_refine_ls_shell.d_res_low                        2.095 
_refine_ls_shell.pdbx_total_number_of_bins_used   20 
_refine_ls_shell.percent_reflns_obs               45.550 
_refine_ls_shell.number_reflns_R_work             291 
_refine_ls_shell.R_factor_all                     ? 
_refine_ls_shell.R_factor_R_work                  0.326 
_refine_ls_shell.R_factor_R_free                  0.532 
_refine_ls_shell.percent_reflns_R_free            ? 
_refine_ls_shell.number_reflns_R_free             21 
_refine_ls_shell.R_factor_R_free_error            ? 
_refine_ls_shell.number_reflns_all                312 
_refine_ls_shell.number_reflns_obs                ? 
_refine_ls_shell.redundancy_reflns_obs            ? 
_refine_ls_shell.pdbx_refine_id                   'X-RAY DIFFRACTION' 
# 
_struct.entry_id                  2QYZ 
_struct.title                     'Crystal structure of the uncharacterized protein CTC02137 from Clostridium tetani E88' 
_struct.pdbx_model_details        ? 
_struct.pdbx_CASP_flag            ? 
_struct.pdbx_model_type_details   ? 
# 
_struct_keywords.entry_id        2QYZ 
_struct_keywords.pdbx_keywords   'STRUCTURAL GENOMICS, UNKNOWN FUNCTION' 
_struct_keywords.text            
;structural genomics, Clostridium tetani E88, PSI-2, Protein Structure Initiative, New York SGX Research Center for Structural Genomics, NYSGXRC, UNKNOWN FUNCTION
;
# 
loop_
_struct_asym.id 
_struct_asym.pdbx_blank_PDB_chainid_flag 
_struct_asym.pdbx_modified 
_struct_asym.entity_id 
_struct_asym.details 
A N N 1 ? 
B N N 2 ? 
# 
_struct_ref.id                         1 
_struct_ref.db_name                    UNP 
_struct_ref.db_code                    Q892G2_CLOTE 
_struct_ref.pdbx_db_accession          Q892G2 
_struct_ref.entity_id                  1 
_struct_ref.pdbx_seq_one_letter_code   
;NREVKFRAWDKELNMMVYTKEQTGHIEYNTNPADTINIILNQDDYGYVFMQYTGLKDKNEKEIYEGDIIKKSNRSSNLYE
IIYQDSIACFRCKVIKGDIKSFPCLNIGTVRNCEVIGNIYENPELLEE
;
_struct_ref.pdbx_align_begin           2 
_struct_ref.pdbx_db_isoform            ? 
# 
_struct_ref_seq.align_id                      1 
_struct_ref_seq.ref_id                        1 
_struct_ref_seq.pdbx_PDB_id_code              2QYZ 
_struct_ref_seq.pdbx_strand_id                A 
_struct_ref_seq.seq_align_beg                 4 
_struct_ref_seq.pdbx_seq_align_beg_ins_code   ? 
_struct_ref_seq.seq_align_end                 131 
_struct_ref_seq.pdbx_seq_align_end_ins_code   ? 
_struct_ref_seq.pdbx_db_accession             Q892G2 
_struct_ref_seq.db_align_beg                  2 
_struct_ref_seq.pdbx_db_align_beg_ins_code    ? 
_struct_ref_seq.db_align_end                  129 
_struct_ref_seq.pdbx_db_align_end_ins_code    ? 
_struct_ref_seq.pdbx_auth_seq_align_beg       4 
_struct_ref_seq.pdbx_auth_seq_align_end       131 
# 
loop_
_struct_ref_seq_dif.align_id 
_struct_ref_seq_dif.pdbx_pdb_id_code 
_struct_ref_seq_dif.mon_id 
_struct_ref_seq_dif.pdbx_pdb_strand_id 
_struct_ref_seq_dif.seq_num 
_struct_ref_seq_dif.pdbx_pdb_ins_code 
_struct_ref_seq_dif.pdbx_seq_db_name 
_struct_ref_seq_dif.pdbx_seq_db_accession_code 
_struct_ref_seq_dif.db_mon_id 
_struct_ref_seq_dif.pdbx_seq_db_seq_num 
_struct_ref_seq_dif.details 
_struct_ref_seq_dif.pdbx_auth_seq_num 
_struct_ref_seq_dif.pdbx_ordinal 
1 2QYZ MET A 1   ? UNP Q892G2 ? ? 'expression tag' 1   1  
1 2QYZ SER A 2   ? UNP Q892G2 ? ? 'expression tag' 2   2  
1 2QYZ LEU A 3   ? UNP Q892G2 ? ? 'expression tag' 3   3  
1 2QYZ GLU A 132 ? UNP Q892G2 ? ? 'expression tag' 132 4  
1 2QYZ GLY A 133 ? UNP Q892G2 ? ? 'expression tag' 133 5  
1 2QYZ HIS A 134 ? UNP Q892G2 ? ? 'expression tag' 134 6  
1 2QYZ HIS A 135 ? UNP Q892G2 ? ? 'expression tag' 135 7  
1 2QYZ HIS A 136 ? UNP Q892G2 ? ? 'expression tag' 136 8  
1 2QYZ HIS A 137 ? UNP Q892G2 ? ? 'expression tag' 137 9  
1 2QYZ HIS A 138 ? UNP Q892G2 ? ? 'expression tag' 138 10 
1 2QYZ HIS A 139 ? UNP Q892G2 ? ? 'expression tag' 139 11 
# 
_pdbx_struct_assembly.id                   1 
_pdbx_struct_assembly.details              author_and_software_defined_assembly 
_pdbx_struct_assembly.method_details       PISA 
_pdbx_struct_assembly.oligomeric_details   dimeric 
_pdbx_struct_assembly.oligomeric_count     2 
# 
_pdbx_struct_assembly_prop.biol_id   1 
_pdbx_struct_assembly_prop.type      'ABSA (A^2)' 
_pdbx_struct_assembly_prop.value     4150 
_pdbx_struct_assembly_prop.details   ? 
# 
_pdbx_struct_assembly_gen.assembly_id       1 
_pdbx_struct_assembly_gen.oper_expression   1,2 
_pdbx_struct_assembly_gen.asym_id_list      A,B 
# 
loop_
_pdbx_struct_oper_list.id 
_pdbx_struct_oper_list.type 
_pdbx_struct_oper_list.name 
_pdbx_struct_oper_list.symmetry_operation 
_pdbx_struct_oper_list.matrix[1][1] 
_pdbx_struct_oper_list.matrix[1][2] 
_pdbx_struct_oper_list.matrix[1][3] 
_pdbx_struct_oper_list.vector[1] 
_pdbx_struct_oper_list.matrix[2][1] 
_pdbx_struct_oper_list.matrix[2][2] 
_pdbx_struct_oper_list.matrix[2][3] 
_pdbx_struct_oper_list.vector[2] 
_pdbx_struct_oper_list.matrix[3][1] 
_pdbx_struct_oper_list.matrix[3][2] 
_pdbx_struct_oper_list.matrix[3][3] 
_pdbx_struct_oper_list.vector[3] 
1 'identity operation'         1_555 x,y,z         1.0000000000 0.0000000000  0.0000000000 0.0000000000 0.0000000000  1.0000000000  0.0000000000  0.0000000000   0.0000000000 0.0000000000  1.0000000000  0.0000000000   
2 'crystal symmetry operation' 5_555 -x+y,y,-z+1/3 0.6916422179 -0.2267325297 0.6857283736 2.3790087190 -0.2267325297 -0.9696108081 -0.0919088725 -17.7551477316 0.6857283736 -0.0919088725 -0.7220314098 -11.7394896531 
# 
_struct_biol.id        1 
_struct_biol.details   
'disulfide linked dimer is formed around the crystallographic two-fold axis. Asymmetric unit contains one subunit.' 
# 
loop_
_struct_conf.conf_type_id 
_struct_conf.id 
_struct_conf.pdbx_PDB_helix_id 
_struct_conf.beg_label_comp_id 
_struct_conf.beg_label_asym_id 
_struct_conf.beg_label_seq_id 
_struct_conf.pdbx_beg_PDB_ins_code 
_struct_conf.end_label_comp_id 
_struct_conf.end_label_asym_id 
_struct_conf.end_label_seq_id 
_struct_conf.pdbx_end_PDB_ins_code 
_struct_conf.beg_auth_comp_id 
_struct_conf.beg_auth_asym_id 
_struct_conf.beg_auth_seq_id 
_struct_conf.end_auth_comp_id 
_struct_conf.end_auth_asym_id 
_struct_conf.end_auth_seq_id 
_struct_conf.pdbx_PDB_helix_class 
_struct_conf.details 
_struct_conf.pdbx_PDB_helix_length 
HELX_P HELX_P1 1 ASN A 34  ? GLN A 45  ? ASN A 34  GLN A 45  1 ? 12 
HELX_P HELX_P2 2 ASP A 46  ? TYR A 48  ? ASP A 46  TYR A 48  5 ? 3  
HELX_P HELX_P3 3 ASP A 88  ? ALA A 91  ? ASP A 88  ALA A 91  5 ? 4  
HELX_P HELX_P4 4 ASN A 125 ? LEU A 129 ? ASN A 125 LEU A 129 5 ? 5  
# 
_struct_conf_type.id          HELX_P 
_struct_conf_type.criteria    ? 
_struct_conf_type.reference   ? 
# 
_struct_conn.id                            disulf1 
_struct_conn.conn_type_id                  disulf 
_struct_conn.pdbx_leaving_atom_flag        ? 
_struct_conn.pdbx_PDB_id                   ? 
_struct_conn.ptnr1_label_asym_id           A 
_struct_conn.ptnr1_label_comp_id           CYS 
_struct_conn.ptnr1_label_seq_id            92 
_struct_conn.ptnr1_label_atom_id           SG 
_struct_conn.pdbx_ptnr1_label_alt_id       ? 
_struct_conn.pdbx_ptnr1_PDB_ins_code       ? 
_struct_conn.pdbx_ptnr1_standard_comp_id   ? 
_struct_conn.ptnr1_symmetry                1_555 
_struct_conn.ptnr2_label_asym_id           A 
_struct_conn.ptnr2_label_comp_id           CYS 
_struct_conn.ptnr2_label_seq_id            92 
_struct_conn.ptnr2_label_atom_id           SG 
_struct_conn.pdbx_ptnr2_label_alt_id       ? 
_struct_conn.pdbx_ptnr2_PDB_ins_code       ? 
_struct_conn.ptnr1_auth_asym_id            A 
_struct_conn.ptnr1_auth_comp_id            CYS 
_struct_conn.ptnr1_auth_seq_id             92 
_struct_conn.ptnr2_auth_asym_id            A 
_struct_conn.ptnr2_auth_comp_id            CYS 
_struct_conn.ptnr2_auth_seq_id             92 
_struct_conn.ptnr2_symmetry                5_555 
_struct_conn.pdbx_ptnr3_label_atom_id      ? 
_struct_conn.pdbx_ptnr3_label_seq_id       ? 
_struct_conn.pdbx_ptnr3_label_comp_id      ? 
_struct_conn.pdbx_ptnr3_label_asym_id      ? 
_struct_conn.pdbx_ptnr3_label_alt_id       ? 
_struct_conn.pdbx_ptnr3_PDB_ins_code       ? 
_struct_conn.details                       ? 
_struct_conn.pdbx_dist_value               2.592 
_struct_conn.pdbx_value_order              ? 
_struct_conn.pdbx_role                     ? 
# 
_struct_conn_type.id          disulf 
_struct_conn_type.criteria    ? 
_struct_conn_type.reference   ? 
# 
_pdbx_modification_feature.ordinal                            1 
_pdbx_modification_feature.label_comp_id                      CYS 
_pdbx_modification_feature.label_asym_id                      A 
_pdbx_modification_feature.label_seq_id                       92 
_pdbx_modification_feature.label_alt_id                       ? 
_pdbx_modification_feature.modified_residue_label_comp_id     CYS 
_pdbx_modification_feature.modified_residue_label_asym_id     A 
_pdbx_modification_feature.modified_residue_label_seq_id      92 
_pdbx_modification_feature.modified_residue_label_alt_id      ? 
_pdbx_modification_feature.auth_comp_id                       CYS 
_pdbx_modification_feature.auth_asym_id                       A 
_pdbx_modification_feature.auth_seq_id                        92 
_pdbx_modification_feature.PDB_ins_code                       ? 
_pdbx_modification_feature.symmetry                           1_555 
_pdbx_modification_feature.modified_residue_auth_comp_id      CYS 
_pdbx_modification_feature.modified_residue_auth_asym_id      A 
_pdbx_modification_feature.modified_residue_auth_seq_id       92 
_pdbx_modification_feature.modified_residue_PDB_ins_code      ? 
_pdbx_modification_feature.modified_residue_symmetry          5_555 
_pdbx_modification_feature.comp_id_linking_atom               SG 
_pdbx_modification_feature.modified_residue_id_linking_atom   SG 
_pdbx_modification_feature.modified_residue_id                . 
_pdbx_modification_feature.ref_pcm_id                         . 
_pdbx_modification_feature.ref_comp_id                        . 
_pdbx_modification_feature.type                               None 
_pdbx_modification_feature.category                           'Disulfide bridge' 
# 
loop_
_struct_mon_prot_cis.pdbx_id 
_struct_mon_prot_cis.label_comp_id 
_struct_mon_prot_cis.label_seq_id 
_struct_mon_prot_cis.label_asym_id 
_struct_mon_prot_cis.label_alt_id 
_struct_mon_prot_cis.pdbx_PDB_ins_code 
_struct_mon_prot_cis.auth_comp_id 
_struct_mon_prot_cis.auth_seq_id 
_struct_mon_prot_cis.auth_asym_id 
_struct_mon_prot_cis.pdbx_label_comp_id_2 
_struct_mon_prot_cis.pdbx_label_seq_id_2 
_struct_mon_prot_cis.pdbx_label_asym_id_2 
_struct_mon_prot_cis.pdbx_PDB_ins_code_2 
_struct_mon_prot_cis.pdbx_auth_comp_id_2 
_struct_mon_prot_cis.pdbx_auth_seq_id_2 
_struct_mon_prot_cis.pdbx_auth_asym_id_2 
_struct_mon_prot_cis.pdbx_PDB_model_num 
_struct_mon_prot_cis.pdbx_omega_angle 
1 LYS 99  A . ? LYS 99  A GLY 100 A ? GLY 100 A 1 -17.67 
2 SER 104 A . ? SER 104 A PHE 105 A ? PHE 105 A 1 -8.95  
# 
loop_
_struct_sheet.id 
_struct_sheet.type 
_struct_sheet.number_strands 
_struct_sheet.details 
A ? 4 ? 
B ? 4 ? 
# 
loop_
_struct_sheet_order.sheet_id 
_struct_sheet_order.range_id_1 
_struct_sheet_order.range_id_2 
_struct_sheet_order.offset 
_struct_sheet_order.sense 
A 1 2 ? anti-parallel 
A 2 3 ? anti-parallel 
A 3 4 ? anti-parallel 
B 1 2 ? anti-parallel 
B 2 3 ? anti-parallel 
B 3 4 ? anti-parallel 
# 
loop_
_struct_sheet_range.sheet_id 
_struct_sheet_range.id 
_struct_sheet_range.beg_label_comp_id 
_struct_sheet_range.beg_label_asym_id 
_struct_sheet_range.beg_label_seq_id 
_struct_sheet_range.pdbx_beg_PDB_ins_code 
_struct_sheet_range.end_label_comp_id 
_struct_sheet_range.end_label_asym_id 
_struct_sheet_range.end_label_seq_id 
_struct_sheet_range.pdbx_end_PDB_ins_code 
_struct_sheet_range.beg_auth_comp_id 
_struct_sheet_range.beg_auth_asym_id 
_struct_sheet_range.beg_auth_seq_id 
_struct_sheet_range.end_auth_comp_id 
_struct_sheet_range.end_auth_asym_id 
_struct_sheet_range.end_auth_seq_id 
A 1 MET A 18  ? VAL A 20  ? MET A 18  VAL A 20  
A 2 PHE A 9   ? ASP A 13  ? PHE A 9   ASP A 13  
A 3 TYR A 50  ? LYS A 59  ? TYR A 50  LYS A 59  
A 4 GLU A 65  ? TYR A 67  ? GLU A 65  TYR A 67  
B 1 CYS A 92  ? LYS A 99  ? CYS A 92  LYS A 99  
B 2 LEU A 81  ? GLN A 87  ? LEU A 81  GLN A 87  
B 3 ASP A 70  ? LYS A 74  ? ASP A 70  LYS A 74  
B 4 CYS A 116 ? ASN A 121 ? CYS A 116 ASN A 121 
# 
loop_
_pdbx_struct_sheet_hbond.sheet_id 
_pdbx_struct_sheet_hbond.range_id_1 
_pdbx_struct_sheet_hbond.range_id_2 
_pdbx_struct_sheet_hbond.range_1_label_atom_id 
_pdbx_struct_sheet_hbond.range_1_label_comp_id 
_pdbx_struct_sheet_hbond.range_1_label_asym_id 
_pdbx_struct_sheet_hbond.range_1_label_seq_id 
_pdbx_struct_sheet_hbond.range_1_PDB_ins_code 
_pdbx_struct_sheet_hbond.range_1_auth_atom_id 
_pdbx_struct_sheet_hbond.range_1_auth_comp_id 
_pdbx_struct_sheet_hbond.range_1_auth_asym_id 
_pdbx_struct_sheet_hbond.range_1_auth_seq_id 
_pdbx_struct_sheet_hbond.range_2_label_atom_id 
_pdbx_struct_sheet_hbond.range_2_label_comp_id 
_pdbx_struct_sheet_hbond.range_2_label_asym_id 
_pdbx_struct_sheet_hbond.range_2_label_seq_id 
_pdbx_struct_sheet_hbond.range_2_PDB_ins_code 
_pdbx_struct_sheet_hbond.range_2_auth_atom_id 
_pdbx_struct_sheet_hbond.range_2_auth_comp_id 
_pdbx_struct_sheet_hbond.range_2_auth_asym_id 
_pdbx_struct_sheet_hbond.range_2_auth_seq_id 
A 1 2 O MET A 18 ? O MET A 18 N ASP A 13  ? N ASP A 13  
A 2 3 N ARG A 10 ? N ARG A 10 O MET A 53  ? O MET A 53  
A 3 4 N LEU A 58 ? N LEU A 58 O ILE A 66  ? O ILE A 66  
B 1 2 O ILE A 98 ? O ILE A 98 N LEU A 81  ? N LEU A 81  
B 2 3 O ILE A 84 ? O ILE A 84 N ASP A 70  ? N ASP A 70  
B 3 4 N ILE A 71 ? N ILE A 71 O ILE A 119 ? O ILE A 119 
# 
_pdbx_entry_details.entry_id                   2QYZ 
_pdbx_entry_details.compound_details           ? 
_pdbx_entry_details.source_details             ? 
_pdbx_entry_details.nonpolymer_details         ? 
_pdbx_entry_details.sequence_details           ? 
_pdbx_entry_details.has_ligand_of_interest     ? 
_pdbx_entry_details.has_protein_modification   Y 
# 
_pdbx_validate_rmsd_angle.id                         1 
_pdbx_validate_rmsd_angle.PDB_model_num              1 
_pdbx_validate_rmsd_angle.auth_atom_id_1             CB 
_pdbx_validate_rmsd_angle.auth_asym_id_1             A 
_pdbx_validate_rmsd_angle.auth_comp_id_1             ASP 
_pdbx_validate_rmsd_angle.auth_seq_id_1              60 
_pdbx_validate_rmsd_angle.PDB_ins_code_1             ? 
_pdbx_validate_rmsd_angle.label_alt_id_1             ? 
_pdbx_validate_rmsd_angle.auth_atom_id_2             CG 
_pdbx_validate_rmsd_angle.auth_asym_id_2             A 
_pdbx_validate_rmsd_angle.auth_comp_id_2             ASP 
_pdbx_validate_rmsd_angle.auth_seq_id_2              60 
_pdbx_validate_rmsd_angle.PDB_ins_code_2             ? 
_pdbx_validate_rmsd_angle.label_alt_id_2             ? 
_pdbx_validate_rmsd_angle.auth_atom_id_3             OD1 
_pdbx_validate_rmsd_angle.auth_asym_id_3             A 
_pdbx_validate_rmsd_angle.auth_comp_id_3             ASP 
_pdbx_validate_rmsd_angle.auth_seq_id_3              60 
_pdbx_validate_rmsd_angle.PDB_ins_code_3             ? 
_pdbx_validate_rmsd_angle.label_alt_id_3             ? 
_pdbx_validate_rmsd_angle.angle_value                123.71 
_pdbx_validate_rmsd_angle.angle_target_value         118.30 
_pdbx_validate_rmsd_angle.angle_deviation            5.41 
_pdbx_validate_rmsd_angle.angle_standard_deviation   0.90 
_pdbx_validate_rmsd_angle.linker_flag                N 
# 
loop_
_pdbx_validate_torsion.id 
_pdbx_validate_torsion.PDB_model_num 
_pdbx_validate_torsion.auth_comp_id 
_pdbx_validate_torsion.auth_asym_id 
_pdbx_validate_torsion.auth_seq_id 
_pdbx_validate_torsion.PDB_ins_code 
_pdbx_validate_torsion.label_alt_id 
_pdbx_validate_torsion.phi 
_pdbx_validate_torsion.psi 
1 1 THR A 22  ? ? -124.07 -93.09  
2 1 ASN A 32  ? ? -105.93 55.94   
3 1 SER A 75  ? ? -61.51  61.75   
4 1 ARG A 77  ? ? 81.18   5.21    
5 1 ASP A 101 ? ? -52.86  107.92  
6 1 SER A 104 ? ? -77.01  -151.98 
7 1 PRO A 106 ? ? -33.84  -176.35 
# 
_pdbx_SG_project.id                    1 
_pdbx_SG_project.project_name          'PSI, Protein Structure Initiative' 
_pdbx_SG_project.full_name_of_center   'New York SGX Research Center for Structural Genomics' 
_pdbx_SG_project.initial_of_center     NYSGXRC 
# 
_diffrn_reflns.diffrn_id                   1 
_diffrn_reflns.pdbx_d_res_high             2.040 
_diffrn_reflns.pdbx_d_res_low              50.000 
_diffrn_reflns.pdbx_number_obs             16582 
_diffrn_reflns.pdbx_Rmerge_I_obs           0.035 
_diffrn_reflns.pdbx_Rsym_value             ? 
_diffrn_reflns.pdbx_chi_squared            1.14 
_diffrn_reflns.av_sigmaI_over_netI         18.30 
_diffrn_reflns.pdbx_redundancy             4.90 
_diffrn_reflns.pdbx_percent_possible_obs   89.30 
_diffrn_reflns.number                      81550 
_diffrn_reflns.pdbx_observed_criterion     ? 
_diffrn_reflns.limit_h_max                 ? 
_diffrn_reflns.limit_h_min                 ? 
_diffrn_reflns.limit_k_max                 ? 
_diffrn_reflns.limit_k_min                 ? 
_diffrn_reflns.limit_l_max                 ? 
_diffrn_reflns.limit_l_min                 ? 
# 
loop_
_pdbx_diffrn_reflns_shell.diffrn_id 
_pdbx_diffrn_reflns_shell.d_res_high 
_pdbx_diffrn_reflns_shell.d_res_low 
_pdbx_diffrn_reflns_shell.number_obs 
_pdbx_diffrn_reflns_shell.rejects 
_pdbx_diffrn_reflns_shell.Rmerge_I_obs 
_pdbx_diffrn_reflns_shell.Rsym_value 
_pdbx_diffrn_reflns_shell.chi_squared 
_pdbx_diffrn_reflns_shell.redundancy 
_pdbx_diffrn_reflns_shell.percent_possible_obs 
1 4.39 50.00 ? ? 0.024 ? 1.784 5.30 96.30  
1 3.49 4.39  ? ? 0.036 ? 2.088 5.30 96.60  
1 3.05 3.49  ? ? 0.036 ? 1.244 5.70 100.00 
1 2.77 3.05  ? ? 0.048 ? 0.992 5.70 100.00 
1 2.57 2.77  ? ? 0.063 ? 0.809 5.70 99.90  
1 2.42 2.57  ? ? 0.090 ? 0.681 5.50 100.00 
1 2.30 2.42  ? ? 0.109 ? 0.618 4.70 98.90  
1 2.20 2.30  ? ? 0.196 ? 1.369 3.50 89.30  
1 2.11 2.20  ? ? 0.172 ? 0.523 3.00 71.60  
1 2.04 2.11  ? ? 0.183 ? 0.509 2.60 39.60  
# 
_pdbx_refine_tls.id               1 
_pdbx_refine_tls.details          ? 
_pdbx_refine_tls.method           refined 
_pdbx_refine_tls.origin_x         0.4155 
_pdbx_refine_tls.origin_y         0.0106 
_pdbx_refine_tls.origin_z         0.2904 
_pdbx_refine_tls.T[1][1]          -0.0410 
_pdbx_refine_tls.T[2][2]          -0.0707 
_pdbx_refine_tls.T[3][3]          -0.1006 
_pdbx_refine_tls.T[1][2]          0.0509 
_pdbx_refine_tls.T[1][3]          -0.1139 
_pdbx_refine_tls.T[2][3]          0.0097 
_pdbx_refine_tls.L[1][1]          2.1429 
_pdbx_refine_tls.L[2][2]          4.6048 
_pdbx_refine_tls.L[3][3]          1.3034 
_pdbx_refine_tls.L[1][2]          -1.1730 
_pdbx_refine_tls.L[1][3]          -0.4282 
_pdbx_refine_tls.L[2][3]          0.8778 
_pdbx_refine_tls.S[1][1]          -0.1868 
_pdbx_refine_tls.S[2][2]          0.0837 
_pdbx_refine_tls.S[3][3]          0.1030 
_pdbx_refine_tls.S[1][2]          -0.0107 
_pdbx_refine_tls.S[1][3]          0.0882 
_pdbx_refine_tls.S[2][3]          0.0914 
_pdbx_refine_tls.S[2][1]          0.2225 
_pdbx_refine_tls.S[3][1]          -0.2682 
_pdbx_refine_tls.S[3][2]          0.0785 
_pdbx_refine_tls.pdbx_refine_id   'X-RAY DIFFRACTION' 
# 
_pdbx_refine_tls_group.id                  1 
_pdbx_refine_tls_group.refine_tls_id       1 
_pdbx_refine_tls_group.beg_auth_asym_id    A 
_pdbx_refine_tls_group.beg_auth_seq_id     4 
_pdbx_refine_tls_group.beg_label_asym_id   A 
_pdbx_refine_tls_group.beg_label_seq_id    4 
_pdbx_refine_tls_group.end_auth_asym_id    A 
_pdbx_refine_tls_group.end_auth_seq_id     130 
_pdbx_refine_tls_group.end_label_asym_id   A 
_pdbx_refine_tls_group.end_label_seq_id    130 
_pdbx_refine_tls_group.selection           ? 
_pdbx_refine_tls_group.pdbx_refine_id      'X-RAY DIFFRACTION' 
_pdbx_refine_tls_group.selection_details   ? 
# 
_pdbx_database_remark.id     300 
_pdbx_database_remark.text   
;
BIOMOLECULE: 1
SEE REMARK 350 FOR THE AUTHOR PROVIDED AND PROGRAM
GENERATED ASSEMBLY INFORMATION FOR THE STRUCTURE IN
THIS ENTRY. THE REMARK MAY ALSO PROVIDE INFORMATION ON
BURIED SURFACE AREA.
THE DIMER IS DISULFIDE-LINKED THROUGH CYS-92.
;
# 
loop_
_pdbx_unobs_or_zero_occ_residues.id 
_pdbx_unobs_or_zero_occ_residues.PDB_model_num 
_pdbx_unobs_or_zero_occ_residues.polymer_flag 
_pdbx_unobs_or_zero_occ_residues.occupancy_flag 
_pdbx_unobs_or_zero_occ_residues.auth_asym_id 
_pdbx_unobs_or_zero_occ_residues.auth_comp_id 
_pdbx_unobs_or_zero_occ_residues.auth_seq_id 
_pdbx_unobs_or_zero_occ_residues.PDB_ins_code 
_pdbx_unobs_or_zero_occ_residues.label_asym_id 
_pdbx_unobs_or_zero_occ_residues.label_comp_id 
_pdbx_unobs_or_zero_occ_residues.label_seq_id 
1  1 Y 1 A MET 1   ? A MET 1   
2  1 Y 1 A SER 2   ? A SER 2   
3  1 Y 1 A LEU 3   ? A LEU 3   
4  1 Y 1 A GLU 131 ? A GLU 131 
5  1 Y 1 A GLU 132 ? A GLU 132 
6  1 Y 1 A GLY 133 ? A GLY 133 
7  1 Y 1 A HIS 134 ? A HIS 134 
8  1 Y 1 A HIS 135 ? A HIS 135 
9  1 Y 1 A HIS 136 ? A HIS 136 
10 1 Y 1 A HIS 137 ? A HIS 137 
11 1 Y 1 A HIS 138 ? A HIS 138 
12 1 Y 1 A HIS 139 ? A HIS 139 
# 
loop_
_chem_comp_atom.comp_id 
_chem_comp_atom.atom_id 
_chem_comp_atom.type_symbol 
_chem_comp_atom.pdbx_aromatic_flag 
_chem_comp_atom.pdbx_stereo_config 
_chem_comp_atom.pdbx_ordinal 
ALA N    N N N 1   
ALA CA   C N S 2   
ALA C    C N N 3   
ALA O    O N N 4   
ALA CB   C N N 5   
ALA OXT  O N N 6   
ALA H    H N N 7   
ALA H2   H N N 8   
ALA HA   H N N 9   
ALA HB1  H N N 10  
ALA HB2  H N N 11  
ALA HB3  H N N 12  
ALA HXT  H N N 13  
ARG N    N N N 14  
ARG CA   C N S 15  
ARG C    C N N 16  
ARG O    O N N 17  
ARG CB   C N N 18  
ARG CG   C N N 19  
ARG CD   C N N 20  
ARG NE   N N N 21  
ARG CZ   C N N 22  
ARG NH1  N N N 23  
ARG NH2  N N N 24  
ARG OXT  O N N 25  
ARG H    H N N 26  
ARG H2   H N N 27  
ARG HA   H N N 28  
ARG HB2  H N N 29  
ARG HB3  H N N 30  
ARG HG2  H N N 31  
ARG HG3  H N N 32  
ARG HD2  H N N 33  
ARG HD3  H N N 34  
ARG HE   H N N 35  
ARG HH11 H N N 36  
ARG HH12 H N N 37  
ARG HH21 H N N 38  
ARG HH22 H N N 39  
ARG HXT  H N N 40  
ASN N    N N N 41  
ASN CA   C N S 42  
ASN C    C N N 43  
ASN O    O N N 44  
ASN CB   C N N 45  
ASN CG   C N N 46  
ASN OD1  O N N 47  
ASN ND2  N N N 48  
ASN OXT  O N N 49  
ASN H    H N N 50  
ASN H2   H N N 51  
ASN HA   H N N 52  
ASN HB2  H N N 53  
ASN HB3  H N N 54  
ASN HD21 H N N 55  
ASN HD22 H N N 56  
ASN HXT  H N N 57  
ASP N    N N N 58  
ASP CA   C N S 59  
ASP C    C N N 60  
ASP O    O N N 61  
ASP CB   C N N 62  
ASP CG   C N N 63  
ASP OD1  O N N 64  
ASP OD2  O N N 65  
ASP OXT  O N N 66  
ASP H    H N N 67  
ASP H2   H N N 68  
ASP HA   H N N 69  
ASP HB2  H N N 70  
ASP HB3  H N N 71  
ASP HD2  H N N 72  
ASP HXT  H N N 73  
CYS N    N N N 74  
CYS CA   C N R 75  
CYS C    C N N 76  
CYS O    O N N 77  
CYS CB   C N N 78  
CYS SG   S N N 79  
CYS OXT  O N N 80  
CYS H    H N N 81  
CYS H2   H N N 82  
CYS HA   H N N 83  
CYS HB2  H N N 84  
CYS HB3  H N N 85  
CYS HG   H N N 86  
CYS HXT  H N N 87  
GLN N    N N N 88  
GLN CA   C N S 89  
GLN C    C N N 90  
GLN O    O N N 91  
GLN CB   C N N 92  
GLN CG   C N N 93  
GLN CD   C N N 94  
GLN OE1  O N N 95  
GLN NE2  N N N 96  
GLN OXT  O N N 97  
GLN H    H N N 98  
GLN H2   H N N 99  
GLN HA   H N N 100 
GLN HB2  H N N 101 
GLN HB3  H N N 102 
GLN HG2  H N N 103 
GLN HG3  H N N 104 
GLN HE21 H N N 105 
GLN HE22 H N N 106 
GLN HXT  H N N 107 
GLU N    N N N 108 
GLU CA   C N S 109 
GLU C    C N N 110 
GLU O    O N N 111 
GLU CB   C N N 112 
GLU CG   C N N 113 
GLU CD   C N N 114 
GLU OE1  O N N 115 
GLU OE2  O N N 116 
GLU OXT  O N N 117 
GLU H    H N N 118 
GLU H2   H N N 119 
GLU HA   H N N 120 
GLU HB2  H N N 121 
GLU HB3  H N N 122 
GLU HG2  H N N 123 
GLU HG3  H N N 124 
GLU HE2  H N N 125 
GLU HXT  H N N 126 
GLY N    N N N 127 
GLY CA   C N N 128 
GLY C    C N N 129 
GLY O    O N N 130 
GLY OXT  O N N 131 
GLY H    H N N 132 
GLY H2   H N N 133 
GLY HA2  H N N 134 
GLY HA3  H N N 135 
GLY HXT  H N N 136 
HIS N    N N N 137 
HIS CA   C N S 138 
HIS C    C N N 139 
HIS O    O N N 140 
HIS CB   C N N 141 
HIS CG   C Y N 142 
HIS ND1  N Y N 143 
HIS CD2  C Y N 144 
HIS CE1  C Y N 145 
HIS NE2  N Y N 146 
HIS OXT  O N N 147 
HIS H    H N N 148 
HIS H2   H N N 149 
HIS HA   H N N 150 
HIS HB2  H N N 151 
HIS HB3  H N N 152 
HIS HD1  H N N 153 
HIS HD2  H N N 154 
HIS HE1  H N N 155 
HIS HE2  H N N 156 
HIS HXT  H N N 157 
HOH O    O N N 158 
HOH H1   H N N 159 
HOH H2   H N N 160 
ILE N    N N N 161 
ILE CA   C N S 162 
ILE C    C N N 163 
ILE O    O N N 164 
ILE CB   C N S 165 
ILE CG1  C N N 166 
ILE CG2  C N N 167 
ILE CD1  C N N 168 
ILE OXT  O N N 169 
ILE H    H N N 170 
ILE H2   H N N 171 
ILE HA   H N N 172 
ILE HB   H N N 173 
ILE HG12 H N N 174 
ILE HG13 H N N 175 
ILE HG21 H N N 176 
ILE HG22 H N N 177 
ILE HG23 H N N 178 
ILE HD11 H N N 179 
ILE HD12 H N N 180 
ILE HD13 H N N 181 
ILE HXT  H N N 182 
LEU N    N N N 183 
LEU CA   C N S 184 
LEU C    C N N 185 
LEU O    O N N 186 
LEU CB   C N N 187 
LEU CG   C N N 188 
LEU CD1  C N N 189 
LEU CD2  C N N 190 
LEU OXT  O N N 191 
LEU H    H N N 192 
LEU H2   H N N 193 
LEU HA   H N N 194 
LEU HB2  H N N 195 
LEU HB3  H N N 196 
LEU HG   H N N 197 
LEU HD11 H N N 198 
LEU HD12 H N N 199 
LEU HD13 H N N 200 
LEU HD21 H N N 201 
LEU HD22 H N N 202 
LEU HD23 H N N 203 
LEU HXT  H N N 204 
LYS N    N N N 205 
LYS CA   C N S 206 
LYS C    C N N 207 
LYS O    O N N 208 
LYS CB   C N N 209 
LYS CG   C N N 210 
LYS CD   C N N 211 
LYS CE   C N N 212 
LYS NZ   N N N 213 
LYS OXT  O N N 214 
LYS H    H N N 215 
LYS H2   H N N 216 
LYS HA   H N N 217 
LYS HB2  H N N 218 
LYS HB3  H N N 219 
LYS HG2  H N N 220 
LYS HG3  H N N 221 
LYS HD2  H N N 222 
LYS HD3  H N N 223 
LYS HE2  H N N 224 
LYS HE3  H N N 225 
LYS HZ1  H N N 226 
LYS HZ2  H N N 227 
LYS HZ3  H N N 228 
LYS HXT  H N N 229 
MET N    N N N 230 
MET CA   C N S 231 
MET C    C N N 232 
MET O    O N N 233 
MET CB   C N N 234 
MET CG   C N N 235 
MET SD   S N N 236 
MET CE   C N N 237 
MET OXT  O N N 238 
MET H    H N N 239 
MET H2   H N N 240 
MET HA   H N N 241 
MET HB2  H N N 242 
MET HB3  H N N 243 
MET HG2  H N N 244 
MET HG3  H N N 245 
MET HE1  H N N 246 
MET HE2  H N N 247 
MET HE3  H N N 248 
MET HXT  H N N 249 
PHE N    N N N 250 
PHE CA   C N S 251 
PHE C    C N N 252 
PHE O    O N N 253 
PHE CB   C N N 254 
PHE CG   C Y N 255 
PHE CD1  C Y N 256 
PHE CD2  C Y N 257 
PHE CE1  C Y N 258 
PHE CE2  C Y N 259 
PHE CZ   C Y N 260 
PHE OXT  O N N 261 
PHE H    H N N 262 
PHE H2   H N N 263 
PHE HA   H N N 264 
PHE HB2  H N N 265 
PHE HB3  H N N 266 
PHE HD1  H N N 267 
PHE HD2  H N N 268 
PHE HE1  H N N 269 
PHE HE2  H N N 270 
PHE HZ   H N N 271 
PHE HXT  H N N 272 
PRO N    N N N 273 
PRO CA   C N S 274 
PRO C    C N N 275 
PRO O    O N N 276 
PRO CB   C N N 277 
PRO CG   C N N 278 
PRO CD   C N N 279 
PRO OXT  O N N 280 
PRO H    H N N 281 
PRO HA   H N N 282 
PRO HB2  H N N 283 
PRO HB3  H N N 284 
PRO HG2  H N N 285 
PRO HG3  H N N 286 
PRO HD2  H N N 287 
PRO HD3  H N N 288 
PRO HXT  H N N 289 
SER N    N N N 290 
SER CA   C N S 291 
SER C    C N N 292 
SER O    O N N 293 
SER CB   C N N 294 
SER OG   O N N 295 
SER OXT  O N N 296 
SER H    H N N 297 
SER H2   H N N 298 
SER HA   H N N 299 
SER HB2  H N N 300 
SER HB3  H N N 301 
SER HG   H N N 302 
SER HXT  H N N 303 
THR N    N N N 304 
THR CA   C N S 305 
THR C    C N N 306 
THR O    O N N 307 
THR CB   C N R 308 
THR OG1  O N N 309 
THR CG2  C N N 310 
THR OXT  O N N 311 
THR H    H N N 312 
THR H2   H N N 313 
THR HA   H N N 314 
THR HB   H N N 315 
THR HG1  H N N 316 
THR HG21 H N N 317 
THR HG22 H N N 318 
THR HG23 H N N 319 
THR HXT  H N N 320 
TRP N    N N N 321 
TRP CA   C N S 322 
TRP C    C N N 323 
TRP O    O N N 324 
TRP CB   C N N 325 
TRP CG   C Y N 326 
TRP CD1  C Y N 327 
TRP CD2  C Y N 328 
TRP NE1  N Y N 329 
TRP CE2  C Y N 330 
TRP CE3  C Y N 331 
TRP CZ2  C Y N 332 
TRP CZ3  C Y N 333 
TRP CH2  C Y N 334 
TRP OXT  O N N 335 
TRP H    H N N 336 
TRP H2   H N N 337 
TRP HA   H N N 338 
TRP HB2  H N N 339 
TRP HB3  H N N 340 
TRP HD1  H N N 341 
TRP HE1  H N N 342 
TRP HE3  H N N 343 
TRP HZ2  H N N 344 
TRP HZ3  H N N 345 
TRP HH2  H N N 346 
TRP HXT  H N N 347 
TYR N    N N N 348 
TYR CA   C N S 349 
TYR C    C N N 350 
TYR O    O N N 351 
TYR CB   C N N 352 
TYR CG   C Y N 353 
TYR CD1  C Y N 354 
TYR CD2  C Y N 355 
TYR CE1  C Y N 356 
TYR CE2  C Y N 357 
TYR CZ   C Y N 358 
TYR OH   O N N 359 
TYR OXT  O N N 360 
TYR H    H N N 361 
TYR H2   H N N 362 
TYR HA   H N N 363 
TYR HB2  H N N 364 
TYR HB3  H N N 365 
TYR HD1  H N N 366 
TYR HD2  H N N 367 
TYR HE1  H N N 368 
TYR HE2  H N N 369 
TYR HH   H N N 370 
TYR HXT  H N N 371 
VAL N    N N N 372 
VAL CA   C N S 373 
VAL C    C N N 374 
VAL O    O N N 375 
VAL CB   C N N 376 
VAL CG1  C N N 377 
VAL CG2  C N N 378 
VAL OXT  O N N 379 
VAL H    H N N 380 
VAL H2   H N N 381 
VAL HA   H N N 382 
VAL HB   H N N 383 
VAL HG11 H N N 384 
VAL HG12 H N N 385 
VAL HG13 H N N 386 
VAL HG21 H N N 387 
VAL HG22 H N N 388 
VAL HG23 H N N 389 
VAL HXT  H N N 390 
# 
loop_
_chem_comp_bond.comp_id 
_chem_comp_bond.atom_id_1 
_chem_comp_bond.atom_id_2 
_chem_comp_bond.value_order 
_chem_comp_bond.pdbx_aromatic_flag 
_chem_comp_bond.pdbx_stereo_config 
_chem_comp_bond.pdbx_ordinal 
ALA N   CA   sing N N 1   
ALA N   H    sing N N 2   
ALA N   H2   sing N N 3   
ALA CA  C    sing N N 4   
ALA CA  CB   sing N N 5   
ALA CA  HA   sing N N 6   
ALA C   O    doub N N 7   
ALA C   OXT  sing N N 8   
ALA CB  HB1  sing N N 9   
ALA CB  HB2  sing N N 10  
ALA CB  HB3  sing N N 11  
ALA OXT HXT  sing N N 12  
ARG N   CA   sing N N 13  
ARG N   H    sing N N 14  
ARG N   H2   sing N N 15  
ARG CA  C    sing N N 16  
ARG CA  CB   sing N N 17  
ARG CA  HA   sing N N 18  
ARG C   O    doub N N 19  
ARG C   OXT  sing N N 20  
ARG CB  CG   sing N N 21  
ARG CB  HB2  sing N N 22  
ARG CB  HB3  sing N N 23  
ARG CG  CD   sing N N 24  
ARG CG  HG2  sing N N 25  
ARG CG  HG3  sing N N 26  
ARG CD  NE   sing N N 27  
ARG CD  HD2  sing N N 28  
ARG CD  HD3  sing N N 29  
ARG NE  CZ   sing N N 30  
ARG NE  HE   sing N N 31  
ARG CZ  NH1  sing N N 32  
ARG CZ  NH2  doub N N 33  
ARG NH1 HH11 sing N N 34  
ARG NH1 HH12 sing N N 35  
ARG NH2 HH21 sing N N 36  
ARG NH2 HH22 sing N N 37  
ARG OXT HXT  sing N N 38  
ASN N   CA   sing N N 39  
ASN N   H    sing N N 40  
ASN N   H2   sing N N 41  
ASN CA  C    sing N N 42  
ASN CA  CB   sing N N 43  
ASN CA  HA   sing N N 44  
ASN C   O    doub N N 45  
ASN C   OXT  sing N N 46  
ASN CB  CG   sing N N 47  
ASN CB  HB2  sing N N 48  
ASN CB  HB3  sing N N 49  
ASN CG  OD1  doub N N 50  
ASN CG  ND2  sing N N 51  
ASN ND2 HD21 sing N N 52  
ASN ND2 HD22 sing N N 53  
ASN OXT HXT  sing N N 54  
ASP N   CA   sing N N 55  
ASP N   H    sing N N 56  
ASP N   H2   sing N N 57  
ASP CA  C    sing N N 58  
ASP CA  CB   sing N N 59  
ASP CA  HA   sing N N 60  
ASP C   O    doub N N 61  
ASP C   OXT  sing N N 62  
ASP CB  CG   sing N N 63  
ASP CB  HB2  sing N N 64  
ASP CB  HB3  sing N N 65  
ASP CG  OD1  doub N N 66  
ASP CG  OD2  sing N N 67  
ASP OD2 HD2  sing N N 68  
ASP OXT HXT  sing N N 69  
CYS N   CA   sing N N 70  
CYS N   H    sing N N 71  
CYS N   H2   sing N N 72  
CYS CA  C    sing N N 73  
CYS CA  CB   sing N N 74  
CYS CA  HA   sing N N 75  
CYS C   O    doub N N 76  
CYS C   OXT  sing N N 77  
CYS CB  SG   sing N N 78  
CYS CB  HB2  sing N N 79  
CYS CB  HB3  sing N N 80  
CYS SG  HG   sing N N 81  
CYS OXT HXT  sing N N 82  
GLN N   CA   sing N N 83  
GLN N   H    sing N N 84  
GLN N   H2   sing N N 85  
GLN CA  C    sing N N 86  
GLN CA  CB   sing N N 87  
GLN CA  HA   sing N N 88  
GLN C   O    doub N N 89  
GLN C   OXT  sing N N 90  
GLN CB  CG   sing N N 91  
GLN CB  HB2  sing N N 92  
GLN CB  HB3  sing N N 93  
GLN CG  CD   sing N N 94  
GLN CG  HG2  sing N N 95  
GLN CG  HG3  sing N N 96  
GLN CD  OE1  doub N N 97  
GLN CD  NE2  sing N N 98  
GLN NE2 HE21 sing N N 99  
GLN NE2 HE22 sing N N 100 
GLN OXT HXT  sing N N 101 
GLU N   CA   sing N N 102 
GLU N   H    sing N N 103 
GLU N   H2   sing N N 104 
GLU CA  C    sing N N 105 
GLU CA  CB   sing N N 106 
GLU CA  HA   sing N N 107 
GLU C   O    doub N N 108 
GLU C   OXT  sing N N 109 
GLU CB  CG   sing N N 110 
GLU CB  HB2  sing N N 111 
GLU CB  HB3  sing N N 112 
GLU CG  CD   sing N N 113 
GLU CG  HG2  sing N N 114 
GLU CG  HG3  sing N N 115 
GLU CD  OE1  doub N N 116 
GLU CD  OE2  sing N N 117 
GLU OE2 HE2  sing N N 118 
GLU OXT HXT  sing N N 119 
GLY N   CA   sing N N 120 
GLY N   H    sing N N 121 
GLY N   H2   sing N N 122 
GLY CA  C    sing N N 123 
GLY CA  HA2  sing N N 124 
GLY CA  HA3  sing N N 125 
GLY C   O    doub N N 126 
GLY C   OXT  sing N N 127 
GLY OXT HXT  sing N N 128 
HIS N   CA   sing N N 129 
HIS N   H    sing N N 130 
HIS N   H2   sing N N 131 
HIS CA  C    sing N N 132 
HIS CA  CB   sing N N 133 
HIS CA  HA   sing N N 134 
HIS C   O    doub N N 135 
HIS C   OXT  sing N N 136 
HIS CB  CG   sing N N 137 
HIS CB  HB2  sing N N 138 
HIS CB  HB3  sing N N 139 
HIS CG  ND1  sing Y N 140 
HIS CG  CD2  doub Y N 141 
HIS ND1 CE1  doub Y N 142 
HIS ND1 HD1  sing N N 143 
HIS CD2 NE2  sing Y N 144 
HIS CD2 HD2  sing N N 145 
HIS CE1 NE2  sing Y N 146 
HIS CE1 HE1  sing N N 147 
HIS NE2 HE2  sing N N 148 
HIS OXT HXT  sing N N 149 
HOH O   H1   sing N N 150 
HOH O   H2   sing N N 151 
ILE N   CA   sing N N 152 
ILE N   H    sing N N 153 
ILE N   H2   sing N N 154 
ILE CA  C    sing N N 155 
ILE CA  CB   sing N N 156 
ILE CA  HA   sing N N 157 
ILE C   O    doub N N 158 
ILE C   OXT  sing N N 159 
ILE CB  CG1  sing N N 160 
ILE CB  CG2  sing N N 161 
ILE CB  HB   sing N N 162 
ILE CG1 CD1  sing N N 163 
ILE CG1 HG12 sing N N 164 
ILE CG1 HG13 sing N N 165 
ILE CG2 HG21 sing N N 166 
ILE CG2 HG22 sing N N 167 
ILE CG2 HG23 sing N N 168 
ILE CD1 HD11 sing N N 169 
ILE CD1 HD12 sing N N 170 
ILE CD1 HD13 sing N N 171 
ILE OXT HXT  sing N N 172 
LEU N   CA   sing N N 173 
LEU N   H    sing N N 174 
LEU N   H2   sing N N 175 
LEU CA  C    sing N N 176 
LEU CA  CB   sing N N 177 
LEU CA  HA   sing N N 178 
LEU C   O    doub N N 179 
LEU C   OXT  sing N N 180 
LEU CB  CG   sing N N 181 
LEU CB  HB2  sing N N 182 
LEU CB  HB3  sing N N 183 
LEU CG  CD1  sing N N 184 
LEU CG  CD2  sing N N 185 
LEU CG  HG   sing N N 186 
LEU CD1 HD11 sing N N 187 
LEU CD1 HD12 sing N N 188 
LEU CD1 HD13 sing N N 189 
LEU CD2 HD21 sing N N 190 
LEU CD2 HD22 sing N N 191 
LEU CD2 HD23 sing N N 192 
LEU OXT HXT  sing N N 193 
LYS N   CA   sing N N 194 
LYS N   H    sing N N 195 
LYS N   H2   sing N N 196 
LYS CA  C    sing N N 197 
LYS CA  CB   sing N N 198 
LYS CA  HA   sing N N 199 
LYS C   O    doub N N 200 
LYS C   OXT  sing N N 201 
LYS CB  CG   sing N N 202 
LYS CB  HB2  sing N N 203 
LYS CB  HB3  sing N N 204 
LYS CG  CD   sing N N 205 
LYS CG  HG2  sing N N 206 
LYS CG  HG3  sing N N 207 
LYS CD  CE   sing N N 208 
LYS CD  HD2  sing N N 209 
LYS CD  HD3  sing N N 210 
LYS CE  NZ   sing N N 211 
LYS CE  HE2  sing N N 212 
LYS CE  HE3  sing N N 213 
LYS NZ  HZ1  sing N N 214 
LYS NZ  HZ2  sing N N 215 
LYS NZ  HZ3  sing N N 216 
LYS OXT HXT  sing N N 217 
MET N   CA   sing N N 218 
MET N   H    sing N N 219 
MET N   H2   sing N N 220 
MET CA  C    sing N N 221 
MET CA  CB   sing N N 222 
MET CA  HA   sing N N 223 
MET C   O    doub N N 224 
MET C   OXT  sing N N 225 
MET CB  CG   sing N N 226 
MET CB  HB2  sing N N 227 
MET CB  HB3  sing N N 228 
MET CG  SD   sing N N 229 
MET CG  HG2  sing N N 230 
MET CG  HG3  sing N N 231 
MET SD  CE   sing N N 232 
MET CE  HE1  sing N N 233 
MET CE  HE2  sing N N 234 
MET CE  HE3  sing N N 235 
MET OXT HXT  sing N N 236 
PHE N   CA   sing N N 237 
PHE N   H    sing N N 238 
PHE N   H2   sing N N 239 
PHE CA  C    sing N N 240 
PHE CA  CB   sing N N 241 
PHE CA  HA   sing N N 242 
PHE C   O    doub N N 243 
PHE C   OXT  sing N N 244 
PHE CB  CG   sing N N 245 
PHE CB  HB2  sing N N 246 
PHE CB  HB3  sing N N 247 
PHE CG  CD1  doub Y N 248 
PHE CG  CD2  sing Y N 249 
PHE CD1 CE1  sing Y N 250 
PHE CD1 HD1  sing N N 251 
PHE CD2 CE2  doub Y N 252 
PHE CD2 HD2  sing N N 253 
PHE CE1 CZ   doub Y N 254 
PHE CE1 HE1  sing N N 255 
PHE CE2 CZ   sing Y N 256 
PHE CE2 HE2  sing N N 257 
PHE CZ  HZ   sing N N 258 
PHE OXT HXT  sing N N 259 
PRO N   CA   sing N N 260 
PRO N   CD   sing N N 261 
PRO N   H    sing N N 262 
PRO CA  C    sing N N 263 
PRO CA  CB   sing N N 264 
PRO CA  HA   sing N N 265 
PRO C   O    doub N N 266 
PRO C   OXT  sing N N 267 
PRO CB  CG   sing N N 268 
PRO CB  HB2  sing N N 269 
PRO CB  HB3  sing N N 270 
PRO CG  CD   sing N N 271 
PRO CG  HG2  sing N N 272 
PRO CG  HG3  sing N N 273 
PRO CD  HD2  sing N N 274 
PRO CD  HD3  sing N N 275 
PRO OXT HXT  sing N N 276 
SER N   CA   sing N N 277 
SER N   H    sing N N 278 
SER N   H2   sing N N 279 
SER CA  C    sing N N 280 
SER CA  CB   sing N N 281 
SER CA  HA   sing N N 282 
SER C   O    doub N N 283 
SER C   OXT  sing N N 284 
SER CB  OG   sing N N 285 
SER CB  HB2  sing N N 286 
SER CB  HB3  sing N N 287 
SER OG  HG   sing N N 288 
SER OXT HXT  sing N N 289 
THR N   CA   sing N N 290 
THR N   H    sing N N 291 
THR N   H2   sing N N 292 
THR CA  C    sing N N 293 
THR CA  CB   sing N N 294 
THR CA  HA   sing N N 295 
THR C   O    doub N N 296 
THR C   OXT  sing N N 297 
THR CB  OG1  sing N N 298 
THR CB  CG2  sing N N 299 
THR CB  HB   sing N N 300 
THR OG1 HG1  sing N N 301 
THR CG2 HG21 sing N N 302 
THR CG2 HG22 sing N N 303 
THR CG2 HG23 sing N N 304 
THR OXT HXT  sing N N 305 
TRP N   CA   sing N N 306 
TRP N   H    sing N N 307 
TRP N   H2   sing N N 308 
TRP CA  C    sing N N 309 
TRP CA  CB   sing N N 310 
TRP CA  HA   sing N N 311 
TRP C   O    doub N N 312 
TRP C   OXT  sing N N 313 
TRP CB  CG   sing N N 314 
TRP CB  HB2  sing N N 315 
TRP CB  HB3  sing N N 316 
TRP CG  CD1  doub Y N 317 
TRP CG  CD2  sing Y N 318 
TRP CD1 NE1  sing Y N 319 
TRP CD1 HD1  sing N N 320 
TRP CD2 CE2  doub Y N 321 
TRP CD2 CE3  sing Y N 322 
TRP NE1 CE2  sing Y N 323 
TRP NE1 HE1  sing N N 324 
TRP CE2 CZ2  sing Y N 325 
TRP CE3 CZ3  doub Y N 326 
TRP CE3 HE3  sing N N 327 
TRP CZ2 CH2  doub Y N 328 
TRP CZ2 HZ2  sing N N 329 
TRP CZ3 CH2  sing Y N 330 
TRP CZ3 HZ3  sing N N 331 
TRP CH2 HH2  sing N N 332 
TRP OXT HXT  sing N N 333 
TYR N   CA   sing N N 334 
TYR N   H    sing N N 335 
TYR N   H2   sing N N 336 
TYR CA  C    sing N N 337 
TYR CA  CB   sing N N 338 
TYR CA  HA   sing N N 339 
TYR C   O    doub N N 340 
TYR C   OXT  sing N N 341 
TYR CB  CG   sing N N 342 
TYR CB  HB2  sing N N 343 
TYR CB  HB3  sing N N 344 
TYR CG  CD1  doub Y N 345 
TYR CG  CD2  sing Y N 346 
TYR CD1 CE1  sing Y N 347 
TYR CD1 HD1  sing N N 348 
TYR CD2 CE2  doub Y N 349 
TYR CD2 HD2  sing N N 350 
TYR CE1 CZ   doub Y N 351 
TYR CE1 HE1  sing N N 352 
TYR CE2 CZ   sing Y N 353 
TYR CE2 HE2  sing N N 354 
TYR CZ  OH   sing N N 355 
TYR OH  HH   sing N N 356 
TYR OXT HXT  sing N N 357 
VAL N   CA   sing N N 358 
VAL N   H    sing N N 359 
VAL N   H2   sing N N 360 
VAL CA  C    sing N N 361 
VAL CA  CB   sing N N 362 
VAL CA  HA   sing N N 363 
VAL C   O    doub N N 364 
VAL C   OXT  sing N N 365 
VAL CB  CG1  sing N N 366 
VAL CB  CG2  sing N N 367 
VAL CB  HB   sing N N 368 
VAL CG1 HG11 sing N N 369 
VAL CG1 HG12 sing N N 370 
VAL CG1 HG13 sing N N 371 
VAL CG2 HG21 sing N N 372 
VAL CG2 HG22 sing N N 373 
VAL CG2 HG23 sing N N 374 
VAL OXT HXT  sing N N 375 
# 
_atom_sites.entry_id                    2QYZ 
_atom_sites.fract_transf_matrix[1][1]   0.00359823 
_atom_sites.fract_transf_matrix[1][2]   -0.01341827 
_atom_sites.fract_transf_matrix[1][3]   0.02472798 
_atom_sites.fract_transf_matrix[2][1]   0.02608504 
_atom_sites.fract_transf_matrix[2][2]   -0.00349620 
_atom_sites.fract_transf_matrix[2][3]   0.01057390 
_atom_sites.fract_transf_matrix[3][1]   -0.00050753 
_atom_sites.fract_transf_matrix[3][2]   0.00555770 
_atom_sites.fract_transf_matrix[3][3]   0.00308966 
_atom_sites.fract_transf_vector[1]      0.089413 
_atom_sites.fract_transf_vector[2]      0.135331 
_atom_sites.fract_transf_vector[3]      0.234733 
# 
loop_
_atom_type.symbol 
C 
N 
O 
S 
# 
loop_
_atom_site.group_PDB 
_atom_site.id 
_atom_site.type_symbol 
_atom_site.label_atom_id 
_atom_site.label_alt_id 
_atom_site.label_comp_id 
_atom_site.label_asym_id 
_atom_site.label_entity_id 
_atom_site.label_seq_id 
_atom_site.pdbx_PDB_ins_code 
_atom_site.Cartn_x 
_atom_site.Cartn_y 
_atom_site.Cartn_z 
_atom_site.occupancy 
_atom_site.B_iso_or_equiv 
_atom_site.pdbx_formal_charge 
_atom_site.auth_seq_id 
_atom_site.auth_comp_id 
_atom_site.auth_asym_id 
_atom_site.auth_atom_id 
_atom_site.pdbx_PDB_model_num 
ATOM   1    N N   . ASN A 1 4   ? 8.742   -7.864  -16.455 1.00 78.19  ? 4   ASN A N   1 
ATOM   2    C CA  . ASN A 1 4   ? 8.754   -6.430  -16.908 1.00 78.53  ? 4   ASN A CA  1 
ATOM   3    C C   . ASN A 1 4   ? 7.812   -5.456  -16.127 1.00 78.06  ? 4   ASN A C   1 
ATOM   4    O O   . ASN A 1 4   ? 8.106   -4.238  -16.075 1.00 78.46  ? 4   ASN A O   1 
ATOM   5    C CB  . ASN A 1 4   ? 8.538   -6.328  -18.430 1.00 80.46  ? 4   ASN A CB  1 
ATOM   6    C CG  . ASN A 1 4   ? 7.160   -6.825  -18.858 1.00 107.80 ? 4   ASN A CG  1 
ATOM   7    O OD1 . ASN A 1 4   ? 6.664   -7.836  -18.343 1.00 88.70  ? 4   ASN A OD1 1 
ATOM   8    N ND2 . ASN A 1 4   ? 6.531   -6.112  -19.805 1.00 88.44  ? 4   ASN A ND2 1 
ATOM   9    N N   . ARG A 1 5   ? 6.698   -5.970  -15.549 1.00 75.35  ? 5   ARG A N   1 
ATOM   10   C CA  . ARG A 1 5   ? 5.912   -5.247  -14.513 1.00 70.84  ? 5   ARG A CA  1 
ATOM   11   C C   . ARG A 1 5   ? 6.803   -5.039  -13.271 1.00 64.93  ? 5   ARG A C   1 
ATOM   12   O O   . ARG A 1 5   ? 7.614   -5.909  -12.908 1.00 61.21  ? 5   ARG A O   1 
ATOM   13   C CB  . ARG A 1 5   ? 4.580   -5.958  -14.175 1.00 70.16  ? 5   ARG A CB  1 
ATOM   14   C CG  . ARG A 1 5   ? 4.690   -7.240  -13.314 1.00 61.40  ? 5   ARG A CG  1 
ATOM   15   C CD  . ARG A 1 5   ? 3.355   -7.621  -12.631 1.00 71.02  ? 5   ARG A CD  1 
ATOM   16   N NE  . ARG A 1 5   ? 3.382   -8.786  -11.710 1.00 61.02  ? 5   ARG A NE  1 
ATOM   17   C CZ  . ARG A 1 5   ? 3.113   -8.750  -10.386 1.00 74.33  ? 5   ARG A CZ  1 
ATOM   18   N NH1 . ARG A 1 5   ? 3.145   -9.857  -9.645  1.00 51.63  ? 5   ARG A NH1 1 
ATOM   19   N NH2 . ARG A 1 5   ? 2.821   -7.611  -9.772  1.00 56.25  ? 5   ARG A NH2 1 
ATOM   20   N N   . GLU A 1 6   ? 6.708   -3.859  -12.666 1.00 62.86  ? 6   GLU A N   1 
ATOM   21   C CA  . GLU A 1 6   ? 7.476   -3.574  -11.458 1.00 60.58  ? 6   GLU A CA  1 
ATOM   22   C C   . GLU A 1 6   ? 6.879   -4.339  -10.292 1.00 57.59  ? 6   GLU A C   1 
ATOM   23   O O   . GLU A 1 6   ? 5.688   -4.154  -9.938  1.00 56.74  ? 6   GLU A O   1 
ATOM   24   C CB  . GLU A 1 6   ? 7.381   -2.107  -11.087 1.00 62.59  ? 6   GLU A CB  1 
ATOM   25   C CG  . GLU A 1 6   ? 7.952   -1.085  -12.017 1.00 79.79  ? 6   GLU A CG  1 
ATOM   26   C CD  . GLU A 1 6   ? 8.372   0.141   -11.214 1.00 73.45  ? 6   GLU A CD  1 
ATOM   27   O OE1 . GLU A 1 6   ? 9.344   0.011   -10.428 1.00 80.62  ? 6   GLU A OE1 1 
ATOM   28   O OE2 . GLU A 1 6   ? 7.719   1.213   -11.335 1.00 80.56  ? 6   GLU A OE2 1 
ATOM   29   N N   . VAL A 1 7   ? 7.696   -5.177  -9.661  1.00 54.53  ? 7   VAL A N   1 
ATOM   30   C CA  . VAL A 1 7   ? 7.263   -5.823  -8.452  1.00 50.63  ? 7   VAL A CA  1 
ATOM   31   C C   . VAL A 1 7   ? 8.016   -5.265  -7.200  1.00 49.25  ? 7   VAL A C   1 
ATOM   32   O O   . VAL A 1 7   ? 9.251   -5.489  -6.986  1.00 48.10  ? 7   VAL A O   1 
ATOM   33   C CB  . VAL A 1 7   ? 7.398   -7.340  -8.572  1.00 50.12  ? 7   VAL A CB  1 
ATOM   34   C CG1 . VAL A 1 7   ? 6.842   -7.979  -7.314  1.00 45.86  ? 7   VAL A CG1 1 
ATOM   35   C CG2 . VAL A 1 7   ? 6.664   -7.831  -9.823  1.00 49.23  ? 7   VAL A CG2 1 
ATOM   36   N N   . LYS A 1 8   ? 7.305   -4.527  -6.359  1.00 46.62  ? 8   LYS A N   1 
ATOM   37   C CA  . LYS A 1 8   ? 8.032   -3.974  -5.208  1.00 47.72  ? 8   LYS A CA  1 
ATOM   38   C C   . LYS A 1 8   ? 7.140   -3.620  -4.038  1.00 45.34  ? 8   LYS A C   1 
ATOM   39   O O   . LYS A 1 8   ? 5.911   -3.530  -4.161  1.00 43.81  ? 8   LYS A O   1 
ATOM   40   C CB  . LYS A 1 8   ? 8.906   -2.745  -5.606  1.00 47.77  ? 8   LYS A CB  1 
ATOM   41   C CG  . LYS A 1 8   ? 8.076   -1.542  -5.966  1.00 38.54  ? 8   LYS A CG  1 
ATOM   42   C CD  . LYS A 1 8   ? 8.843   -0.623  -6.838  1.00 53.84  ? 8   LYS A CD  1 
ATOM   43   C CE  . LYS A 1 8   ? 8.018   0.571   -7.047  1.00 45.01  ? 8   LYS A CE  1 
ATOM   44   N NZ  . LYS A 1 8   ? 8.831   1.780   -7.300  1.00 55.62  ? 8   LYS A NZ  1 
ATOM   45   N N   . PHE A 1 9   ? 7.820   -3.420  -2.913  1.00 45.10  ? 9   PHE A N   1 
ATOM   46   C CA  . PHE A 1 9   ? 7.204   -3.299  -1.625  1.00 43.61  ? 9   PHE A CA  1 
ATOM   47   C C   . PHE A 1 9   ? 7.726   -2.092  -0.893  1.00 42.17  ? 9   PHE A C   1 
ATOM   48   O O   . PHE A 1 9   ? 8.848   -1.662  -1.088  1.00 39.33  ? 9   PHE A O   1 
ATOM   49   C CB  . PHE A 1 9   ? 7.522   -4.551  -0.826  1.00 42.71  ? 9   PHE A CB  1 
ATOM   50   C CG  . PHE A 1 9   ? 6.888   -5.805  -1.418  1.00 44.38  ? 9   PHE A CG  1 
ATOM   51   C CD1 . PHE A 1 9   ? 5.649   -6.240  -0.968  1.00 40.11  ? 9   PHE A CD1 1 
ATOM   52   C CD2 . PHE A 1 9   ? 7.519   -6.505  -2.477  1.00 42.65  ? 9   PHE A CD2 1 
ATOM   53   C CE1 . PHE A 1 9   ? 5.023   -7.380  -1.549  1.00 39.60  ? 9   PHE A CE1 1 
ATOM   54   C CE2 . PHE A 1 9   ? 6.920   -7.665  -3.076  1.00 35.60  ? 9   PHE A CE2 1 
ATOM   55   C CZ  . PHE A 1 9   ? 5.660   -8.100  -2.597  1.00 45.08  ? 9   PHE A CZ  1 
ATOM   56   N N   . ARG A 1 10  ? 6.892   -1.570  -0.017  1.00 44.90  ? 10  ARG A N   1 
ATOM   57   C CA  . ARG A 1 10  ? 7.385   -0.691  1.060   1.00 43.97  ? 10  ARG A CA  1 
ATOM   58   C C   . ARG A 1 10  ? 7.123   -1.429  2.366   1.00 43.25  ? 10  ARG A C   1 
ATOM   59   O O   . ARG A 1 10  ? 6.396   -2.416  2.356   1.00 43.54  ? 10  ARG A O   1 
ATOM   60   C CB  . ARG A 1 10  ? 6.718   0.685   0.997   1.00 42.92  ? 10  ARG A CB  1 
ATOM   61   C CG  . ARG A 1 10  ? 5.259   0.635   1.365   1.00 43.96  ? 10  ARG A CG  1 
ATOM   62   C CD  . ARG A 1 10  ? 4.631   1.999   1.398   1.00 47.52  ? 10  ARG A CD  1 
ATOM   63   N NE  . ARG A 1 10  ? 3.203   1.872   1.720   1.00 41.07  ? 10  ARG A NE  1 
ATOM   64   C CZ  . ARG A 1 10  ? 2.288   2.810   1.515   1.00 42.76  ? 10  ARG A CZ  1 
ATOM   65   N NH1 . ARG A 1 10  ? 2.609   3.987   0.984   1.00 38.96  ? 10  ARG A NH1 1 
ATOM   66   N NH2 . ARG A 1 10  ? 1.033   2.549   1.808   1.00 38.18  ? 10  ARG A NH2 1 
ATOM   67   N N   . ALA A 1 11  ? 7.767   -1.008  3.469   1.00 44.18  ? 11  ALA A N   1 
ATOM   68   C CA  . ALA A 1 11  ? 7.577   -1.646  4.787   1.00 43.23  ? 11  ALA A CA  1 
ATOM   69   C C   . ALA A 1 11  ? 7.346   -0.614  5.891   1.00 42.38  ? 11  ALA A C   1 
ATOM   70   O O   . ALA A 1 11  ? 8.062   0.407   5.986   1.00 41.77  ? 11  ALA A O   1 
ATOM   71   C CB  . ALA A 1 11  ? 8.794   -2.555  5.192   1.00 42.06  ? 11  ALA A CB  1 
ATOM   72   N N   . TRP A 1 12  ? 6.396   -0.920  6.780   1.00 40.49  ? 12  TRP A N   1 
ATOM   73   C CA  . TRP A 1 12  ? 6.192   -0.091  7.968   1.00 38.25  ? 12  TRP A CA  1 
ATOM   74   C C   . TRP A 1 12  ? 6.918   -0.811  9.083   1.00 38.79  ? 12  TRP A C   1 
ATOM   75   O O   . TRP A 1 12  ? 6.550   -1.959  9.406   1.00 37.80  ? 12  TRP A O   1 
ATOM   76   C CB  . TRP A 1 12  ? 4.707   -0.038  8.316   1.00 38.97  ? 12  TRP A CB  1 
ATOM   77   C CG  . TRP A 1 12  ? 4.428   0.640   9.611   1.00 50.66  ? 12  TRP A CG  1 
ATOM   78   C CD1 . TRP A 1 12  ? 3.987   0.054   10.787  1.00 48.74  ? 12  TRP A CD1 1 
ATOM   79   C CD2 . TRP A 1 12  ? 4.625   2.024   9.902   1.00 45.69  ? 12  TRP A CD2 1 
ATOM   80   N NE1 . TRP A 1 12  ? 3.891   1.006   11.773  1.00 48.99  ? 12  TRP A NE1 1 
ATOM   81   C CE2 . TRP A 1 12  ? 4.258   2.223   11.253  1.00 47.78  ? 12  TRP A CE2 1 
ATOM   82   C CE3 . TRP A 1 12  ? 5.077   3.117   9.149   1.00 41.20  ? 12  TRP A CE3 1 
ATOM   83   C CZ2 . TRP A 1 12  ? 4.302   3.467   11.853  1.00 41.49  ? 12  TRP A CZ2 1 
ATOM   84   C CZ3 . TRP A 1 12  ? 5.145   4.335   9.756   1.00 42.67  ? 12  TRP A CZ3 1 
ATOM   85   C CH2 . TRP A 1 12  ? 4.760   4.508   11.090  1.00 43.91  ? 12  TRP A CH2 1 
ATOM   86   N N   . ASP A 1 13  ? 7.942   -0.172  9.655   1.00 39.87  ? 13  ASP A N   1 
ATOM   87   C CA  . ASP A 1 13  ? 8.658   -0.742  10.818  1.00 41.67  ? 13  ASP A CA  1 
ATOM   88   C C   . ASP A 1 13  ? 7.872   -0.421  12.110  1.00 43.10  ? 13  ASP A C   1 
ATOM   89   O O   . ASP A 1 13  ? 7.814   0.727   12.540  1.00 40.53  ? 13  ASP A O   1 
ATOM   90   C CB  . ASP A 1 13  ? 10.113  -0.214  10.868  1.00 41.39  ? 13  ASP A CB  1 
ATOM   91   C CG  . ASP A 1 13  ? 10.925  -0.795  12.023  1.00 43.87  ? 13  ASP A CG  1 
ATOM   92   O OD1 . ASP A 1 13  ? 10.377  -1.577  12.856  1.00 47.08  ? 13  ASP A OD1 1 
ATOM   93   O OD2 . ASP A 1 13  ? 12.146  -0.475  12.111  1.00 41.04  ? 13  ASP A OD2 1 
ATOM   94   N N   . LYS A 1 14  ? 7.269   -1.446  12.724  1.00 46.76  ? 14  LYS A N   1 
ATOM   95   C CA  . LYS A 1 14  ? 6.400   -1.251  13.883  1.00 48.40  ? 14  LYS A CA  1 
ATOM   96   C C   . LYS A 1 14  ? 7.180   -0.904  15.138  1.00 49.85  ? 14  LYS A C   1 
ATOM   97   O O   . LYS A 1 14  ? 6.589   -0.468  16.129  1.00 49.93  ? 14  LYS A O   1 
ATOM   98   C CB  . LYS A 1 14  ? 5.623   -2.535  14.170  1.00 49.00  ? 14  LYS A CB  1 
ATOM   99   C CG  . LYS A 1 14  ? 4.330   -2.670  13.391  1.00 62.10  ? 14  LYS A CG  1 
ATOM   100  C CD  . LYS A 1 14  ? 3.593   -3.956  13.759  1.00 51.57  ? 14  LYS A CD  1 
ATOM   101  C CE  . LYS A 1 14  ? 4.217   -5.150  13.107  1.00 50.56  ? 14  LYS A CE  1 
ATOM   102  N NZ  . LYS A 1 14  ? 3.995   -6.349  13.897  1.00 55.90  ? 14  LYS A NZ  1 
ATOM   103  N N   . GLU A 1 15  ? 8.495   -1.132  15.102  1.00 49.90  ? 15  GLU A N   1 
ATOM   104  C CA  . GLU A 1 15  ? 9.385   -0.901  16.262  1.00 47.33  ? 15  GLU A CA  1 
ATOM   105  C C   . GLU A 1 15  ? 9.809   0.536   16.280  1.00 46.64  ? 15  GLU A C   1 
ATOM   106  O O   . GLU A 1 15  ? 9.860   1.122   17.321  1.00 46.80  ? 15  GLU A O   1 
ATOM   107  C CB  . GLU A 1 15  ? 10.610  -1.762  16.168  1.00 46.29  ? 15  GLU A CB  1 
ATOM   108  C CG  . GLU A 1 15  ? 10.287  -3.184  15.765  1.00 60.05  ? 15  GLU A CG  1 
ATOM   109  C CD  . GLU A 1 15  ? 10.441  -4.166  16.902  1.00 61.24  ? 15  GLU A CD  1 
ATOM   110  O OE1 . GLU A 1 15  ? 10.599  -3.704  18.072  1.00 68.18  ? 15  GLU A OE1 1 
ATOM   111  O OE2 . GLU A 1 15  ? 10.428  -5.401  16.623  1.00 65.30  ? 15  GLU A OE2 1 
ATOM   112  N N   . LEU A 1 16  ? 10.065  1.113   15.110  1.00 47.27  ? 16  LEU A N   1 
ATOM   113  C CA  . LEU A 1 16  ? 10.599  2.466   15.014  1.00 47.61  ? 16  LEU A CA  1 
ATOM   114  C C   . LEU A 1 16  ? 9.569   3.453   14.450  1.00 47.59  ? 16  LEU A C   1 
ATOM   115  O O   . LEU A 1 16  ? 9.810   4.667   14.387  1.00 46.13  ? 16  LEU A O   1 
ATOM   116  C CB  . LEU A 1 16  ? 11.901  2.457   14.190  1.00 48.34  ? 16  LEU A CB  1 
ATOM   117  C CG  . LEU A 1 16  ? 13.094  1.682   14.813  1.00 40.95  ? 16  LEU A CG  1 
ATOM   118  C CD1 . LEU A 1 16  ? 14.266  1.554   13.837  1.00 48.77  ? 16  LEU A CD1 1 
ATOM   119  C CD2 . LEU A 1 16  ? 13.537  2.230   16.168  1.00 48.70  ? 16  LEU A CD2 1 
ATOM   120  N N   . ASN A 1 17  ? 8.402   2.928   14.076  1.00 48.84  ? 17  ASN A N   1 
ATOM   121  C CA  . ASN A 1 17  ? 7.323   3.741   13.520  1.00 49.58  ? 17  ASN A CA  1 
ATOM   122  C C   . ASN A 1 17  ? 7.834   4.548   12.341  1.00 48.83  ? 17  ASN A C   1 
ATOM   123  O O   . ASN A 1 17  ? 7.950   5.767   12.405  1.00 47.49  ? 17  ASN A O   1 
ATOM   124  C CB  . ASN A 1 17  ? 6.750   4.628   14.624  1.00 51.11  ? 17  ASN A CB  1 
ATOM   125  C CG  . ASN A 1 17  ? 6.074   3.818   15.710  1.00 68.89  ? 17  ASN A CG  1 
ATOM   126  O OD1 . ASN A 1 17  ? 5.410   2.816   15.440  1.00 58.75  ? 17  ASN A OD1 1 
ATOM   127  N ND2 . ASN A 1 17  ? 6.250   4.233   16.941  1.00 55.33  ? 17  ASN A ND2 1 
ATOM   128  N N   . MET A 1 18  ? 8.189   3.843   11.273  1.00 50.53  ? 18  MET A N   1 
ATOM   129  C CA  . MET A 1 18  ? 8.864   4.450   10.140  1.00 53.30  ? 18  MET A CA  1 
ATOM   130  C C   . MET A 1 18  ? 8.541   3.614   8.925   1.00 52.67  ? 18  MET A C   1 
ATOM   131  O O   . MET A 1 18  ? 8.505   2.374   9.012   1.00 52.97  ? 18  MET A O   1 
ATOM   132  C CB  . MET A 1 18  ? 10.349  4.415   10.384  1.00 51.60  ? 18  MET A CB  1 
ATOM   133  C CG  . MET A 1 18  ? 11.203  5.181   9.451   1.00 51.03  ? 18  MET A CG  1 
ATOM   134  S SD  . MET A 1 18  ? 12.867  5.065   10.160  1.00 59.91  ? 18  MET A SD  1 
ATOM   135  C CE  . MET A 1 18  ? 13.262  6.826   10.059  1.00 63.37  ? 18  MET A CE  1 
ATOM   136  N N   . MET A 1 19  ? 8.313   4.285   7.795   1.00 50.22  ? 19  MET A N   1 
ATOM   137  C CA  . MET A 1 19  ? 8.027   3.591   6.556   1.00 47.83  ? 19  MET A CA  1 
ATOM   138  C C   . MET A 1 19  ? 9.328   3.528   5.793   1.00 47.44  ? 19  MET A C   1 
ATOM   139  O O   . MET A 1 19  ? 10.056  4.508   5.742   1.00 48.90  ? 19  MET A O   1 
ATOM   140  C CB  . MET A 1 19  ? 6.940   4.301   5.752   1.00 47.06  ? 19  MET A CB  1 
ATOM   141  C CG  . MET A 1 19  ? 6.364   3.462   4.581   1.00 35.02  ? 19  MET A CG  1 
ATOM   142  S SD  . MET A 1 19  ? 5.276   2.181   5.061   1.00 34.74  ? 19  MET A SD  1 
ATOM   143  C CE  . MET A 1 19  ? 3.723   3.084   5.101   1.00 38.07  ? 19  MET A CE  1 
ATOM   144  N N   . VAL A 1 20  ? 9.653   2.349   5.276   1.00 45.87  ? 20  VAL A N   1 
ATOM   145  C CA  . VAL A 1 20  ? 10.882  2.128   4.528   1.00 47.31  ? 20  VAL A CA  1 
ATOM   146  C C   . VAL A 1 20  ? 10.509  1.739   3.093   1.00 48.00  ? 20  VAL A C   1 
ATOM   147  O O   . VAL A 1 20  ? 9.654   0.850   2.885   1.00 49.06  ? 20  VAL A O   1 
ATOM   148  C CB  . VAL A 1 20  ? 11.766  0.986   5.175   1.00 47.35  ? 20  VAL A CB  1 
ATOM   149  C CG1 . VAL A 1 20  ? 13.047  0.773   4.385   1.00 48.58  ? 20  VAL A CG1 1 
ATOM   150  C CG2 . VAL A 1 20  ? 12.062  1.273   6.631   1.00 40.74  ? 20  VAL A CG2 1 
ATOM   151  N N   . TYR A 1 21  ? 11.118  2.444   2.134   1.00 48.36  ? 21  TYR A N   1 
ATOM   152  C CA  . TYR A 1 21  ? 10.964  2.247   0.667   1.00 48.51  ? 21  TYR A CA  1 
ATOM   153  C C   . TYR A 1 21  ? 12.325  1.834   0.099   1.00 50.08  ? 21  TYR A C   1 
ATOM   154  O O   . TYR A 1 21  ? 12.438  0.830   -0.588  1.00 49.86  ? 21  TYR A O   1 
ATOM   155  C CB  . TYR A 1 21  ? 10.543  3.542   -0.040  1.00 46.95  ? 21  TYR A CB  1 
ATOM   156  C CG  . TYR A 1 21  ? 9.159   4.031   0.299   1.00 49.62  ? 21  TYR A CG  1 
ATOM   157  C CD1 . TYR A 1 21  ? 8.078   3.731   -0.571  1.00 41.73  ? 21  TYR A CD1 1 
ATOM   158  C CD2 . TYR A 1 21  ? 8.903   4.798   1.478   1.00 44.16  ? 21  TYR A CD2 1 
ATOM   159  C CE1 . TYR A 1 21  ? 6.780   4.159   -0.307  1.00 46.47  ? 21  TYR A CE1 1 
ATOM   160  C CE2 . TYR A 1 21  ? 7.542   5.245   1.769   1.00 48.51  ? 21  TYR A CE2 1 
ATOM   161  C CZ  . TYR A 1 21  ? 6.510   4.912   0.844   1.00 44.46  ? 21  TYR A CZ  1 
ATOM   162  O OH  . TYR A 1 21  ? 5.197   5.278   1.026   1.00 46.08  ? 21  TYR A OH  1 
ATOM   163  N N   . THR A 1 22  ? 13.356  2.640   0.369   1.00 51.37  ? 22  THR A N   1 
ATOM   164  C CA  . THR A 1 22  ? 14.743  2.337   -0.049  1.00 51.20  ? 22  THR A CA  1 
ATOM   165  C C   . THR A 1 22  ? 15.706  2.328   1.165   1.00 47.99  ? 22  THR A C   1 
ATOM   166  O O   . THR A 1 22  ? 15.832  1.297   1.870   1.00 44.55  ? 22  THR A O   1 
ATOM   167  C CB  . THR A 1 22  ? 15.249  3.272   -1.222  1.00 52.52  ? 22  THR A CB  1 
ATOM   168  O OG1 . THR A 1 22  ? 15.175  4.637   -0.815  1.00 51.07  ? 22  THR A OG1 1 
ATOM   169  C CG2 . THR A 1 22  ? 14.379  3.095   -2.458  1.00 50.93  ? 22  THR A CG2 1 
ATOM   170  N N   . LYS A 1 23  ? 16.324  3.475   1.425   1.00 47.40  ? 23  LYS A N   1 
ATOM   171  C CA  . LYS A 1 23  ? 17.424  3.538   2.397   1.00 50.12  ? 23  LYS A CA  1 
ATOM   172  C C   . LYS A 1 23  ? 17.124  4.266   3.714   1.00 49.63  ? 23  LYS A C   1 
ATOM   173  O O   . LYS A 1 23  ? 18.024  4.552   4.488   1.00 48.75  ? 23  LYS A O   1 
ATOM   174  C CB  . LYS A 1 23  ? 18.705  4.098   1.750   1.00 50.92  ? 23  LYS A CB  1 
ATOM   175  C CG  . LYS A 1 23  ? 18.923  3.683   0.289   1.00 69.38  ? 23  LYS A CG  1 
ATOM   176  C CD  . LYS A 1 23  ? 19.748  2.413   0.142   1.00 59.03  ? 23  LYS A CD  1 
ATOM   177  C CE  . LYS A 1 23  ? 19.887  2.076   -1.323  1.00 66.68  ? 23  LYS A CE  1 
ATOM   178  N NZ  . LYS A 1 23  ? 20.497  0.757   -1.462  1.00 53.63  ? 23  LYS A NZ  1 
ATOM   179  N N   . GLU A 1 24  ? 15.852  4.532   3.970   1.00 50.98  ? 24  GLU A N   1 
ATOM   180  C CA  . GLU A 1 24  ? 15.413  5.124   5.235   1.00 52.22  ? 24  GLU A CA  1 
ATOM   181  C C   . GLU A 1 24  ? 16.097  4.421   6.405   1.00 54.65  ? 24  GLU A C   1 
ATOM   182  O O   . GLU A 1 24  ? 16.340  5.015   7.457   1.00 54.97  ? 24  GLU A O   1 
ATOM   183  C CB  . GLU A 1 24  ? 13.879  5.026   5.373   1.00 51.68  ? 24  GLU A CB  1 
ATOM   184  C CG  . GLU A 1 24  ? 13.075  5.886   4.373   1.00 56.28  ? 24  GLU A CG  1 
ATOM   185  C CD  . GLU A 1 24  ? 13.021  5.286   2.948   1.00 52.12  ? 24  GLU A CD  1 
ATOM   186  O OE1 . GLU A 1 24  ? 13.431  4.137   2.753   1.00 60.87  ? 24  GLU A OE1 1 
ATOM   187  O OE2 . GLU A 1 24  ? 12.561  5.944   2.001   1.00 61.70  ? 24  GLU A OE2 1 
ATOM   188  N N   . GLN A 1 25  ? 16.411  3.142   6.202   1.00 55.87  ? 25  GLN A N   1 
ATOM   189  C CA  . GLN A 1 25  ? 16.952  2.282   7.238   1.00 55.30  ? 25  GLN A CA  1 
ATOM   190  C C   . GLN A 1 25  ? 18.042  1.471   6.647   1.00 57.32  ? 25  GLN A C   1 
ATOM   191  O O   . GLN A 1 25  ? 18.044  1.139   5.462   1.00 57.64  ? 25  GLN A O   1 
ATOM   192  C CB  . GLN A 1 25  ? 15.912  1.318   7.793   1.00 54.04  ? 25  GLN A CB  1 
ATOM   193  C CG  . GLN A 1 25  ? 15.028  1.924   8.844   1.00 55.49  ? 25  GLN A CG  1 
ATOM   194  C CD  . GLN A 1 25  ? 14.268  0.880   9.653   1.00 62.44  ? 25  GLN A CD  1 
ATOM   195  O OE1 . GLN A 1 25  ? 14.416  -0.338  9.440   1.00 56.64  ? 25  GLN A OE1 1 
ATOM   196  N NE2 . GLN A 1 25  ? 13.471  1.357   10.622  1.00 60.38  ? 25  GLN A NE2 1 
ATOM   197  N N   . THR A 1 26  ? 18.947  1.099   7.529   1.00 58.55  ? 26  THR A N   1 
ATOM   198  C CA  . THR A 1 26  ? 20.191  0.515   7.169   1.00 58.66  ? 26  THR A CA  1 
ATOM   199  C C   . THR A 1 26  ? 20.005  -0.955  7.476   1.00 58.10  ? 26  THR A C   1 
ATOM   200  O O   . THR A 1 26  ? 18.995  -1.361  8.039   1.00 56.13  ? 26  THR A O   1 
ATOM   201  C CB  . THR A 1 26  ? 21.299  1.231   8.001   1.00 59.38  ? 26  THR A CB  1 
ATOM   202  O OG1 . THR A 1 26  ? 22.497  1.375   7.232   1.00 76.19  ? 26  THR A OG1 1 
ATOM   203  C CG2 . THR A 1 26  ? 21.550  0.545   9.350   1.00 78.56  ? 26  THR A CG2 1 
ATOM   204  N N   . GLY A 1 27  ? 20.959  -1.776  7.093   1.00 60.16  ? 27  GLY A N   1 
ATOM   205  C CA  . GLY A 1 27  ? 20.864  -3.162  7.491   1.00 61.68  ? 27  GLY A CA  1 
ATOM   206  C C   . GLY A 1 27  ? 21.954  -4.027  6.915   1.00 62.24  ? 27  GLY A C   1 
ATOM   207  O O   . GLY A 1 27  ? 22.869  -3.545  6.241   1.00 61.66  ? 27  GLY A O   1 
ATOM   208  N N   . HIS A 1 28  ? 21.832  -5.316  7.201   1.00 63.17  ? 28  HIS A N   1 
ATOM   209  C CA  . HIS A 1 28  ? 22.693  -6.325  6.657   1.00 65.53  ? 28  HIS A CA  1 
ATOM   210  C C   . HIS A 1 28  ? 21.926  -7.633  6.690   1.00 66.53  ? 28  HIS A C   1 
ATOM   211  O O   . HIS A 1 28  ? 21.648  -8.165  7.770   1.00 67.16  ? 28  HIS A O   1 
ATOM   212  C CB  . HIS A 1 28  ? 24.005  -6.442  7.477   1.00 66.94  ? 28  HIS A CB  1 
ATOM   213  C CG  . HIS A 1 28  ? 24.751  -7.708  7.214   1.00 74.38  ? 28  HIS A CG  1 
ATOM   214  N ND1 . HIS A 1 28  ? 25.535  -7.886  6.093   1.00 70.46  ? 28  HIS A ND1 1 
ATOM   215  C CD2 . HIS A 1 28  ? 24.786  -8.880  7.893   1.00 72.31  ? 28  HIS A CD2 1 
ATOM   216  C CE1 . HIS A 1 28  ? 26.049  -9.105  6.112   1.00 76.10  ? 28  HIS A CE1 1 
ATOM   217  N NE2 . HIS A 1 28  ? 25.614  -9.727  7.194   1.00 75.41  ? 28  HIS A NE2 1 
ATOM   218  N N   . ILE A 1 29  ? 21.583  -8.149  5.514   1.00 67.09  ? 29  ILE A N   1 
ATOM   219  C CA  . ILE A 1 29  ? 20.828  -9.397  5.408   1.00 67.87  ? 29  ILE A CA  1 
ATOM   220  C C   . ILE A 1 29  ? 21.750  -10.549 4.971   1.00 68.34  ? 29  ILE A C   1 
ATOM   221  O O   . ILE A 1 29  ? 22.611  -10.377 4.093   1.00 69.48  ? 29  ILE A O   1 
ATOM   222  C CB  . ILE A 1 29  ? 19.611  -9.231  4.431   1.00 68.25  ? 29  ILE A CB  1 
ATOM   223  C CG1 . ILE A 1 29  ? 18.624  -8.155  4.949   1.00 67.31  ? 29  ILE A CG1 1 
ATOM   224  C CG2 . ILE A 1 29  ? 18.932  -10.596 4.116   1.00 65.65  ? 29  ILE A CG2 1 
ATOM   225  C CD1 . ILE A 1 29  ? 17.545  -8.633  5.954   1.00 66.46  ? 29  ILE A CD1 1 
ATOM   226  N N   . GLU A 1 30  ? 21.597  -11.713 5.597   1.00 67.16  ? 30  GLU A N   1 
ATOM   227  C CA  . GLU A 1 30  ? 22.416  -12.871 5.227   1.00 66.34  ? 30  GLU A CA  1 
ATOM   228  C C   . GLU A 1 30  ? 21.639  -14.188 5.307   1.00 65.15  ? 30  GLU A C   1 
ATOM   229  O O   . GLU A 1 30  ? 21.071  -14.544 6.346   1.00 65.87  ? 30  GLU A O   1 
ATOM   230  C CB  . GLU A 1 30  ? 23.723  -12.939 6.032   1.00 65.60  ? 30  GLU A CB  1 
ATOM   231  C CG  . GLU A 1 30  ? 24.746  -13.885 5.404   1.00 80.99  ? 30  GLU A CG  1 
ATOM   232  C CD  . GLU A 1 30  ? 26.112  -13.860 6.090   1.00 66.76  ? 30  GLU A CD  1 
ATOM   233  O OE1 . GLU A 1 30  ? 26.654  -14.942 6.413   1.00 80.83  ? 30  GLU A OE1 1 
ATOM   234  O OE2 . GLU A 1 30  ? 26.652  -12.752 6.293   1.00 84.51  ? 30  GLU A OE2 1 
ATOM   235  N N   . TYR A 1 31  ? 21.650  -14.911 4.193   1.00 63.38  ? 31  TYR A N   1 
ATOM   236  C CA  . TYR A 1 31  ? 20.859  -16.124 4.029   1.00 61.43  ? 31  TYR A CA  1 
ATOM   237  C C   . TYR A 1 31  ? 21.654  -17.107 3.243   1.00 57.14  ? 31  TYR A C   1 
ATOM   238  O O   . TYR A 1 31  ? 22.376  -16.718 2.334   1.00 55.98  ? 31  TYR A O   1 
ATOM   239  C CB  . TYR A 1 31  ? 19.549  -15.799 3.266   1.00 63.22  ? 31  TYR A CB  1 
ATOM   240  C CG  . TYR A 1 31  ? 18.499  -15.209 4.160   1.00 74.28  ? 31  TYR A CG  1 
ATOM   241  C CD1 . TYR A 1 31  ? 18.248  -13.840 4.168   1.00 63.69  ? 31  TYR A CD1 1 
ATOM   242  C CD2 . TYR A 1 31  ? 17.787  -16.027 5.041   1.00 68.18  ? 31  TYR A CD2 1 
ATOM   243  C CE1 . TYR A 1 31  ? 17.281  -13.298 5.013   1.00 74.28  ? 31  TYR A CE1 1 
ATOM   244  C CE2 . TYR A 1 31  ? 16.829  -15.503 5.894   1.00 77.00  ? 31  TYR A CE2 1 
ATOM   245  C CZ  . TYR A 1 31  ? 16.566  -14.138 5.881   1.00 70.05  ? 31  TYR A CZ  1 
ATOM   246  O OH  . TYR A 1 31  ? 15.593  -13.633 6.755   1.00 77.25  ? 31  TYR A OH  1 
ATOM   247  N N   . ASN A 1 32  ? 21.518  -18.383 3.551   1.00 55.77  ? 32  ASN A N   1 
ATOM   248  C CA  . ASN A 1 32  ? 22.169  -19.356 2.693   1.00 56.58  ? 32  ASN A CA  1 
ATOM   249  C C   . ASN A 1 32  ? 21.195  -20.105 1.799   1.00 56.44  ? 32  ASN A C   1 
ATOM   250  O O   . ASN A 1 32  ? 21.148  -21.335 1.796   1.00 57.26  ? 32  ASN A O   1 
ATOM   251  C CB  . ASN A 1 32  ? 23.115  -20.298 3.468   1.00 58.26  ? 32  ASN A CB  1 
ATOM   252  C CG  . ASN A 1 32  ? 24.563  -19.887 3.324   1.00 95.21  ? 32  ASN A CG  1 
ATOM   253  O OD1 . ASN A 1 32  ? 25.397  -20.667 2.825   1.00 68.01  ? 32  ASN A OD1 1 
ATOM   254  N ND2 . ASN A 1 32  ? 24.872  -18.632 3.722   1.00 63.06  ? 32  ASN A ND2 1 
ATOM   255  N N   . THR A 1 33  ? 20.430  -19.350 1.025   1.00 56.47  ? 33  THR A N   1 
ATOM   256  C CA  . THR A 1 33  ? 19.450  -19.935 0.122   1.00 57.01  ? 33  THR A CA  1 
ATOM   257  C C   . THR A 1 33  ? 19.486  -19.134 -1.187  1.00 56.42  ? 33  THR A C   1 
ATOM   258  O O   . THR A 1 33  ? 20.302  -18.202 -1.309  1.00 57.74  ? 33  THR A O   1 
ATOM   259  C CB  . THR A 1 33  ? 18.046  -19.992 0.798   1.00 57.39  ? 33  THR A CB  1 
ATOM   260  O OG1 . THR A 1 33  ? 17.142  -20.756 -0.011  1.00 54.95  ? 33  THR A OG1 1 
ATOM   261  C CG2 . THR A 1 33  ? 17.494  -18.581 1.078   1.00 50.62  ? 33  THR A CG2 1 
ATOM   262  N N   . ASN A 1 34  ? 18.655  -19.518 -2.157  1.00 53.34  ? 34  ASN A N   1 
ATOM   263  C CA  . ASN A 1 34  ? 18.552  -18.827 -3.447  1.00 51.17  ? 34  ASN A CA  1 
ATOM   264  C C   . ASN A 1 34  ? 17.725  -17.535 -3.314  1.00 50.83  ? 34  ASN A C   1 
ATOM   265  O O   . ASN A 1 34  ? 17.047  -17.356 -2.308  1.00 50.02  ? 34  ASN A O   1 
ATOM   266  C CB  . ASN A 1 34  ? 17.890  -19.765 -4.471  1.00 50.08  ? 34  ASN A CB  1 
ATOM   267  C CG  . ASN A 1 34  ? 16.543  -20.243 -4.009  1.00 56.46  ? 34  ASN A CG  1 
ATOM   268  O OD1 . ASN A 1 34  ? 15.525  -19.534 -4.118  1.00 49.34  ? 34  ASN A OD1 1 
ATOM   269  N ND2 . ASN A 1 34  ? 16.523  -21.440 -3.446  1.00 44.02  ? 34  ASN A ND2 1 
ATOM   270  N N   . PRO A 1 35  ? 17.775  -16.635 -4.331  1.00 51.10  ? 35  PRO A N   1 
ATOM   271  C CA  . PRO A 1 35  ? 16.995  -15.398 -4.386  1.00 49.12  ? 35  PRO A CA  1 
ATOM   272  C C   . PRO A 1 35  ? 15.515  -15.554 -4.055  1.00 45.90  ? 35  PRO A C   1 
ATOM   273  O O   . PRO A 1 35  ? 14.994  -14.792 -3.243  1.00 43.56  ? 35  PRO A O   1 
ATOM   274  C CB  . PRO A 1 35  ? 17.129  -14.954 -5.842  1.00 51.10  ? 35  PRO A CB  1 
ATOM   275  C CG  . PRO A 1 35  ? 18.382  -15.524 -6.315  1.00 53.11  ? 35  PRO A CG  1 
ATOM   276  C CD  . PRO A 1 35  ? 18.700  -16.735 -5.477  1.00 52.49  ? 35  PRO A CD  1 
ATOM   277  N N   . ALA A 1 36  ? 14.851  -16.531 -4.665  1.00 46.51  ? 36  ALA A N   1 
ATOM   278  C CA  . ALA A 1 36  ? 13.398  -16.673 -4.512  1.00 44.60  ? 36  ALA A CA  1 
ATOM   279  C C   . ALA A 1 36  ? 13.096  -17.064 -3.073  1.00 45.01  ? 36  ALA A C   1 
ATOM   280  O O   . ALA A 1 36  ? 12.197  -16.489 -2.471  1.00 45.99  ? 36  ALA A O   1 
ATOM   281  C CB  . ALA A 1 36  ? 12.857  -17.698 -5.446  1.00 43.00  ? 36  ALA A CB  1 
ATOM   282  N N   . ASP A 1 37  ? 13.828  -18.036 -2.531  1.00 45.80  ? 37  ASP A N   1 
ATOM   283  C CA  . ASP A 1 37  ? 13.578  -18.502 -1.151  1.00 46.16  ? 37  ASP A CA  1 
ATOM   284  C C   . ASP A 1 37  ? 13.851  -17.351 -0.157  1.00 46.66  ? 37  ASP A C   1 
ATOM   285  O O   . ASP A 1 37  ? 13.186  -17.198 0.886   1.00 47.90  ? 37  ASP A O   1 
ATOM   286  C CB  . ASP A 1 37  ? 14.458  -19.714 -0.876  1.00 47.42  ? 37  ASP A CB  1 
ATOM   287  C CG  . ASP A 1 37  ? 14.005  -20.543 0.319   1.00 50.02  ? 37  ASP A CG  1 
ATOM   288  O OD1 . ASP A 1 37  ? 12.792  -20.625 0.594   1.00 50.29  ? 37  ASP A OD1 1 
ATOM   289  O OD2 . ASP A 1 37  ? 14.875  -21.171 0.972   1.00 57.96  ? 37  ASP A OD2 1 
ATOM   290  N N   . THR A 1 38  ? 14.812  -16.507 -0.500  1.00 46.28  ? 38  THR A N   1 
ATOM   291  C CA  . THR A 1 38  ? 15.165  -15.371 0.348   1.00 45.78  ? 38  THR A CA  1 
ATOM   292  C C   . THR A 1 38  ? 14.029  -14.337 0.480   1.00 45.96  ? 38  THR A C   1 
ATOM   293  O O   . THR A 1 38  ? 13.704  -13.869 1.589   1.00 46.09  ? 38  THR A O   1 
ATOM   294  C CB  . THR A 1 38  ? 16.510  -14.768 -0.099  1.00 45.33  ? 38  THR A CB  1 
ATOM   295  O OG1 . THR A 1 38  ? 17.534  -15.737 0.170   1.00 41.45  ? 38  THR A OG1 1 
ATOM   296  C CG2 . THR A 1 38  ? 16.840  -13.439 0.656   1.00 34.51  ? 38  THR A CG2 1 
ATOM   297  N N   . ILE A 1 39  ? 13.417  -14.013 -0.643  1.00 43.24  ? 39  ILE A N   1 
ATOM   298  C CA  . ILE A 1 39  ? 12.341  -13.078 -0.674  1.00 43.88  ? 39  ILE A CA  1 
ATOM   299  C C   . ILE A 1 39  ? 11.192  -13.625 0.159   1.00 44.84  ? 39  ILE A C   1 
ATOM   300  O O   . ILE A 1 39  ? 10.570  -12.904 0.930   1.00 46.33  ? 39  ILE A O   1 
ATOM   301  C CB  . ILE A 1 39  ? 11.920  -12.865 -2.169  1.00 45.96  ? 39  ILE A CB  1 
ATOM   302  C CG1 . ILE A 1 39  ? 12.835  -11.849 -2.827  1.00 63.89  ? 39  ILE A CG1 1 
ATOM   303  C CG2 . ILE A 1 39  ? 10.521  -12.401 -2.327  1.00 66.77  ? 39  ILE A CG2 1 
ATOM   304  C CD1 . ILE A 1 39  ? 12.591  -11.817 -4.297  1.00 61.72  ? 39  ILE A CD1 1 
ATOM   305  N N   . ASN A 1 40  ? 10.899  -14.903 -0.013  1.00 44.32  ? 40  ASN A N   1 
ATOM   306  C CA  . ASN A 1 40  ? 9.801   -15.540 0.699   1.00 44.93  ? 40  ASN A CA  1 
ATOM   307  C C   . ASN A 1 40  ? 10.002  -15.558 2.224   1.00 45.83  ? 40  ASN A C   1 
ATOM   308  O O   . ASN A 1 40  ? 9.097   -15.223 2.997   1.00 46.07  ? 40  ASN A O   1 
ATOM   309  C CB  . ASN A 1 40  ? 9.577   -16.936 0.129   1.00 45.02  ? 40  ASN A CB  1 
ATOM   310  C CG  . ASN A 1 40  ? 9.035   -16.903 -1.329  1.00 46.58  ? 40  ASN A CG  1 
ATOM   311  O OD1 . ASN A 1 40  ? 8.460   -15.912 -1.773  1.00 41.68  ? 40  ASN A OD1 1 
ATOM   312  N ND2 . ASN A 1 40  ? 9.260   -17.984 -2.074  1.00 42.06  ? 40  ASN A ND2 1 
ATOM   313  N N   . ILE A 1 41  ? 11.223  -15.870 2.643   1.00 46.38  ? 41  ILE A N   1 
ATOM   314  C CA  . ILE A 1 41  ? 11.588  -15.883 4.056   1.00 44.84  ? 41  ILE A CA  1 
ATOM   315  C C   . ILE A 1 41  ? 11.377  -14.519 4.664   1.00 43.25  ? 41  ILE A C   1 
ATOM   316  O O   . ILE A 1 41  ? 10.708  -14.405 5.677   1.00 43.65  ? 41  ILE A O   1 
ATOM   317  C CB  . ILE A 1 41  ? 13.019  -16.421 4.228   1.00 46.39  ? 41  ILE A CB  1 
ATOM   318  C CG1 . ILE A 1 41  ? 13.018  -17.933 3.967   1.00 49.36  ? 41  ILE A CG1 1 
ATOM   319  C CG2 . ILE A 1 41  ? 13.618  -16.082 5.605   1.00 44.69  ? 41  ILE A CG2 1 
ATOM   320  C CD1 . ILE A 1 41  ? 14.430  -18.517 3.796   1.00 44.66  ? 41  ILE A CD1 1 
ATOM   321  N N   . ILE A 1 42  ? 11.883  -13.481 3.999   1.00 42.80  ? 42  ILE A N   1 
ATOM   322  C CA  . ILE A 1 42  ? 11.771  -12.125 4.482   1.00 42.53  ? 42  ILE A CA  1 
ATOM   323  C C   . ILE A 1 42  ? 10.322  -11.687 4.538   1.00 44.01  ? 42  ILE A C   1 
ATOM   324  O O   . ILE A 1 42  ? 9.907   -10.983 5.482   1.00 43.92  ? 42  ILE A O   1 
ATOM   325  C CB  . ILE A 1 42  ? 12.521  -11.160 3.572   1.00 43.55  ? 42  ILE A CB  1 
ATOM   326  C CG1 . ILE A 1 42  ? 14.036  -11.495 3.613   1.00 50.00  ? 42  ILE A CG1 1 
ATOM   327  C CG2 . ILE A 1 42  ? 12.121  -9.638  3.911   1.00 44.47  ? 42  ILE A CG2 1 
ATOM   328  C CD1 . ILE A 1 42  ? 14.896  -10.775 2.558   1.00 41.64  ? 42  ILE A CD1 1 
ATOM   329  N N   . LEU A 1 43  ? 9.560   -12.044 3.502   1.00 45.30  ? 43  LEU A N   1 
ATOM   330  C CA  . LEU A 1 43  ? 8.198   -11.541 3.418   1.00 46.27  ? 43  LEU A CA  1 
ATOM   331  C C   . LEU A 1 43  ? 7.352   -12.110 4.536   1.00 47.35  ? 43  LEU A C   1 
ATOM   332  O O   . LEU A 1 43  ? 6.433   -11.467 5.090   1.00 46.74  ? 43  LEU A O   1 
ATOM   333  C CB  . LEU A 1 43  ? 7.602   -11.841 2.051   1.00 46.71  ? 43  LEU A CB  1 
ATOM   334  C CG  . LEU A 1 43  ? 7.881   -10.783 0.975   1.00 45.97  ? 43  LEU A CG  1 
ATOM   335  C CD1 . LEU A 1 43  ? 7.532   -11.352 -0.380  1.00 41.81  ? 43  LEU A CD1 1 
ATOM   336  C CD2 . LEU A 1 43  ? 7.123   -9.471  1.223   1.00 43.34  ? 43  LEU A CD2 1 
ATOM   337  N N   . ASN A 1 44  ? 7.703   -13.317 4.918   1.00 51.70  ? 44  ASN A N   1 
ATOM   338  C CA  . ASN A 1 44  ? 6.875   -14.019 5.833   1.00 57.16  ? 44  ASN A CA  1 
ATOM   339  C C   . ASN A 1 44  ? 7.423   -14.070 7.272   1.00 58.06  ? 44  ASN A C   1 
ATOM   340  O O   . ASN A 1 44  ? 6.812   -14.722 8.069   1.00 58.82  ? 44  ASN A O   1 
ATOM   341  C CB  . ASN A 1 44  ? 6.399   -15.351 5.185   1.00 58.89  ? 44  ASN A CB  1 
ATOM   342  C CG  . ASN A 1 44  ? 5.636   -15.109 3.790   1.00 89.16  ? 44  ASN A CG  1 
ATOM   343  O OD1 . ASN A 1 44  ? 4.477   -14.633 3.751   1.00 63.56  ? 44  ASN A OD1 1 
ATOM   344  N ND2 . ASN A 1 44  ? 6.315   -15.414 2.662   1.00 59.59  ? 44  ASN A ND2 1 
ATOM   345  N N   . GLN A 1 45  ? 8.514   -13.325 7.592   1.00 58.59  ? 45  GLN A N   1 
ATOM   346  C CA  . GLN A 1 45  ? 9.081   -13.135 8.991   1.00 59.22  ? 45  GLN A CA  1 
ATOM   347  C C   . GLN A 1 45  ? 8.271   -12.111 9.757   1.00 61.98  ? 45  GLN A C   1 
ATOM   348  O O   . GLN A 1 45  ? 8.646   -10.927 9.784   1.00 63.27  ? 45  GLN A O   1 
ATOM   349  C CB  . GLN A 1 45  ? 10.471  -12.463 9.004   1.00 59.36  ? 45  GLN A CB  1 
ATOM   350  C CG  . GLN A 1 45  ? 11.674  -13.243 8.658   1.00 74.69  ? 45  GLN A CG  1 
ATOM   351  C CD  . GLN A 1 45  ? 11.977  -14.249 9.694   1.00 68.27  ? 45  GLN A CD  1 
ATOM   352  O OE1 . GLN A 1 45  ? 12.498  -15.318 9.393   1.00 76.39  ? 45  GLN A OE1 1 
ATOM   353  N NE2 . GLN A 1 45  ? 11.634  -13.933 10.943  1.00 79.51  ? 45  GLN A NE2 1 
ATOM   354  N N   . ASP A 1 46  ? 7.189   -12.500 10.401  1.00 63.41  ? 46  ASP A N   1 
ATOM   355  C CA  . ASP A 1 46  ? 6.380   -11.466 11.047  1.00 64.61  ? 46  ASP A CA  1 
ATOM   356  C C   . ASP A 1 46  ? 7.091   -10.853 12.224  1.00 62.96  ? 46  ASP A C   1 
ATOM   357  O O   . ASP A 1 46  ? 7.139   -9.635  12.334  1.00 63.75  ? 46  ASP A O   1 
ATOM   358  C CB  . ASP A 1 46  ? 4.974   -11.958 11.342  1.00 67.20  ? 46  ASP A CB  1 
ATOM   359  C CG  . ASP A 1 46  ? 4.250   -12.356 10.048  1.00 101.99 ? 46  ASP A CG  1 
ATOM   360  O OD1 . ASP A 1 46  ? 4.000   -11.492 9.165   1.00 78.78  ? 46  ASP A OD1 1 
ATOM   361  O OD2 . ASP A 1 46  ? 3.987   -13.558 9.879   1.00 78.71  ? 46  ASP A OD2 1 
ATOM   362  N N   . ASP A 1 47  ? 7.760   -11.680 13.017  1.00 60.99  ? 47  ASP A N   1 
ATOM   363  C CA  . ASP A 1 47  ? 8.467   -11.162 14.199  1.00 60.42  ? 47  ASP A CA  1 
ATOM   364  C C   . ASP A 1 47  ? 9.618   -10.173 13.946  1.00 59.06  ? 47  ASP A C   1 
ATOM   365  O O   . ASP A 1 47  ? 10.127  -9.623  14.920  1.00 59.32  ? 47  ASP A O   1 
ATOM   366  C CB  . ASP A 1 47  ? 8.883   -12.261 15.217  1.00 59.87  ? 47  ASP A CB  1 
ATOM   367  C CG  . ASP A 1 47  ? 9.802   -13.335 14.621  1.00 76.09  ? 47  ASP A CG  1 
ATOM   368  O OD1 . ASP A 1 47  ? 10.397  -13.131 13.537  1.00 60.60  ? 47  ASP A OD1 1 
ATOM   369  O OD2 . ASP A 1 47  ? 9.932   -14.405 15.269  1.00 63.83  ? 47  ASP A OD2 1 
ATOM   370  N N   . TYR A 1 48  ? 10.025  -9.940  12.683  1.00 56.14  ? 48  TYR A N   1 
ATOM   371  C CA  . TYR A 1 48  ? 11.025  -8.875  12.403  1.00 52.57  ? 48  TYR A CA  1 
ATOM   372  C C   . TYR A 1 48  ? 10.424  -7.479  12.641  1.00 49.89  ? 48  TYR A C   1 
ATOM   373  O O   . TYR A 1 48  ? 11.164  -6.502  12.824  1.00 48.45  ? 48  TYR A O   1 
ATOM   374  C CB  . TYR A 1 48  ? 11.628  -8.989  10.992  1.00 52.20  ? 48  TYR A CB  1 
ATOM   375  C CG  . TYR A 1 48  ? 12.813  -8.068  10.738  1.00 53.16  ? 48  TYR A CG  1 
ATOM   376  C CD1 . TYR A 1 48  ? 14.127  -8.578  10.730  1.00 54.34  ? 48  TYR A CD1 1 
ATOM   377  C CD2 . TYR A 1 48  ? 12.629  -6.693  10.489  1.00 53.82  ? 48  TYR A CD2 1 
ATOM   378  C CE1 . TYR A 1 48  ? 15.247  -7.744  10.510  1.00 55.58  ? 48  TYR A CE1 1 
ATOM   379  C CE2 . TYR A 1 48  ? 13.729  -5.851  10.260  1.00 58.78  ? 48  TYR A CE2 1 
ATOM   380  C CZ  . TYR A 1 48  ? 15.044  -6.387  10.278  1.00 56.30  ? 48  TYR A CZ  1 
ATOM   381  O OH  . TYR A 1 48  ? 16.137  -5.576  10.065  1.00 57.58  ? 48  TYR A OH  1 
ATOM   382  N N   . GLY A 1 49  ? 9.085   -7.410  12.639  1.00 49.19  ? 49  GLY A N   1 
ATOM   383  C CA  . GLY A 1 49  ? 8.342   -6.197  12.962  1.00 48.59  ? 49  GLY A CA  1 
ATOM   384  C C   . GLY A 1 49  ? 8.192   -5.265  11.779  1.00 49.39  ? 49  GLY A C   1 
ATOM   385  O O   . GLY A 1 49  ? 7.946   -4.062  11.956  1.00 51.38  ? 49  GLY A O   1 
ATOM   386  N N   . TYR A 1 50  ? 8.377   -5.806  10.575  1.00 47.48  ? 50  TYR A N   1 
ATOM   387  C CA  . TYR A 1 50  ? 8.038   -5.099  9.318   1.00 45.38  ? 50  TYR A CA  1 
ATOM   388  C C   . TYR A 1 50  ? 6.713   -5.581  8.807   1.00 46.22  ? 50  TYR A C   1 
ATOM   389  O O   . TYR A 1 50  ? 6.469   -6.786  8.712   1.00 46.96  ? 50  TYR A O   1 
ATOM   390  C CB  . TYR A 1 50  ? 9.028   -5.378  8.196   1.00 43.49  ? 50  TYR A CB  1 
ATOM   391  C CG  . TYR A 1 50  ? 10.202  -4.461  8.120   1.00 60.61  ? 50  TYR A CG  1 
ATOM   392  C CD1 . TYR A 1 50  ? 10.530  -3.639  9.160   1.00 48.23  ? 50  TYR A CD1 1 
ATOM   393  C CD2 . TYR A 1 50  ? 11.031  -4.467  7.005   1.00 53.18  ? 50  TYR A CD2 1 
ATOM   394  C CE1 . TYR A 1 50  ? 11.643  -2.812  9.108   1.00 67.87  ? 50  TYR A CE1 1 
ATOM   395  C CE2 . TYR A 1 50  ? 12.152  -3.629  6.929   1.00 68.57  ? 50  TYR A CE2 1 
ATOM   396  C CZ  . TYR A 1 50  ? 12.444  -2.801  7.991   1.00 56.44  ? 50  TYR A CZ  1 
ATOM   397  O OH  . TYR A 1 50  ? 13.548  -1.978  7.937   1.00 71.19  ? 50  TYR A OH  1 
ATOM   398  N N   . VAL A 1 51  ? 5.863   -4.625  8.447   1.00 45.93  ? 51  VAL A N   1 
ATOM   399  C CA  . VAL A 1 51  ? 4.654   -4.923  7.734   1.00 44.32  ? 51  VAL A CA  1 
ATOM   400  C C   . VAL A 1 51  ? 4.951   -4.524  6.306   1.00 41.49  ? 51  VAL A C   1 
ATOM   401  O O   . VAL A 1 51  ? 5.232   -3.349  6.027   1.00 41.97  ? 51  VAL A O   1 
ATOM   402  C CB  . VAL A 1 51  ? 3.452   -4.139  8.318   1.00 45.24  ? 51  VAL A CB  1 
ATOM   403  C CG1 . VAL A 1 51  ? 2.158   -4.626  7.660   1.00 44.04  ? 51  VAL A CG1 1 
ATOM   404  C CG2 . VAL A 1 51  ? 3.412   -4.299  9.865   1.00 43.38  ? 51  VAL A CG2 1 
ATOM   405  N N   . PHE A 1 52  ? 4.893   -5.506  5.421   1.00 40.16  ? 52  PHE A N   1 
ATOM   406  C CA  . PHE A 1 52  ? 5.096   -5.313  3.981   1.00 41.02  ? 52  PHE A CA  1 
ATOM   407  C C   . PHE A 1 52  ? 3.825   -4.915  3.245   1.00 42.21  ? 52  PHE A C   1 
ATOM   408  O O   . PHE A 1 52  ? 2.787   -5.450  3.550   1.00 44.08  ? 52  PHE A O   1 
ATOM   409  C CB  . PHE A 1 52  ? 5.710   -6.563  3.358   1.00 40.80  ? 52  PHE A CB  1 
ATOM   410  C CG  . PHE A 1 52  ? 7.068   -6.828  3.847   1.00 43.09  ? 52  PHE A CG  1 
ATOM   411  C CD1 . PHE A 1 52  ? 8.161   -6.108  3.325   1.00 41.42  ? 52  PHE A CD1 1 
ATOM   412  C CD2 . PHE A 1 52  ? 7.277   -7.779  4.853   1.00 41.77  ? 52  PHE A CD2 1 
ATOM   413  C CE1 . PHE A 1 52  ? 9.429   -6.350  3.821   1.00 41.68  ? 52  PHE A CE1 1 
ATOM   414  C CE2 . PHE A 1 52  ? 8.569   -8.041  5.365   1.00 44.28  ? 52  PHE A CE2 1 
ATOM   415  C CZ  . PHE A 1 52  ? 9.632   -7.320  4.861   1.00 39.54  ? 52  PHE A CZ  1 
ATOM   416  N N   . MET A 1 53  ? 3.935   -3.948  2.309   1.00 40.61  ? 53  MET A N   1 
ATOM   417  C CA  . MET A 1 53  ? 2.838   -3.427  1.493   1.00 39.55  ? 53  MET A CA  1 
ATOM   418  C C   . MET A 1 53  ? 3.284   -3.344  0.050   1.00 41.86  ? 53  MET A C   1 
ATOM   419  O O   . MET A 1 53  ? 4.357   -2.774  -0.246  1.00 43.78  ? 53  MET A O   1 
ATOM   420  C CB  . MET A 1 53  ? 2.447   -2.000  1.933   1.00 39.66  ? 53  MET A CB  1 
ATOM   421  C CG  . MET A 1 53  ? 1.542   -1.946  3.227   1.00 44.63  ? 53  MET A CG  1 
ATOM   422  S SD  . MET A 1 53  ? 1.606   -0.354  4.099   1.00 34.84  ? 53  MET A SD  1 
ATOM   423  C CE  . MET A 1 53  ? 2.976   -0.790  5.161   1.00 40.19  ? 53  MET A CE  1 
ATOM   424  N N   . GLN A 1 54  ? 2.467   -3.906  -0.845  1.00 41.68  ? 54  GLN A N   1 
ATOM   425  C CA  . GLN A 1 54  ? 2.877   -4.060  -2.214  1.00 40.08  ? 54  GLN A CA  1 
ATOM   426  C C   . GLN A 1 54  ? 2.435   -2.890  -3.053  1.00 41.03  ? 54  GLN A C   1 
ATOM   427  O O   . GLN A 1 54  ? 1.326   -2.387  -2.861  1.00 42.29  ? 54  GLN A O   1 
ATOM   428  C CB  . GLN A 1 54  ? 2.366   -5.356  -2.816  1.00 37.66  ? 54  GLN A CB  1 
ATOM   429  C CG  . GLN A 1 54  ? 2.972   -5.622  -4.174  1.00 37.49  ? 54  GLN A CG  1 
ATOM   430  C CD  . GLN A 1 54  ? 2.757   -7.071  -4.654  1.00 40.11  ? 54  GLN A CD  1 
ATOM   431  O OE1 . GLN A 1 54  ? 2.186   -7.891  -3.929  1.00 42.66  ? 54  GLN A OE1 1 
ATOM   432  N NE2 . GLN A 1 54  ? 3.311   -7.408  -5.828  1.00 38.62  ? 54  GLN A NE2 1 
ATOM   433  N N   . TYR A 1 55  ? 3.306   -2.481  -3.978  1.00 39.95  ? 55  TYR A N   1 
ATOM   434  C CA  . TYR A 1 55  ? 2.980   -1.503  -4.968  1.00 41.17  ? 55  TYR A CA  1 
ATOM   435  C C   . TYR A 1 55  ? 1.980   -2.085  -5.930  1.00 42.51  ? 55  TYR A C   1 
ATOM   436  O O   . TYR A 1 55  ? 2.222   -3.155  -6.458  1.00 44.86  ? 55  TYR A O   1 
ATOM   437  C CB  . TYR A 1 55  ? 4.260   -1.103  -5.731  1.00 43.26  ? 55  TYR A CB  1 
ATOM   438  C CG  . TYR A 1 55  ? 4.002   -0.265  -7.016  1.00 51.25  ? 55  TYR A CG  1 
ATOM   439  C CD1 . TYR A 1 55  ? 3.175   0.893   -7.003  1.00 47.66  ? 55  TYR A CD1 1 
ATOM   440  C CD2 . TYR A 1 55  ? 4.535   -0.679  -8.251  1.00 43.22  ? 55  TYR A CD2 1 
ATOM   441  C CE1 . TYR A 1 55  ? 2.935   1.610   -8.205  1.00 45.67  ? 55  TYR A CE1 1 
ATOM   442  C CE2 . TYR A 1 55  ? 4.324   0.019   -9.397  1.00 45.80  ? 55  TYR A CE2 1 
ATOM   443  C CZ  . TYR A 1 55  ? 3.517   1.157   -9.376  1.00 44.73  ? 55  TYR A CZ  1 
ATOM   444  O OH  . TYR A 1 55  ? 3.321   1.804   -10.558 1.00 48.78  ? 55  TYR A OH  1 
ATOM   445  N N   . THR A 1 56  ? 0.875   -1.402  -6.150  1.00 43.01  ? 56  THR A N   1 
ATOM   446  C CA  . THR A 1 56  ? -0.240  -1.907  -7.022  1.00 43.97  ? 56  THR A CA  1 
ATOM   447  C C   . THR A 1 56  ? 0.008   -1.903  -8.500  1.00 43.75  ? 56  THR A C   1 
ATOM   448  O O   . THR A 1 56  ? -0.686  -2.579  -9.269  1.00 44.69  ? 56  THR A O   1 
ATOM   449  C CB  . THR A 1 56  ? -1.504  -1.033  -6.884  1.00 43.49  ? 56  THR A CB  1 
ATOM   450  O OG1 . THR A 1 56  ? -1.240  0.292   -7.455  1.00 39.83  ? 56  THR A OG1 1 
ATOM   451  C CG2 . THR A 1 56  ? -1.905  -0.950  -5.380  1.00 37.40  ? 56  THR A CG2 1 
ATOM   452  N N   . GLY A 1 57  ? 0.949   -1.098  -8.928  1.00 41.90  ? 57  GLY A N   1 
ATOM   453  C CA  . GLY A 1 57  ? 1.096   -0.985  -10.338 1.00 42.32  ? 57  GLY A CA  1 
ATOM   454  C C   . GLY A 1 57  ? 0.358   0.204   -10.916 1.00 41.34  ? 57  GLY A C   1 
ATOM   455  O O   . GLY A 1 57  ? 0.405   0.414   -12.116 1.00 39.75  ? 57  GLY A O   1 
ATOM   456  N N   . LEU A 1 58  ? -0.264  1.013   -10.060 1.00 41.71  ? 58  LEU A N   1 
ATOM   457  C CA  . LEU A 1 58  ? -1.012  2.199   -10.504 1.00 40.06  ? 58  LEU A CA  1 
ATOM   458  C C   . LEU A 1 58  ? -0.480  3.393   -9.792  1.00 39.18  ? 58  LEU A C   1 
ATOM   459  O O   . LEU A 1 58  ? 0.033   3.307   -8.659  1.00 38.35  ? 58  LEU A O   1 
ATOM   460  C CB  . LEU A 1 58  ? -2.491  2.065   -10.154 1.00 38.34  ? 58  LEU A CB  1 
ATOM   461  C CG  . LEU A 1 58  ? -3.304  0.932   -10.739 1.00 48.67  ? 58  LEU A CG  1 
ATOM   462  C CD1 . LEU A 1 58  ? -4.560  0.707   -9.890  1.00 38.44  ? 58  LEU A CD1 1 
ATOM   463  C CD2 . LEU A 1 58  ? -3.675  1.223   -12.152 1.00 37.15  ? 58  LEU A CD2 1 
ATOM   464  N N   . LYS A 1 59  ? -0.641  4.512   -10.469 1.00 41.12  ? 59  LYS A N   1 
ATOM   465  C CA  . LYS A 1 59  ? -0.191  5.835   -10.029 1.00 44.22  ? 59  LYS A CA  1 
ATOM   466  C C   . LYS A 1 59  ? -1.406  6.728   -9.955  1.00 44.57  ? 59  LYS A C   1 
ATOM   467  O O   . LYS A 1 59  ? -2.333  6.582   -10.766 1.00 43.37  ? 59  LYS A O   1 
ATOM   468  C CB  . LYS A 1 59  ? 0.822   6.407   -11.034 1.00 46.20  ? 59  LYS A CB  1 
ATOM   469  C CG  . LYS A 1 59  ? 2.126   5.589   -11.022 1.00 49.41  ? 59  LYS A CG  1 
ATOM   470  C CD  . LYS A 1 59  ? 3.236   6.210   -11.803 1.00 58.38  ? 59  LYS A CD  1 
ATOM   471  C CE  . LYS A 1 59  ? 4.492   5.352   -11.711 1.00 56.81  ? 59  LYS A CE  1 
ATOM   472  N NZ  . LYS A 1 59  ? 4.999   5.143   -13.081 1.00 61.36  ? 59  LYS A NZ  1 
ATOM   473  N N   . ASP A 1 60  ? -1.396  7.644   -8.986  1.00 43.24  ? 60  ASP A N   1 
ATOM   474  C CA  . ASP A 1 60  ? -2.512  8.537   -8.795  1.00 43.19  ? 60  ASP A CA  1 
ATOM   475  C C   . ASP A 1 60  ? -2.481  9.764   -9.737  1.00 44.29  ? 60  ASP A C   1 
ATOM   476  O O   . ASP A 1 60  ? -1.647  9.845   -10.642 1.00 44.63  ? 60  ASP A O   1 
ATOM   477  C CB  . ASP A 1 60  ? -2.613  8.930   -7.322  1.00 42.95  ? 60  ASP A CB  1 
ATOM   478  C CG  . ASP A 1 60  ? -1.661  10.080  -6.917  1.00 50.22  ? 60  ASP A CG  1 
ATOM   479  O OD1 . ASP A 1 60  ? -0.819  10.597  -7.696  1.00 46.68  ? 60  ASP A OD1 1 
ATOM   480  O OD2 . ASP A 1 60  ? -1.763  10.466  -5.752  1.00 44.94  ? 60  ASP A OD2 1 
ATOM   481  N N   . LYS A 1 61  ? -3.419  10.686  -9.529  1.00 45.16  ? 61  LYS A N   1 
ATOM   482  C CA  . LYS A 1 61  ? -3.611  11.908  -10.343 1.00 46.77  ? 61  LYS A CA  1 
ATOM   483  C C   . LYS A 1 61  ? -2.284  12.642  -10.536 1.00 46.51  ? 61  LYS A C   1 
ATOM   484  O O   . LYS A 1 61  ? -2.085  13.267  -11.562 1.00 47.43  ? 61  LYS A O   1 
ATOM   485  C CB  . LYS A 1 61  ? -4.636  12.814  -9.625  1.00 45.79  ? 61  LYS A CB  1 
ATOM   486  C CG  . LYS A 1 61  ? -4.904  14.173  -10.177 1.00 86.43  ? 61  LYS A CG  1 
ATOM   487  C CD  . LYS A 1 61  ? -5.838  14.930  -9.194  1.00 50.43  ? 61  LYS A CD  1 
ATOM   488  C CE  . LYS A 1 61  ? -6.443  16.249  -9.788  1.00 91.05  ? 61  LYS A CE  1 
ATOM   489  N NZ  . LYS A 1 61  ? -7.802  16.160  -10.476 1.00 61.23  ? 61  LYS A NZ  1 
ATOM   490  N N   . ASN A 1 62  ? -1.390  12.542  -9.542  1.00 45.33  ? 62  ASN A N   1 
ATOM   491  C CA  . ASN A 1 62  ? -0.103  13.226  -9.500  1.00 44.55  ? 62  ASN A CA  1 
ATOM   492  C C   . ASN A 1 62  ? 1.083   12.393  -9.802  1.00 45.03  ? 62  ASN A C   1 
ATOM   493  O O   . ASN A 1 62  ? 2.169   12.788  -9.445  1.00 45.47  ? 62  ASN A O   1 
ATOM   494  C CB  . ASN A 1 62  ? 0.168   13.765  -8.096  1.00 44.43  ? 62  ASN A CB  1 
ATOM   495  C CG  . ASN A 1 62  ? -0.814  14.819  -7.689  1.00 38.61  ? 62  ASN A CG  1 
ATOM   496  O OD1 . ASN A 1 62  ? -1.294  14.824  -6.552  1.00 54.63  ? 62  ASN A OD1 1 
ATOM   497  N ND2 . ASN A 1 62  ? -1.159  15.695  -8.620  1.00 48.00  ? 62  ASN A ND2 1 
ATOM   498  N N   . GLU A 1 63  ? 0.898   11.210  -10.365 1.00 45.94  ? 63  GLU A N   1 
ATOM   499  C CA  . GLU A 1 63  ? 2.025   10.334  -10.643 1.00 45.97  ? 63  GLU A CA  1 
ATOM   500  C C   . GLU A 1 63  ? 2.576   9.658   -9.426  1.00 46.46  ? 63  GLU A C   1 
ATOM   501  O O   . GLU A 1 63  ? 3.640   9.022   -9.513  1.00 45.96  ? 63  GLU A O   1 
ATOM   502  C CB  . GLU A 1 63  ? 3.148   11.119  -11.315 1.00 48.37  ? 63  GLU A CB  1 
ATOM   503  C CG  . GLU A 1 63  ? 3.418   10.762  -12.760 1.00 86.64  ? 63  GLU A CG  1 
ATOM   504  C CD  . GLU A 1 63  ? 2.180   10.838  -13.598 1.00 59.75  ? 63  GLU A CD  1 
ATOM   505  O OE1 . GLU A 1 63  ? 2.040   11.821  -14.361 1.00 91.70  ? 63  GLU A OE1 1 
ATOM   506  O OE2 . GLU A 1 63  ? 1.344   9.921   -13.499 1.00 87.72  ? 63  GLU A OE2 1 
ATOM   507  N N   . LYS A 1 64  ? 1.884   9.790   -8.285  1.00 45.98  ? 64  LYS A N   1 
ATOM   508  C CA  . LYS A 1 64  ? 2.285   9.057   -7.109  1.00 44.72  ? 64  LYS A CA  1 
ATOM   509  C C   . LYS A 1 64  ? 1.829   7.566   -7.148  1.00 45.67  ? 64  LYS A C   1 
ATOM   510  O O   . LYS A 1 64  ? 0.655   7.245   -7.347  1.00 46.38  ? 64  LYS A O   1 
ATOM   511  C CB  . LYS A 1 64  ? 1.822   9.769   -5.835  1.00 43.51  ? 64  LYS A CB  1 
ATOM   512  C CG  . LYS A 1 64  ? 2.440   9.183   -4.549  1.00 50.20  ? 64  LYS A CG  1 
ATOM   513  C CD  . LYS A 1 64  ? 2.010   10.002  -3.298  1.00 44.71  ? 64  LYS A CD  1 
ATOM   514  C CE  . LYS A 1 64  ? 2.257   9.277   -1.995  1.00 48.89  ? 64  LYS A CE  1 
ATOM   515  N NZ  . LYS A 1 64  ? 3.690   9.321   -1.747  1.00 48.67  ? 64  LYS A NZ  1 
ATOM   516  N N   . GLU A 1 65  ? 2.779   6.688   -6.905  1.00 44.84  ? 65  GLU A N   1 
ATOM   517  C CA  . GLU A 1 65  ? 2.588   5.261   -6.937  1.00 44.54  ? 65  GLU A CA  1 
ATOM   518  C C   . GLU A 1 65  ? 1.713   4.836   -5.803  1.00 45.95  ? 65  GLU A C   1 
ATOM   519  O O   . GLU A 1 65  ? 1.868   5.306   -4.649  1.00 47.71  ? 65  GLU A O   1 
ATOM   520  C CB  . GLU A 1 65  ? 3.931   4.582   -6.770  1.00 42.81  ? 65  GLU A CB  1 
ATOM   521  C CG  . GLU A 1 65  ? 4.927   4.925   -7.887  1.00 55.87  ? 65  GLU A CG  1 
ATOM   522  C CD  . GLU A 1 65  ? 6.223   4.099   -7.839  1.00 46.19  ? 65  GLU A CD  1 
ATOM   523  O OE1 . GLU A 1 65  ? 6.744   3.834   -6.739  1.00 59.88  ? 65  GLU A OE1 1 
ATOM   524  O OE2 . GLU A 1 65  ? 6.715   3.708   -8.929  1.00 64.77  ? 65  GLU A OE2 1 
ATOM   525  N N   . ILE A 1 66  ? 0.767   3.967   -6.121  1.00 43.48  ? 66  ILE A N   1 
ATOM   526  C CA  . ILE A 1 66  ? -0.262  3.594   -5.156  1.00 42.90  ? 66  ILE A CA  1 
ATOM   527  C C   . ILE A 1 66  ? 0.100   2.224   -4.564  1.00 43.93  ? 66  ILE A C   1 
ATOM   528  O O   . ILE A 1 66  ? 0.305   1.223   -5.313  1.00 44.18  ? 66  ILE A O   1 
ATOM   529  C CB  . ILE A 1 66  ? -1.679  3.590   -5.826  1.00 42.38  ? 66  ILE A CB  1 
ATOM   530  C CG1 . ILE A 1 66  ? -2.061  4.970   -6.326  1.00 41.43  ? 66  ILE A CG1 1 
ATOM   531  C CG2 . ILE A 1 66  ? -2.684  3.210   -4.881  1.00 37.62  ? 66  ILE A CG2 1 
ATOM   532  C CD1 . ILE A 1 66  ? -3.212  4.904   -7.365  1.00 42.69  ? 66  ILE A CD1 1 
ATOM   533  N N   . TYR A 1 67  ? 0.223   2.212   -3.226  1.00 43.19  ? 67  TYR A N   1 
ATOM   534  C CA  . TYR A 1 67  ? 0.476   1.010   -2.455  1.00 44.15  ? 67  TYR A CA  1 
ATOM   535  C C   . TYR A 1 67  ? -0.715  0.549   -1.651  1.00 44.42  ? 67  TYR A C   1 
ATOM   536  O O   . TYR A 1 67  ? -1.576  1.320   -1.216  1.00 43.87  ? 67  TYR A O   1 
ATOM   537  C CB  . TYR A 1 67  ? 1.602   1.239   -1.434  1.00 44.85  ? 67  TYR A CB  1 
ATOM   538  C CG  . TYR A 1 67  ? 2.957   1.401   -2.067  1.00 41.94  ? 67  TYR A CG  1 
ATOM   539  C CD1 . TYR A 1 67  ? 3.903   0.369   -1.983  1.00 48.09  ? 67  TYR A CD1 1 
ATOM   540  C CD2 . TYR A 1 67  ? 3.282   2.560   -2.786  1.00 47.32  ? 67  TYR A CD2 1 
ATOM   541  C CE1 . TYR A 1 67  ? 5.140   0.486   -2.546  1.00 40.30  ? 67  TYR A CE1 1 
ATOM   542  C CE2 . TYR A 1 67  ? 4.520   2.678   -3.381  1.00 41.39  ? 67  TYR A CE2 1 
ATOM   543  C CZ  . TYR A 1 67  ? 5.447   1.634   -3.252  1.00 52.75  ? 67  TYR A CZ  1 
ATOM   544  O OH  . TYR A 1 67  ? 6.689   1.715   -3.811  1.00 47.26  ? 67  TYR A OH  1 
ATOM   545  N N   . GLU A 1 68  ? -0.728  -0.750  -1.444  1.00 45.11  ? 68  GLU A N   1 
ATOM   546  C CA  . GLU A 1 68  ? -1.461  -1.345  -0.360  1.00 44.03  ? 68  GLU A CA  1 
ATOM   547  C C   . GLU A 1 68  ? -1.232  -0.511  0.867   1.00 42.77  ? 68  GLU A C   1 
ATOM   548  O O   . GLU A 1 68  ? -0.062  -0.115  1.201   1.00 43.22  ? 68  GLU A O   1 
ATOM   549  C CB  . GLU A 1 68  ? -0.947  -2.754  -0.195  1.00 45.88  ? 68  GLU A CB  1 
ATOM   550  C CG  . GLU A 1 68  ? -1.706  -3.678  0.684   1.00 46.52  ? 68  GLU A CG  1 
ATOM   551  C CD  . GLU A 1 68  ? -1.017  -5.052  0.745   1.00 56.23  ? 68  GLU A CD  1 
ATOM   552  O OE1 . GLU A 1 68  ? -1.559  -5.960  1.395   1.00 48.57  ? 68  GLU A OE1 1 
ATOM   553  O OE2 . GLU A 1 68  ? 0.069   -5.230  0.128   1.00 42.04  ? 68  GLU A OE2 1 
ATOM   554  N N   . GLY A 1 69  ? -2.346  -0.187  1.519   1.00 43.07  ? 69  GLY A N   1 
ATOM   555  C CA  . GLY A 1 69  ? -2.336  0.592   2.786   1.00 46.21  ? 69  GLY A CA  1 
ATOM   556  C C   . GLY A 1 69  ? -2.442  2.102   2.598   1.00 48.34  ? 69  GLY A C   1 
ATOM   557  O O   . GLY A 1 69  ? -2.614  2.865   3.569   1.00 47.18  ? 69  GLY A O   1 
ATOM   558  N N   . ASP A 1 70  ? -2.367  2.538   1.336   1.00 47.35  ? 70  ASP A N   1 
ATOM   559  C CA  . ASP A 1 70  ? -2.625  3.913   1.023   1.00 43.67  ? 70  ASP A CA  1 
ATOM   560  C C   . ASP A 1 70  ? -4.084  4.331   1.314   1.00 43.25  ? 70  ASP A C   1 
ATOM   561  O O   . ASP A 1 70  ? -5.049  3.554   1.227   1.00 41.61  ? 70  ASP A O   1 
ATOM   562  C CB  . ASP A 1 70  ? -2.211  4.217   -0.421  1.00 41.29  ? 70  ASP A CB  1 
ATOM   563  C CG  . ASP A 1 70  ? -0.727  4.522   -0.539  1.00 49.19  ? 70  ASP A CG  1 
ATOM   564  O OD1 . ASP A 1 70  ? -0.072  4.818   0.487   1.00 40.48  ? 70  ASP A OD1 1 
ATOM   565  O OD2 . ASP A 1 70  ? -0.208  4.480   -1.674  1.00 44.08  ? 70  ASP A OD2 1 
ATOM   566  N N   . ILE A 1 71  ? -4.235  5.601   1.645   1.00 42.64  ? 71  ILE A N   1 
ATOM   567  C CA  . ILE A 1 71  ? -5.552  6.159   1.824   1.00 40.58  ? 71  ILE A CA  1 
ATOM   568  C C   . ILE A 1 71  ? -5.708  7.171   0.689   1.00 42.46  ? 71  ILE A C   1 
ATOM   569  O O   . ILE A 1 71  ? -4.848  8.053   0.514   1.00 43.75  ? 71  ILE A O   1 
ATOM   570  C CB  . ILE A 1 71  ? -5.675  6.804   3.201   1.00 40.10  ? 71  ILE A CB  1 
ATOM   571  C CG1 . ILE A 1 71  ? -5.655  5.704   4.326   1.00 41.50  ? 71  ILE A CG1 1 
ATOM   572  C CG2 . ILE A 1 71  ? -6.974  7.686   3.250   1.00 32.02  ? 71  ILE A CG2 1 
ATOM   573  C CD1 . ILE A 1 71  ? -5.395  6.249   5.823   1.00 38.42  ? 71  ILE A CD1 1 
ATOM   574  N N   . ILE A 1 72  ? -6.752  7.013   -0.124  1.00 41.39  ? 72  ILE A N   1 
ATOM   575  C CA  . ILE A 1 72  ? -6.972  7.921   -1.246  1.00 42.06  ? 72  ILE A CA  1 
ATOM   576  C C   . ILE A 1 72  ? -8.312  8.624   -1.110  1.00 44.42  ? 72  ILE A C   1 
ATOM   577  O O   . ILE A 1 72  ? -9.215  8.159   -0.399  1.00 45.02  ? 72  ILE A O   1 
ATOM   578  C CB  . ILE A 1 72  ? -6.902  7.195   -2.611  1.00 42.74  ? 72  ILE A CB  1 
ATOM   579  C CG1 . ILE A 1 72  ? -8.094  6.199   -2.782  1.00 45.95  ? 72  ILE A CG1 1 
ATOM   580  C CG2 . ILE A 1 72  ? -5.584  6.429   -2.705  1.00 48.26  ? 72  ILE A CG2 1 
ATOM   581  C CD1 . ILE A 1 72  ? -8.275  5.578   -4.228  1.00 41.13  ? 72  ILE A CD1 1 
ATOM   582  N N   . LYS A 1 73  ? -8.406  9.770   -1.779  1.00 45.72  ? 73  LYS A N   1 
ATOM   583  C CA  . LYS A 1 73  ? -9.644  10.538  -1.924  1.00 46.36  ? 73  LYS A CA  1 
ATOM   584  C C   . LYS A 1 73  ? -9.900  10.635  -3.414  1.00 48.87  ? 73  LYS A C   1 
ATOM   585  O O   . LYS A 1 73  ? -8.990  10.473  -4.215  1.00 47.17  ? 73  LYS A O   1 
ATOM   586  C CB  . LYS A 1 73  ? -9.509  11.921  -1.279  1.00 44.82  ? 73  LYS A CB  1 
ATOM   587  C CG  . LYS A 1 73  ? -8.497  12.853  -1.953  1.00 43.74  ? 73  LYS A CG  1 
ATOM   588  C CD  . LYS A 1 73  ? -8.588  14.328  -1.442  1.00 46.17  ? 73  LYS A CD  1 
ATOM   589  C CE  . LYS A 1 73  ? -7.441  15.176  -2.062  1.00 45.33  ? 73  LYS A CE  1 
ATOM   590  N NZ  . LYS A 1 73  ? -7.173  16.611  -1.579  1.00 54.77  ? 73  LYS A NZ  1 
ATOM   591  N N   . LYS A 1 74  ? -11.157 10.824  -3.786  1.00 55.14  ? 74  LYS A N   1 
ATOM   592  C CA  . LYS A 1 74  ? -11.513 10.989  -5.187  1.00 60.18  ? 74  LYS A CA  1 
ATOM   593  C C   . LYS A 1 74  ? -11.569 12.481  -5.327  1.00 63.16  ? 74  LYS A C   1 
ATOM   594  O O   . LYS A 1 74  ? -12.405 13.094  -4.704  1.00 64.50  ? 74  LYS A O   1 
ATOM   595  C CB  . LYS A 1 74  ? -12.867 10.352  -5.470  1.00 62.43  ? 74  LYS A CB  1 
ATOM   596  C CG  . LYS A 1 74  ? -13.126 10.017  -6.946  1.00 94.24  ? 74  LYS A CG  1 
ATOM   597  C CD  . LYS A 1 74  ? -13.992 8.754   -7.084  1.00 73.22  ? 74  LYS A CD  1 
ATOM   598  C CE  . LYS A 1 74  ? -14.215 8.349   -8.563  1.00 96.13  ? 74  LYS A CE  1 
ATOM   599  N NZ  . LYS A 1 74  ? -14.215 6.840   -8.854  1.00 81.47  ? 74  LYS A NZ  1 
ATOM   600  N N   . SER A 1 75  ? -10.641 13.061  -6.088  1.00 66.08  ? 75  SER A N   1 
ATOM   601  C CA  . SER A 1 75  ? -10.461 14.524  -6.232  1.00 69.24  ? 75  SER A CA  1 
ATOM   602  C C   . SER A 1 75  ? -11.699 15.224  -6.828  1.00 69.57  ? 75  SER A C   1 
ATOM   603  O O   . SER A 1 75  ? -11.621 15.884  -7.861  1.00 69.81  ? 75  SER A O   1 
ATOM   604  C CB  . SER A 1 75  ? -9.192  14.824  -7.058  1.00 70.46  ? 75  SER A CB  1 
ATOM   605  O OG  . SER A 1 75  ? -8.067  14.154  -6.483  1.00 77.04  ? 75  SER A OG  1 
ATOM   606  N N   . ASN A 1 76  ? -12.797 15.105  -6.081  1.00 69.57  ? 76  ASN A N   1 
ATOM   607  C CA  . ASN A 1 76  ? -14.188 15.161  -6.518  1.00 70.03  ? 76  ASN A CA  1 
ATOM   608  C C   . ASN A 1 76  ? -14.904 16.334  -5.859  1.00 69.63  ? 76  ASN A C   1 
ATOM   609  O O   . ASN A 1 76  ? -15.943 16.785  -6.359  1.00 68.60  ? 76  ASN A O   1 
ATOM   610  C CB  . ASN A 1 76  ? -14.858 13.884  -5.982  1.00 70.96  ? 76  ASN A CB  1 
ATOM   611  C CG  . ASN A 1 76  ? -15.909 13.294  -6.908  1.00 91.44  ? 76  ASN A CG  1 
ATOM   612  O OD1 . ASN A 1 76  ? -16.703 12.447  -6.475  1.00 75.77  ? 76  ASN A OD1 1 
ATOM   613  N ND2 . ASN A 1 76  ? -15.910 13.703  -8.179  1.00 77.01  ? 76  ASN A ND2 1 
ATOM   614  N N   . ARG A 1 77  ? -14.343 16.803  -4.728  1.00 69.52  ? 77  ARG A N   1 
ATOM   615  C CA  . ARG A 1 77  ? -15.056 17.634  -3.738  1.00 68.01  ? 77  ARG A CA  1 
ATOM   616  C C   . ARG A 1 77  ? -15.901 16.707  -2.828  1.00 65.23  ? 77  ARG A C   1 
ATOM   617  O O   . ARG A 1 77  ? -16.651 17.160  -1.958  1.00 65.42  ? 77  ARG A O   1 
ATOM   618  C CB  . ARG A 1 77  ? -15.890 18.768  -4.419  1.00 67.55  ? 77  ARG A CB  1 
ATOM   619  C CG  . ARG A 1 77  ? -16.836 19.611  -3.504  1.00 70.93  ? 77  ARG A CG  1 
ATOM   620  C CD  . ARG A 1 77  ? -17.412 20.920  -4.167  1.00 68.98  ? 77  ARG A CD  1 
ATOM   621  N NE  . ARG A 1 77  ? -16.413 21.595  -5.007  1.00 76.83  ? 77  ARG A NE  1 
ATOM   622  C CZ  . ARG A 1 77  ? -15.203 22.023  -4.608  1.00 76.66  ? 77  ARG A CZ  1 
ATOM   623  N NH1 . ARG A 1 77  ? -14.402 22.590  -5.504  1.00 77.14  ? 77  ARG A NH1 1 
ATOM   624  N NH2 . ARG A 1 77  ? -14.770 21.887  -3.347  1.00 73.86  ? 77  ARG A NH2 1 
ATOM   625  N N   . SER A 1 78  ? -15.758 15.397  -3.011  1.00 62.83  ? 78  SER A N   1 
ATOM   626  C CA  . SER A 1 78  ? -16.509 14.446  -2.199  1.00 59.45  ? 78  SER A CA  1 
ATOM   627  C C   . SER A 1 78  ? -15.828 14.148  -0.846  1.00 55.54  ? 78  SER A C   1 
ATOM   628  O O   . SER A 1 78  ? -14.608 14.249  -0.698  1.00 56.20  ? 78  SER A O   1 
ATOM   629  C CB  . SER A 1 78  ? -16.764 13.155  -2.968  1.00 59.61  ? 78  SER A CB  1 
ATOM   630  O OG  . SER A 1 78  ? -15.808 12.187  -2.597  1.00 55.38  ? 78  SER A OG  1 
ATOM   631  N N   . SER A 1 79  ? -16.666 13.753  0.105   1.00 50.99  ? 79  SER A N   1 
ATOM   632  C CA  . SER A 1 79  ? -16.316 13.442  1.465   1.00 49.42  ? 79  SER A CA  1 
ATOM   633  C C   . SER A 1 79  ? -15.699 12.062  1.765   1.00 48.70  ? 79  SER A C   1 
ATOM   634  O O   . SER A 1 79  ? -15.407 11.811  2.929   1.00 49.80  ? 79  SER A O   1 
ATOM   635  C CB  . SER A 1 79  ? -17.595 13.532  2.297   1.00 48.85  ? 79  SER A CB  1 
ATOM   636  O OG  . SER A 1 79  ? -18.252 14.761  2.056   1.00 76.49  ? 79  SER A OG  1 
ATOM   637  N N   . ASN A 1 80  ? -15.542 11.164  0.782   1.00 45.29  ? 80  ASN A N   1 
ATOM   638  C CA  . ASN A 1 80  ? -15.136 9.783   1.102   1.00 45.76  ? 80  ASN A CA  1 
ATOM   639  C C   . ASN A 1 80  ? -13.645 9.580   1.136   1.00 43.76  ? 80  ASN A C   1 
ATOM   640  O O   . ASN A 1 80  ? -12.909 10.308  0.503   1.00 44.24  ? 80  ASN A O   1 
ATOM   641  C CB  . ASN A 1 80  ? -15.787 8.720   0.167   1.00 46.23  ? 80  ASN A CB  1 
ATOM   642  C CG  . ASN A 1 80  ? -17.282 8.957   0.016   1.00 68.97  ? 80  ASN A CG  1 
ATOM   643  O OD1 . ASN A 1 80  ? -17.696 9.801   -0.763  1.00 50.29  ? 80  ASN A OD1 1 
ATOM   644  N ND2 . ASN A 1 80  ? -18.086 8.265   0.809   1.00 51.53  ? 80  ASN A ND2 1 
ATOM   645  N N   . LEU A 1 81  ? -13.235 8.591   1.908   1.00 42.40  ? 81  LEU A N   1 
ATOM   646  C CA  . LEU A 1 81  ? -11.872 8.116   1.947   1.00 42.48  ? 81  LEU A CA  1 
ATOM   647  C C   . LEU A 1 81  ? -11.893 6.630   1.744   1.00 46.46  ? 81  LEU A C   1 
ATOM   648  O O   . LEU A 1 81  ? -12.808 5.915   2.242   1.00 47.90  ? 81  LEU A O   1 
ATOM   649  C CB  . LEU A 1 81  ? -11.241 8.411   3.301   1.00 38.43  ? 81  LEU A CB  1 
ATOM   650  C CG  . LEU A 1 81  ? -10.981 9.905   3.596   1.00 44.88  ? 81  LEU A CG  1 
ATOM   651  C CD1 . LEU A 1 81  ? -10.306 10.080  5.003   1.00 36.34  ? 81  LEU A CD1 1 
ATOM   652  C CD2 . LEU A 1 81  ? -10.190 10.639  2.459   1.00 33.24  ? 81  LEU A CD2 1 
ATOM   653  N N   . TYR A 1 82  ? -10.875 6.153   1.045   1.00 45.83  ? 82  TYR A N   1 
ATOM   654  C CA  . TYR A 1 82  ? -10.776 4.730   0.750   1.00 46.75  ? 82  TYR A CA  1 
ATOM   655  C C   . TYR A 1 82  ? -9.445  4.201   1.182   1.00 46.44  ? 82  TYR A C   1 
ATOM   656  O O   . TYR A 1 82  ? -8.451  4.902   1.175   1.00 45.97  ? 82  TYR A O   1 
ATOM   657  C CB  . TYR A 1 82  ? -10.923 4.492   -0.733  1.00 48.15  ? 82  TYR A CB  1 
ATOM   658  C CG  . TYR A 1 82  ? -12.174 5.107   -1.278  1.00 54.88  ? 82  TYR A CG  1 
ATOM   659  C CD1 . TYR A 1 82  ? -13.353 4.357   -1.361  1.00 53.45  ? 82  TYR A CD1 1 
ATOM   660  C CD2 . TYR A 1 82  ? -12.200 6.436   -1.700  1.00 49.19  ? 82  TYR A CD2 1 
ATOM   661  C CE1 . TYR A 1 82  ? -14.548 4.921   -1.857  1.00 53.41  ? 82  TYR A CE1 1 
ATOM   662  C CE2 . TYR A 1 82  ? -13.390 7.007   -2.203  1.00 52.38  ? 82  TYR A CE2 1 
ATOM   663  C CZ  . TYR A 1 82  ? -14.557 6.232   -2.278  1.00 49.70  ? 82  TYR A CZ  1 
ATOM   664  O OH  . TYR A 1 82  ? -15.730 6.750   -2.774  1.00 52.12  ? 82  TYR A OH  1 
ATOM   665  N N   . GLU A 1 83  ? -9.418  2.933   1.544   1.00 48.19  ? 83  GLU A N   1 
ATOM   666  C CA  . GLU A 1 83  ? -8.177  2.284   1.852   1.00 47.79  ? 83  GLU A CA  1 
ATOM   667  C C   . GLU A 1 83  ? -7.804  1.307   0.724   1.00 47.74  ? 83  GLU A C   1 
ATOM   668  O O   . GLU A 1 83  ? -8.664  0.538   0.259   1.00 48.23  ? 83  GLU A O   1 
ATOM   669  C CB  . GLU A 1 83  ? -8.361  1.546   3.154   1.00 47.60  ? 83  GLU A CB  1 
ATOM   670  C CG  . GLU A 1 83  ? -7.120  0.928   3.618   1.00 46.26  ? 83  GLU A CG  1 
ATOM   671  C CD  . GLU A 1 83  ? -7.388  -0.041  4.747   1.00 56.37  ? 83  GLU A CD  1 
ATOM   672  O OE1 . GLU A 1 83  ? -8.472  0.087   5.378   1.00 53.90  ? 83  GLU A OE1 1 
ATOM   673  O OE2 . GLU A 1 83  ? -6.528  -0.933  4.973   1.00 53.67  ? 83  GLU A OE2 1 
ATOM   674  N N   . ILE A 1 84  ? -6.536  1.308   0.296   1.00 46.27  ? 84  ILE A N   1 
ATOM   675  C CA  . ILE A 1 84  ? -6.087  0.248   -0.656  1.00 48.17  ? 84  ILE A CA  1 
ATOM   676  C C   . ILE A 1 84  ? -5.756  -1.073  0.049   1.00 49.29  ? 84  ILE A C   1 
ATOM   677  O O   . ILE A 1 84  ? -4.837  -1.129  0.885   1.00 49.08  ? 84  ILE A O   1 
ATOM   678  C CB  . ILE A 1 84  ? -4.923  0.684   -1.603  1.00 46.65  ? 84  ILE A CB  1 
ATOM   679  C CG1 . ILE A 1 84  ? -5.200  2.085   -2.184  1.00 39.21  ? 84  ILE A CG1 1 
ATOM   680  C CG2 . ILE A 1 84  ? -4.645  -0.434  -2.664  1.00 43.46  ? 84  ILE A CG2 1 
ATOM   681  C CD1 . ILE A 1 84  ? -6.473  2.212   -3.113  1.00 36.86  ? 84  ILE A CD1 1 
ATOM   682  N N   . ILE A 1 85  ? -6.518  -2.119  -0.289  1.00 52.09  ? 85  ILE A N   1 
ATOM   683  C CA  . ILE A 1 85  ? -6.368  -3.471  0.318   1.00 55.19  ? 85  ILE A CA  1 
ATOM   684  C C   . ILE A 1 85  ? -6.059  -4.517  -0.812  1.00 54.55  ? 85  ILE A C   1 
ATOM   685  O O   . ILE A 1 85  ? -6.411  -4.283  -1.965  1.00 55.46  ? 85  ILE A O   1 
ATOM   686  C CB  . ILE A 1 85  ? -7.643  -3.752  1.231   1.00 54.89  ? 85  ILE A CB  1 
ATOM   687  C CG1 . ILE A 1 85  ? -7.241  -4.298  2.614   1.00 80.86  ? 85  ILE A CG1 1 
ATOM   688  C CG2 . ILE A 1 85  ? -8.750  -4.540  0.492   1.00 67.88  ? 85  ILE A CG2 1 
ATOM   689  C CD1 . ILE A 1 85  ? -8.438  -4.457  3.742   1.00 59.23  ? 85  ILE A CD1 1 
ATOM   690  N N   . TYR A 1 86  ? -5.347  -5.616  -0.544  1.00 51.88  ? 86  TYR A N   1 
ATOM   691  C CA  . TYR A 1 86  ? -5.307  -6.725  -1.512  1.00 50.64  ? 86  TYR A CA  1 
ATOM   692  C C   . TYR A 1 86  ? -6.285  -7.755  -0.984  1.00 51.95  ? 86  TYR A C   1 
ATOM   693  O O   . TYR A 1 86  ? -6.232  -8.071  0.194   1.00 54.13  ? 86  TYR A O   1 
ATOM   694  C CB  . TYR A 1 86  ? -3.903  -7.370  -1.635  1.00 50.19  ? 86  TYR A CB  1 
ATOM   695  C CG  . TYR A 1 86  ? -3.830  -8.471  -2.701  1.00 45.19  ? 86  TYR A CG  1 
ATOM   696  C CD1 . TYR A 1 86  ? -3.736  -8.138  -4.059  1.00 47.22  ? 86  TYR A CD1 1 
ATOM   697  C CD2 . TYR A 1 86  ? -3.911  -9.838  -2.355  1.00 44.80  ? 86  TYR A CD2 1 
ATOM   698  C CE1 . TYR A 1 86  ? -3.717  -9.132  -5.075  1.00 44.53  ? 86  TYR A CE1 1 
ATOM   699  C CE2 . TYR A 1 86  ? -3.886  -10.858 -3.373  1.00 42.46  ? 86  TYR A CE2 1 
ATOM   700  C CZ  . TYR A 1 86  ? -3.783  -10.476 -4.714  1.00 43.94  ? 86  TYR A CZ  1 
ATOM   701  O OH  . TYR A 1 86  ? -3.770  -11.421 -5.722  1.00 46.23  ? 86  TYR A OH  1 
ATOM   702  N N   . GLN A 1 87  ? -7.212  -8.237  -1.811  1.00 51.85  ? 87  GLN A N   1 
ATOM   703  C CA  . GLN A 1 87  ? -8.113  -9.311  -1.406  1.00 53.80  ? 87  GLN A CA  1 
ATOM   704  C C   . GLN A 1 87  ? -7.801  -10.643 -2.110  1.00 54.08  ? 87  GLN A C   1 
ATOM   705  O O   . GLN A 1 87  ? -8.051  -10.767 -3.302  1.00 54.13  ? 87  GLN A O   1 
ATOM   706  C CB  . GLN A 1 87  ? -9.531  -8.935  -1.713  1.00 55.28  ? 87  GLN A CB  1 
ATOM   707  C CG  . GLN A 1 87  ? -10.500 -9.728  -0.905  1.00 65.35  ? 87  GLN A CG  1 
ATOM   708  C CD  . GLN A 1 87  ? -11.897 -9.252  -1.122  1.00 60.17  ? 87  GLN A CD  1 
ATOM   709  O OE1 . GLN A 1 87  ? -12.133 -8.098  -1.501  1.00 66.26  ? 87  GLN A OE1 1 
ATOM   710  N NE2 . GLN A 1 87  ? -12.846 -10.144 -0.922  1.00 68.17  ? 87  GLN A NE2 1 
ATOM   711  N N   . ASP A 1 88  ? -7.268  -11.624 -1.385  1.00 54.10  ? 88  ASP A N   1 
ATOM   712  C CA  . ASP A 1 88  ? -6.785  -12.858 -2.042  1.00 56.05  ? 88  ASP A CA  1 
ATOM   713  C C   . ASP A 1 88  ? -7.876  -13.469 -2.906  1.00 51.75  ? 88  ASP A C   1 
ATOM   714  O O   . ASP A 1 88  ? -7.611  -13.951 -3.989  1.00 50.84  ? 88  ASP A O   1 
ATOM   715  C CB  . ASP A 1 88  ? -6.272  -13.926 -1.043  1.00 58.56  ? 88  ASP A CB  1 
ATOM   716  C CG  . ASP A 1 88  ? -4.824  -13.715 -0.618  1.00 59.23  ? 88  ASP A CG  1 
ATOM   717  O OD1 . ASP A 1 88  ? -4.134  -12.886 -1.234  1.00 67.75  ? 88  ASP A OD1 1 
ATOM   718  O OD2 . ASP A 1 88  ? -4.358  -14.400 0.328   1.00 63.83  ? 88  ASP A OD2 1 
ATOM   719  N N   . SER A 1 89  ? -9.099  -13.390 -2.424  1.00 49.30  ? 89  SER A N   1 
ATOM   720  C CA  . SER A 1 89  ? -10.164 -14.207 -2.943  1.00 47.79  ? 89  SER A CA  1 
ATOM   721  C C   . SER A 1 89  ? -10.670 -13.668 -4.278  1.00 47.70  ? 89  SER A C   1 
ATOM   722  O O   . SER A 1 89  ? -11.400 -14.338 -4.987  1.00 47.56  ? 89  SER A O   1 
ATOM   723  C CB  . SER A 1 89  ? -11.276 -14.273 -1.892  1.00 48.40  ? 89  SER A CB  1 
ATOM   724  O OG  . SER A 1 89  ? -11.896 -13.008 -1.742  1.00 48.02  ? 89  SER A OG  1 
ATOM   725  N N   . ILE A 1 90  ? -10.303 -12.436 -4.608  1.00 47.99  ? 90  ILE A N   1 
ATOM   726  C CA  . ILE A 1 90  ? -10.527 -11.901 -5.945  1.00 47.34  ? 90  ILE A CA  1 
ATOM   727  C C   . ILE A 1 90  ? -9.165  -11.593 -6.601  1.00 46.36  ? 90  ILE A C   1 
ATOM   728  O O   . ILE A 1 90  ? -9.093  -10.963 -7.651  1.00 47.69  ? 90  ILE A O   1 
ATOM   729  C CB  . ILE A 1 90  ? -11.399 -10.640 -5.930  1.00 46.72  ? 90  ILE A CB  1 
ATOM   730  C CG1 . ILE A 1 90  ? -10.702 -9.514  -5.148  1.00 48.64  ? 90  ILE A CG1 1 
ATOM   731  C CG2 . ILE A 1 90  ? -12.824 -10.964 -5.423  1.00 48.92  ? 90  ILE A CG2 1 
ATOM   732  C CD1 . ILE A 1 90  ? -11.595 -8.278  -4.880  1.00 50.24  ? 90  ILE A CD1 1 
ATOM   733  N N   . ALA A 1 91  ? -8.072  -12.061 -6.008  1.00 44.96  ? 91  ALA A N   1 
ATOM   734  C CA  . ALA A 1 91  ? -6.732  -11.872 -6.621  1.00 41.18  ? 91  ALA A CA  1 
ATOM   735  C C   . ALA A 1 91  ? -6.532  -10.461 -7.239  1.00 41.79  ? 91  ALA A C   1 
ATOM   736  O O   . ALA A 1 91  ? -6.135  -10.378 -8.402  1.00 41.33  ? 91  ALA A O   1 
ATOM   737  C CB  . ALA A 1 91  ? -6.492  -12.970 -7.693  1.00 37.21  ? 91  ALA A CB  1 
ATOM   738  N N   . CYS A 1 92  ? -6.846  -9.388  -6.470  1.00 42.65  ? 92  CYS A N   1 
ATOM   739  C CA  . CYS A 1 92  ? -6.910  -7.967  -6.902  1.00 42.06  ? 92  CYS A CA  1 
ATOM   740  C C   . CYS A 1 92  ? -6.556  -7.116  -5.725  1.00 45.58  ? 92  CYS A C   1 
ATOM   741  O O   . CYS A 1 92  ? -6.967  -7.422  -4.591  1.00 45.87  ? 92  CYS A O   1 
ATOM   742  C CB  . CYS A 1 92  ? -8.379  -7.487  -7.168  1.00 41.31  ? 92  CYS A CB  1 
ATOM   743  S SG  . CYS A 1 92  ? -9.023  -8.015  -8.695  1.00 74.64  ? 92  CYS A SG  1 
ATOM   744  N N   . PHE A 1 93  ? -5.949  -5.969  -6.016  1.00 45.84  ? 93  PHE A N   1 
ATOM   745  C CA  . PHE A 1 93  ? -6.066  -4.807  -5.145  1.00 45.86  ? 93  PHE A CA  1 
ATOM   746  C C   . PHE A 1 93  ? -7.397  -4.108  -5.445  1.00 46.95  ? 93  PHE A C   1 
ATOM   747  O O   . PHE A 1 93  ? -7.857  -4.076  -6.616  1.00 46.56  ? 93  PHE A O   1 
ATOM   748  C CB  . PHE A 1 93  ? -4.898  -3.839  -5.287  1.00 43.87  ? 93  PHE A CB  1 
ATOM   749  C CG  . PHE A 1 93  ? -3.558  -4.462  -5.036  1.00 52.45  ? 93  PHE A CG  1 
ATOM   750  C CD1 . PHE A 1 93  ? -3.022  -4.515  -3.732  1.00 48.65  ? 93  PHE A CD1 1 
ATOM   751  C CD2 . PHE A 1 93  ? -2.818  -4.992  -6.112  1.00 48.48  ? 93  PHE A CD2 1 
ATOM   752  C CE1 . PHE A 1 93  ? -1.755  -5.092  -3.505  1.00 57.91  ? 93  PHE A CE1 1 
ATOM   753  C CE2 . PHE A 1 93  ? -1.574  -5.596  -5.908  1.00 50.05  ? 93  PHE A CE2 1 
ATOM   754  C CZ  . PHE A 1 93  ? -1.027  -5.646  -4.611  1.00 54.55  ? 93  PHE A CZ  1 
ATOM   755  N N   . ARG A 1 94  ? -8.042  -3.611  -4.374  1.00 46.79  ? 94  ARG A N   1 
ATOM   756  C CA  . ARG A 1 94  ? -9.304  -2.858  -4.477  1.00 47.79  ? 94  ARG A CA  1 
ATOM   757  C C   . ARG A 1 94  ? -9.332  -1.783  -3.378  1.00 48.31  ? 94  ARG A C   1 
ATOM   758  O O   . ARG A 1 94  ? -8.495  -1.813  -2.455  1.00 45.78  ? 94  ARG A O   1 
ATOM   759  C CB  . ARG A 1 94  ? -10.478 -3.802  -4.341  1.00 48.17  ? 94  ARG A CB  1 
ATOM   760  C CG  . ARG A 1 94  ? -10.595 -4.351  -2.952  1.00 56.02  ? 94  ARG A CG  1 
ATOM   761  C CD  . ARG A 1 94  ? -12.011 -4.765  -2.692  1.00 62.14  ? 94  ARG A CD  1 
ATOM   762  N NE  . ARG A 1 94  ? -12.212 -5.213  -1.314  1.00 68.62  ? 94  ARG A NE  1 
ATOM   763  C CZ  . ARG A 1 94  ? -13.075 -4.673  -0.451  1.00 67.24  ? 94  ARG A CZ  1 
ATOM   764  N NH1 . ARG A 1 94  ? -13.183 -5.174  0.770   1.00 72.94  ? 94  ARG A NH1 1 
ATOM   765  N NH2 . ARG A 1 94  ? -13.844 -3.655  -0.796  1.00 64.68  ? 94  ARG A NH2 1 
ATOM   766  N N   . CYS A 1 95  ? -10.286 -0.855  -3.493  1.00 49.68  ? 95  CYS A N   1 
ATOM   767  C CA  . CYS A 1 95  ? -10.557 0.181   -2.482  1.00 52.10  ? 95  CYS A CA  1 
ATOM   768  C C   . CYS A 1 95  ? -11.533 -0.295  -1.423  1.00 54.35  ? 95  CYS A C   1 
ATOM   769  O O   . CYS A 1 95  ? -12.581 -0.816  -1.746  1.00 56.30  ? 95  CYS A O   1 
ATOM   770  C CB  . CYS A 1 95  ? -11.243 1.365   -3.139  1.00 51.86  ? 95  CYS A CB  1 
ATOM   771  S SG  . CYS A 1 95  ? -10.185 2.262   -4.187  1.00 61.23  ? 95  CYS A SG  1 
ATOM   772  N N   . LYS A 1 96  ? -11.232 -0.073  -0.162  1.00 53.17  ? 96  LYS A N   1 
ATOM   773  C CA  . LYS A 1 96  ? -12.191 -0.380  0.879   1.00 52.99  ? 96  LYS A CA  1 
ATOM   774  C C   . LYS A 1 96  ? -12.650 0.971   1.438   1.00 50.61  ? 96  LYS A C   1 
ATOM   775  O O   . LYS A 1 96  ? -11.808 1.780   1.784   1.00 49.00  ? 96  LYS A O   1 
ATOM   776  C CB  . LYS A 1 96  ? -11.475 -1.225  1.929   1.00 53.80  ? 96  LYS A CB  1 
ATOM   777  C CG  . LYS A 1 96  ? -12.252 -1.534  3.179   1.00 72.49  ? 96  LYS A CG  1 
ATOM   778  C CD  . LYS A 1 96  ? -11.285 -1.950  4.284   1.00 63.12  ? 96  LYS A CD  1 
ATOM   779  C CE  . LYS A 1 96  ? -11.965 -1.864  5.599   1.00 72.68  ? 96  LYS A CE  1 
ATOM   780  N NZ  . LYS A 1 96  ? -12.967 -2.939  5.570   1.00 67.85  ? 96  LYS A NZ  1 
ATOM   781  N N   . VAL A 1 97  ? -13.953 1.235   1.513   1.00 51.47  ? 97  VAL A N   1 
ATOM   782  C CA  . VAL A 1 97  ? -14.430 2.511   2.092   1.00 51.54  ? 97  VAL A CA  1 
ATOM   783  C C   . VAL A 1 97  ? -13.997 2.661   3.537   1.00 55.90  ? 97  VAL A C   1 
ATOM   784  O O   . VAL A 1 97  ? -14.167 1.740   4.336   1.00 58.41  ? 97  VAL A O   1 
ATOM   785  C CB  . VAL A 1 97  ? -15.907 2.701   2.008   1.00 48.50  ? 97  VAL A CB  1 
ATOM   786  C CG1 . VAL A 1 97  ? -16.305 3.991   2.744   1.00 59.67  ? 97  VAL A CG1 1 
ATOM   787  C CG2 . VAL A 1 97  ? -16.320 2.882   0.565   1.00 64.88  ? 97  VAL A CG2 1 
ATOM   788  N N   . ILE A 1 98  ? -13.379 3.797   3.843   1.00 56.93  ? 98  ILE A N   1 
ATOM   789  C CA  . ILE A 1 98  ? -12.981 4.174   5.187   1.00 58.01  ? 98  ILE A CA  1 
ATOM   790  C C   . ILE A 1 98  ? -14.056 5.132   5.770   1.00 57.84  ? 98  ILE A C   1 
ATOM   791  O O   . ILE A 1 98  ? -14.392 5.053   6.949   1.00 57.00  ? 98  ILE A O   1 
ATOM   792  C CB  . ILE A 1 98  ? -11.656 4.946   5.134   1.00 58.32  ? 98  ILE A CB  1 
ATOM   793  C CG1 . ILE A 1 98  ? -10.489 4.092   5.528   1.00 62.16  ? 98  ILE A CG1 1 
ATOM   794  C CG2 . ILE A 1 98  ? -11.666 6.185   6.079   1.00 64.53  ? 98  ILE A CG2 1 
ATOM   795  C CD1 . ILE A 1 98  ? -9.177  4.975   5.547   1.00 58.80  ? 98  ILE A CD1 1 
ATOM   796  N N   . LYS A 1 99  ? -14.575 6.027   4.928   1.00 58.00  ? 99  LYS A N   1 
ATOM   797  C CA  . LYS A 1 99  ? -15.481 7.099   5.338   1.00 59.08  ? 99  LYS A CA  1 
ATOM   798  C C   . LYS A 1 99  ? -16.210 7.572   4.082   1.00 63.67  ? 99  LYS A C   1 
ATOM   799  O O   . LYS A 1 99  ? -15.584 7.701   3.043   1.00 63.00  ? 99  LYS A O   1 
ATOM   800  C CB  . LYS A 1 99  ? -14.637 8.216   5.962   1.00 57.55  ? 99  LYS A CB  1 
ATOM   801  C CG  . LYS A 1 99  ? -15.187 9.627   5.945   1.00 56.18  ? 99  LYS A CG  1 
ATOM   802  C CD  . LYS A 1 99  ? -14.102 10.617  6.408   1.00 57.84  ? 99  LYS A CD  1 
ATOM   803  C CE  . LYS A 1 99  ? -14.706 11.912  6.987   1.00 56.89  ? 99  LYS A CE  1 
ATOM   804  N NZ  . LYS A 1 99  ? -15.636 12.624  6.038   1.00 56.11  ? 99  LYS A NZ  1 
ATOM   805  N N   . GLY A 1 100 ? -17.527 7.768   4.104   1.00 69.41  ? 100 GLY A N   1 
ATOM   806  C CA  . GLY A 1 100 ? -18.488 7.265   5.082   1.00 74.57  ? 100 GLY A CA  1 
ATOM   807  C C   . GLY A 1 100 ? -19.540 6.582   4.207   1.00 79.45  ? 100 GLY A C   1 
ATOM   808  O O   . GLY A 1 100 ? -19.674 5.349   4.243   1.00 80.60  ? 100 GLY A O   1 
ATOM   809  N N   . ASP A 1 101 ? -20.238 7.375   3.381   1.00 82.34  ? 101 ASP A N   1 
ATOM   810  C CA  . ASP A 1 101 ? -21.218 6.858   2.396   1.00 86.08  ? 101 ASP A CA  1 
ATOM   811  C C   . ASP A 1 101 ? -20.658 5.777   1.483   1.00 88.04  ? 101 ASP A C   1 
ATOM   812  O O   . ASP A 1 101 ? -19.874 6.030   0.556   1.00 87.74  ? 101 ASP A O   1 
ATOM   813  C CB  . ASP A 1 101 ? -21.858 7.984   1.577   1.00 87.60  ? 101 ASP A CB  1 
ATOM   814  C CG  . ASP A 1 101 ? -23.107 8.560   2.250   1.00 113.95 ? 101 ASP A CG  1 
ATOM   815  O OD1 . ASP A 1 101 ? -23.854 9.322   1.587   1.00 88.65  ? 101 ASP A OD1 1 
ATOM   816  O OD2 . ASP A 1 101 ? -23.345 8.242   3.442   1.00 90.17  ? 101 ASP A OD2 1 
ATOM   817  N N   . ILE A 1 102 ? -21.130 4.569   1.754   1.00 90.01  ? 102 ILE A N   1 
ATOM   818  C CA  . ILE A 1 102 ? -20.434 3.316   1.417   1.00 91.18  ? 102 ILE A CA  1 
ATOM   819  C C   . ILE A 1 102 ? -20.641 2.801   -0.028  1.00 92.86  ? 102 ILE A C   1 
ATOM   820  O O   . ILE A 1 102 ? -20.443 1.611   -0.314  1.00 93.35  ? 102 ILE A O   1 
ATOM   821  C CB  . ILE A 1 102 ? -20.819 2.201   2.458   1.00 90.50  ? 102 ILE A CB  1 
ATOM   822  C CG1 . ILE A 1 102 ? -21.871 2.712   3.488   1.00 79.35  ? 102 ILE A CG1 1 
ATOM   823  C CG2 . ILE A 1 102 ? -19.546 1.604   3.113   1.00 70.84  ? 102 ILE A CG2 1 
ATOM   824  C CD1 . ILE A 1 102 ? -23.377 2.390   3.163   1.00 83.38  ? 102 ILE A CD1 1 
ATOM   825  N N   . LYS A 1 103 ? -20.968 3.723   -0.933  1.00 93.88  ? 103 LYS A N   1 
ATOM   826  C CA  . LYS A 1 103 ? -21.644 3.426   -2.208  1.00 94.94  ? 103 LYS A CA  1 
ATOM   827  C C   . LYS A 1 103 ? -20.770 3.033   -3.417  1.00 95.84  ? 103 LYS A C   1 
ATOM   828  O O   . LYS A 1 103 ? -21.139 2.144   -4.195  1.00 95.95  ? 103 LYS A O   1 
ATOM   829  C CB  . LYS A 1 103 ? -22.566 4.596   -2.569  1.00 95.15  ? 103 LYS A CB  1 
ATOM   830  C CG  . LYS A 1 103 ? -22.286 5.892   -1.793  1.00 75.64  ? 103 LYS A CG  1 
ATOM   831  C CD  . LYS A 1 103 ? -22.447 7.080   -2.711  1.00 95.58  ? 103 LYS A CD  1 
ATOM   832  C CE  . LYS A 1 103 ? -23.779 7.019   -3.464  1.00 78.98  ? 103 LYS A CE  1 
ATOM   833  N NZ  . LYS A 1 103 ? -23.536 7.003   -4.938  1.00 94.23  ? 103 LYS A NZ  1 
ATOM   834  N N   . SER A 1 104 ? -19.638 3.715   -3.588  1.00 96.19  ? 104 SER A N   1 
ATOM   835  C CA  . SER A 1 104 ? -18.631 3.334   -4.583  1.00 95.84  ? 104 SER A CA  1 
ATOM   836  C C   . SER A 1 104 ? -17.848 2.115   -4.009  1.00 95.59  ? 104 SER A C   1 
ATOM   837  O O   . SER A 1 104 ? -18.440 1.343   -3.240  1.00 96.45  ? 104 SER A O   1 
ATOM   838  C CB  . SER A 1 104 ? -17.745 4.545   -4.925  1.00 95.50  ? 104 SER A CB  1 
ATOM   839  O OG  . SER A 1 104 ? -18.269 5.262   -6.027  1.00 89.45  ? 104 SER A OG  1 
ATOM   840  N N   . PHE A 1 105 ? -16.575 1.880   -4.362  1.00 93.25  ? 105 PHE A N   1 
ATOM   841  C CA  . PHE A 1 105 ? -15.804 2.548   -5.407  1.00 90.31  ? 105 PHE A CA  1 
ATOM   842  C C   . PHE A 1 105 ? -15.530 1.423   -6.375  1.00 89.54  ? 105 PHE A C   1 
ATOM   843  O O   . PHE A 1 105 ? -15.006 0.391   -5.957  1.00 89.92  ? 105 PHE A O   1 
ATOM   844  C CB  . PHE A 1 105 ? -14.516 3.084   -4.789  1.00 88.58  ? 105 PHE A CB  1 
ATOM   845  C CG  . PHE A 1 105 ? -13.458 3.547   -5.772  1.00 71.32  ? 105 PHE A CG  1 
ATOM   846  C CD1 . PHE A 1 105 ? -13.042 4.882   -5.779  1.00 84.21  ? 105 PHE A CD1 1 
ATOM   847  C CD2 . PHE A 1 105 ? -12.783 2.636   -6.608  1.00 86.91  ? 105 PHE A CD2 1 
ATOM   848  C CE1 . PHE A 1 105 ? -12.003 5.318   -6.637  1.00 66.95  ? 105 PHE A CE1 1 
ATOM   849  C CE2 . PHE A 1 105 ? -11.747 3.071   -7.486  1.00 69.99  ? 105 PHE A CE2 1 
ATOM   850  C CZ  . PHE A 1 105 ? -11.367 4.418   -7.493  1.00 80.50  ? 105 PHE A CZ  1 
ATOM   851  N N   . PRO A 1 106 ? -15.949 1.583   -7.646  1.00 88.46  ? 106 PRO A N   1 
ATOM   852  C CA  . PRO A 1 106 ? -15.760 0.645   -8.758  1.00 87.21  ? 106 PRO A CA  1 
ATOM   853  C C   . PRO A 1 106 ? -14.447 -0.141  -8.713  1.00 85.00  ? 106 PRO A C   1 
ATOM   854  O O   . PRO A 1 106 ? -13.682 -0.010  -7.758  1.00 85.60  ? 106 PRO A O   1 
ATOM   855  C CB  . PRO A 1 106 ? -15.773 1.576   -9.968  1.00 87.56  ? 106 PRO A CB  1 
ATOM   856  C CG  . PRO A 1 106 ? -16.754 2.645   -9.578  1.00 98.09  ? 106 PRO A CG  1 
ATOM   857  C CD  . PRO A 1 106 ? -16.735 2.758   -8.076  1.00 88.67  ? 106 PRO A CD  1 
ATOM   858  N N   . CYS A 1 107 ? -14.175 -0.955  -9.728  1.00 81.99  ? 107 CYS A N   1 
ATOM   859  C CA  . CYS A 1 107 ? -12.844 -1.562  -9.834  1.00 80.01  ? 107 CYS A CA  1 
ATOM   860  C C   . CYS A 1 107 ? -11.705 -0.540  -9.623  1.00 77.01  ? 107 CYS A C   1 
ATOM   861  O O   . CYS A 1 107 ? -11.799 0.636   -10.010 1.00 78.12  ? 107 CYS A O   1 
ATOM   862  C CB  . CYS A 1 107 ? -12.655 -2.237  -11.195 1.00 80.80  ? 107 CYS A CB  1 
ATOM   863  S SG  . CYS A 1 107 ? -13.522 -3.784  -11.382 1.00 128.63 ? 107 CYS A SG  1 
ATOM   864  N N   . LEU A 1 108 ? -10.628 -0.989  -8.994  1.00 71.97  ? 108 LEU A N   1 
ATOM   865  C CA  . LEU A 1 108 ? -9.408  -0.203  -8.944  1.00 66.11  ? 108 LEU A CA  1 
ATOM   866  C C   . LEU A 1 108 ? -8.636  -0.395  -10.267 1.00 61.14  ? 108 LEU A C   1 
ATOM   867  O O   . LEU A 1 108 ? -8.112  -1.483  -10.557 1.00 60.49  ? 108 LEU A O   1 
ATOM   868  C CB  . LEU A 1 108 ? -8.578  -0.649  -7.751  1.00 64.63  ? 108 LEU A CB  1 
ATOM   869  C CG  . LEU A 1 108 ? -7.324  0.152   -7.494  1.00 70.54  ? 108 LEU A CG  1 
ATOM   870  C CD1 . LEU A 1 108 ? -7.676  1.585   -7.204  1.00 58.68  ? 108 LEU A CD1 1 
ATOM   871  C CD2 . LEU A 1 108 ? -6.650  -0.469  -6.335  1.00 60.75  ? 108 LEU A CD2 1 
ATOM   872  N N   . ASN A 1 109 ? -8.592  0.644   -11.092 1.00 56.16  ? 109 ASN A N   1 
ATOM   873  C CA  . ASN A 1 109 ? -7.910  0.511   -12.380 1.00 50.57  ? 109 ASN A CA  1 
ATOM   874  C C   . ASN A 1 109 ? -7.367  1.833   -12.891 1.00 46.23  ? 109 ASN A C   1 
ATOM   875  O O   . ASN A 1 109 ? -7.544  2.861   -12.288 1.00 44.25  ? 109 ASN A O   1 
ATOM   876  C CB  . ASN A 1 109 ? -8.800  -0.220  -13.425 1.00 49.64  ? 109 ASN A CB  1 
ATOM   877  C CG  . ASN A 1 109 ? -10.011 0.575   -13.813 1.00 45.12  ? 109 ASN A CG  1 
ATOM   878  O OD1 . ASN A 1 109 ? -9.914  1.751   -14.116 1.00 43.69  ? 109 ASN A OD1 1 
ATOM   879  N ND2 . ASN A 1 109 ? -11.166 -0.065  -13.813 1.00 45.71  ? 109 ASN A ND2 1 
ATOM   880  N N   . ILE A 1 110 ? -6.680  1.782   -14.003 1.00 47.36  ? 110 ILE A N   1 
ATOM   881  C CA  . ILE A 1 110 ? -5.989  2.937   -14.520 1.00 50.31  ? 110 ILE A CA  1 
ATOM   882  C C   . ILE A 1 110 ? -6.959  4.112   -14.796 1.00 52.49  ? 110 ILE A C   1 
ATOM   883  O O   . ILE A 1 110 ? -6.632  5.273   -14.491 1.00 52.73  ? 110 ILE A O   1 
ATOM   884  C CB  . ILE A 1 110 ? -5.090  2.523   -15.721 1.00 51.41  ? 110 ILE A CB  1 
ATOM   885  C CG1 . ILE A 1 110 ? -4.053  3.600   -16.017 1.00 60.46  ? 110 ILE A CG1 1 
ATOM   886  C CG2 . ILE A 1 110 ? -5.910  2.123   -16.954 1.00 57.86  ? 110 ILE A CG2 1 
ATOM   887  C CD1 . ILE A 1 110 ? -2.730  3.019   -16.526 1.00 65.69  ? 110 ILE A CD1 1 
ATOM   888  N N   . GLY A 1 111 ? -8.155  3.799   -15.312 1.00 53.13  ? 111 GLY A N   1 
ATOM   889  C CA  . GLY A 1 111 ? -9.260  4.776   -15.396 1.00 54.44  ? 111 GLY A CA  1 
ATOM   890  C C   . GLY A 1 111 ? -9.749  5.368   -14.058 1.00 55.27  ? 111 GLY A C   1 
ATOM   891  O O   . GLY A 1 111 ? -9.752  6.592   -13.857 1.00 54.48  ? 111 GLY A O   1 
ATOM   892  N N   . THR A 1 112 ? -10.141 4.505   -13.128 1.00 56.02  ? 112 THR A N   1 
ATOM   893  C CA  . THR A 1 112 ? -10.768 4.962   -11.895 1.00 56.42  ? 112 THR A CA  1 
ATOM   894  C C   . THR A 1 112 ? -9.825  5.697   -10.947 1.00 56.40  ? 112 THR A C   1 
ATOM   895  O O   . THR A 1 112 ? -10.293 6.401   -10.069 1.00 58.61  ? 112 THR A O   1 
ATOM   896  C CB  . THR A 1 112 ? -11.472 3.809   -11.140 1.00 57.92  ? 112 THR A CB  1 
ATOM   897  O OG1 . THR A 1 112 ? -10.509 2.808   -10.740 1.00 55.70  ? 112 THR A OG1 1 
ATOM   898  C CG2 . THR A 1 112 ? -12.643 3.191   -12.006 1.00 53.92  ? 112 THR A CG2 1 
ATOM   899  N N   . VAL A 1 113 ? -8.510  5.570   -11.114 1.00 52.77  ? 113 VAL A N   1 
ATOM   900  C CA  . VAL A 1 113 ? -7.600  6.346   -10.255 1.00 49.55  ? 113 VAL A CA  1 
ATOM   901  C C   . VAL A 1 113 ? -7.036  7.612   -10.914 1.00 48.52  ? 113 VAL A C   1 
ATOM   902  O O   . VAL A 1 113 ? -6.252  8.378   -10.295 1.00 49.43  ? 113 VAL A O   1 
ATOM   903  C CB  . VAL A 1 113 ? -6.415  5.520   -9.810  1.00 49.77  ? 113 VAL A CB  1 
ATOM   904  C CG1 . VAL A 1 113 ? -6.901  4.301   -9.053  1.00 47.41  ? 113 VAL A CG1 1 
ATOM   905  C CG2 . VAL A 1 113 ? -5.507  5.193   -11.026 1.00 48.14  ? 113 VAL A CG2 1 
ATOM   906  N N   . ARG A 1 114 ? -7.430  7.843   -12.162 1.00 45.02  ? 114 ARG A N   1 
ATOM   907  C CA  . ARG A 1 114 ? -6.949  9.004   -12.885 1.00 43.41  ? 114 ARG A CA  1 
ATOM   908  C C   . ARG A 1 114 ? -7.323  10.286  -12.131 1.00 42.48  ? 114 ARG A C   1 
ATOM   909  O O   . ARG A 1 114 ? -6.636  11.286  -12.262 1.00 43.05  ? 114 ARG A O   1 
ATOM   910  C CB  . ARG A 1 114 ? -7.525  9.037   -14.297 1.00 42.60  ? 114 ARG A CB  1 
ATOM   911  C CG  . ARG A 1 114 ? -8.975  9.415   -14.332 1.00 40.26  ? 114 ARG A CG  1 
ATOM   912  C CD  . ARG A 1 114 ? -9.393  9.394   -15.771 1.00 46.92  ? 114 ARG A CD  1 
ATOM   913  N NE  . ARG A 1 114 ? -10.820 9.309   -15.979 1.00 33.94  ? 114 ARG A NE  1 
ATOM   914  C CZ  . ARG A 1 114 ? -11.545 10.372  -16.215 1.00 40.28  ? 114 ARG A CZ  1 
ATOM   915  N NH1 . ARG A 1 114 ? -10.947 11.554  -16.183 1.00 46.46  ? 114 ARG A NH1 1 
ATOM   916  N NH2 . ARG A 1 114 ? -12.845 10.264  -16.466 1.00 41.94  ? 114 ARG A NH2 1 
ATOM   917  N N   . ASN A 1 115 ? -8.402  10.247  -11.348 1.00 40.54  ? 115 ASN A N   1 
ATOM   918  C CA  . ASN A 1 115 ? -8.739  11.396  -10.533 1.00 41.99  ? 115 ASN A CA  1 
ATOM   919  C C   . ASN A 1 115 ? -8.738  11.191  -9.022  1.00 41.22  ? 115 ASN A C   1 
ATOM   920  O O   . ASN A 1 115 ? -9.503  11.853  -8.298  1.00 40.68  ? 115 ASN A O   1 
ATOM   921  C CB  . ASN A 1 115 ? -10.044 12.006  -10.991 1.00 43.56  ? 115 ASN A CB  1 
ATOM   922  C CG  . ASN A 1 115 ? -9.849  12.754  -12.227 1.00 81.54  ? 115 ASN A CG  1 
ATOM   923  O OD1 . ASN A 1 115 ? -9.078  13.728  -12.246 1.00 60.77  ? 115 ASN A OD1 1 
ATOM   924  N ND2 . ASN A 1 115 ? -10.458 12.275  -13.314 1.00 58.90  ? 115 ASN A ND2 1 
ATOM   925  N N   . CYS A 1 116 ? -7.908  10.266  -8.558  1.00 39.26  ? 116 CYS A N   1 
ATOM   926  C CA  A CYS A 1 116 ? -7.719  10.107  -7.134  0.50 40.31  ? 116 CYS A CA  1 
ATOM   927  C CA  B CYS A 1 116 ? -7.725  10.088  -7.133  0.50 40.29  ? 116 CYS A CA  1 
ATOM   928  C C   . CYS A 1 116 ? -6.354  10.596  -6.722  1.00 41.51  ? 116 CYS A C   1 
ATOM   929  O O   . CYS A 1 116 ? -5.452  10.740  -7.557  1.00 41.16  ? 116 CYS A O   1 
ATOM   930  C CB  A CYS A 1 116 ? -7.903  8.648   -6.744  0.50 40.71  ? 116 CYS A CB  1 
ATOM   931  C CB  B CYS A 1 116 ? -7.819  8.613   -6.772  0.50 40.61  ? 116 CYS A CB  1 
ATOM   932  S SG  A CYS A 1 116 ? -9.526  8.080   -7.190  0.50 42.91  ? 116 CYS A SG  1 
ATOM   933  S SG  B CYS A 1 116 ? -6.223  7.827   -6.909  0.50 39.72  ? 116 CYS A SG  1 
ATOM   934  N N   . GLU A 1 117 ? -6.193  10.827  -5.419  1.00 43.37  ? 117 GLU A N   1 
ATOM   935  C CA  . GLU A 1 117 ? -4.945  11.324  -4.842  1.00 44.16  ? 117 GLU A CA  1 
ATOM   936  C C   . GLU A 1 117 ? -4.669  10.519  -3.597  1.00 41.66  ? 117 GLU A C   1 
ATOM   937  O O   . GLU A 1 117 ? -5.559  10.385  -2.743  1.00 40.95  ? 117 GLU A O   1 
ATOM   938  C CB  . GLU A 1 117 ? -5.119  12.799  -4.447  1.00 44.28  ? 117 GLU A CB  1 
ATOM   939  C CG  . GLU A 1 117 ? -3.917  13.706  -4.509  1.00 74.94  ? 117 GLU A CG  1 
ATOM   940  C CD  . GLU A 1 117 ? -4.307  15.174  -4.192  1.00 47.62  ? 117 GLU A CD  1 
ATOM   941  O OE1 . GLU A 1 117 ? -5.114  15.761  -4.970  1.00 76.83  ? 117 GLU A OE1 1 
ATOM   942  O OE2 . GLU A 1 117 ? -3.829  15.715  -3.155  1.00 78.97  ? 117 GLU A OE2 1 
ATOM   943  N N   . VAL A 1 118 ? -3.439  10.012  -3.464  1.00 40.90  ? 118 VAL A N   1 
ATOM   944  C CA  . VAL A 1 118 ? -2.959  9.469   -2.188  1.00 39.83  ? 118 VAL A CA  1 
ATOM   945  C C   . VAL A 1 118 ? -2.761  10.586  -1.153  1.00 40.18  ? 118 VAL A C   1 
ATOM   946  O O   . VAL A 1 118 ? -2.035  11.544  -1.386  1.00 41.38  ? 118 VAL A O   1 
ATOM   947  C CB  . VAL A 1 118 ? -1.667  8.599   -2.374  1.00 42.37  ? 118 VAL A CB  1 
ATOM   948  C CG1 . VAL A 1 118 ? -1.089  8.101   -1.004  1.00 31.39  ? 118 VAL A CG1 1 
ATOM   949  C CG2 . VAL A 1 118 ? -1.927  7.386   -3.390  1.00 33.09  ? 118 VAL A CG2 1 
ATOM   950  N N   . ILE A 1 119 ? -3.366  10.393  0.027   1.00 40.72  ? 119 ILE A N   1 
ATOM   951  C CA  . ILE A 1 119 ? -3.566  11.421  1.068   1.00 40.15  ? 119 ILE A CA  1 
ATOM   952  C C   . ILE A 1 119 ? -2.779  11.058  2.378   1.00 38.32  ? 119 ILE A C   1 
ATOM   953  O O   . ILE A 1 119 ? -2.579  11.882  3.217   1.00 37.98  ? 119 ILE A O   1 
ATOM   954  C CB  . ILE A 1 119 ? -5.163  11.662  1.083   1.00 42.29  ? 119 ILE A CB  1 
ATOM   955  C CG1 . ILE A 1 119 ? -5.583  12.781  0.065   1.00 36.24  ? 119 ILE A CG1 1 
ATOM   956  C CG2 . ILE A 1 119 ? -5.918  11.755  2.430   1.00 38.03  ? 119 ILE A CG2 1 
ATOM   957  C CD1 . ILE A 1 119 ? -4.543  13.829  -0.240  1.00 57.07  ? 119 ILE A CD1 1 
ATOM   958  N N   . GLY A 1 120 ? -2.267  9.826   2.485   1.00 37.16  ? 120 GLY A N   1 
ATOM   959  C CA  . GLY A 1 120 ? -1.708  9.244   3.712   1.00 36.63  ? 120 GLY A CA  1 
ATOM   960  C C   . GLY A 1 120 ? -1.783  7.733   3.587   1.00 38.33  ? 120 GLY A C   1 
ATOM   961  O O   . GLY A 1 120 ? -2.129  7.182   2.534   1.00 37.89  ? 120 GLY A O   1 
ATOM   962  N N   . ASN A 1 121 ? -1.487  7.027   4.668   1.00 38.05  ? 121 ASN A N   1 
ATOM   963  C CA  . ASN A 1 121 ? -1.706  5.585   4.693   1.00 38.62  ? 121 ASN A CA  1 
ATOM   964  C C   . ASN A 1 121 ? -2.058  5.205   6.136   1.00 42.67  ? 121 ASN A C   1 
ATOM   965  O O   . ASN A 1 121 ? -1.898  6.030   7.070   1.00 44.69  ? 121 ASN A O   1 
ATOM   966  C CB  . ASN A 1 121 ? -0.430  4.846   4.212   1.00 35.93  ? 121 ASN A CB  1 
ATOM   967  C CG  . ASN A 1 121 ? 0.829   5.270   4.982   1.00 42.35  ? 121 ASN A CG  1 
ATOM   968  O OD1 . ASN A 1 121 ? 1.065   4.841   6.113   1.00 43.62  ? 121 ASN A OD1 1 
ATOM   969  N ND2 . ASN A 1 121 ? 1.649   6.093   4.360   1.00 39.87  ? 121 ASN A ND2 1 
ATOM   970  N N   . ILE A 1 122 ? -2.468  3.960   6.323   1.00 43.41  ? 122 ILE A N   1 
ATOM   971  C CA  . ILE A 1 122 ? -3.131  3.512   7.540   1.00 44.25  ? 122 ILE A CA  1 
ATOM   972  C C   . ILE A 1 122 ? -2.157  3.439   8.714   1.00 46.92  ? 122 ILE A C   1 
ATOM   973  O O   . ILE A 1 122 ? -2.584  3.323   9.878   1.00 49.52  ? 122 ILE A O   1 
ATOM   974  C CB  . ILE A 1 122 ? -3.843  2.160   7.304   1.00 43.37  ? 122 ILE A CB  1 
ATOM   975  C CG1 . ILE A 1 122 ? -2.789  1.069   7.018   1.00 46.22  ? 122 ILE A CG1 1 
ATOM   976  C CG2 . ILE A 1 122 ? -4.891  2.282   6.136   1.00 39.69  ? 122 ILE A CG2 1 
ATOM   977  C CD1 . ILE A 1 122 ? -3.351  -0.370  6.952   1.00 44.22  ? 122 ILE A CD1 1 
ATOM   978  N N   . TYR A 1 123 ? -0.860  3.528   8.410   1.00 46.44  ? 123 TYR A N   1 
ATOM   979  C CA  . TYR A 1 123 ? 0.198   3.627   9.428   1.00 46.45  ? 123 TYR A CA  1 
ATOM   980  C C   . TYR A 1 123 ? 0.674   5.030   9.707   1.00 46.52  ? 123 TYR A C   1 
ATOM   981  O O   . TYR A 1 123 ? 0.815   5.372   10.857  1.00 47.34  ? 123 TYR A O   1 
ATOM   982  C CB  . TYR A 1 123 ? 1.397   2.767   9.063   1.00 45.28  ? 123 TYR A CB  1 
ATOM   983  C CG  . TYR A 1 123 ? 0.992   1.345   9.043   1.00 53.02  ? 123 TYR A CG  1 
ATOM   984  C CD1 . TYR A 1 123 ? 0.746   0.662   10.239  1.00 50.30  ? 123 TYR A CD1 1 
ATOM   985  C CD2 . TYR A 1 123 ? 0.804   0.685   7.847   1.00 49.04  ? 123 TYR A CD2 1 
ATOM   986  C CE1 . TYR A 1 123 ? 0.328   -0.662  10.228  1.00 52.65  ? 123 TYR A CE1 1 
ATOM   987  C CE2 . TYR A 1 123 ? 0.380   -0.631  7.817   1.00 49.14  ? 123 TYR A CE2 1 
ATOM   988  C CZ  . TYR A 1 123 ? 0.139   -1.284  9.012   1.00 52.93  ? 123 TYR A CZ  1 
ATOM   989  O OH  . TYR A 1 123 ? -0.270  -2.578  8.976   1.00 56.86  ? 123 TYR A OH  1 
ATOM   990  N N   . GLU A 1 124 ? 0.966   5.838   8.687   1.00 44.42  ? 124 GLU A N   1 
ATOM   991  C CA  . GLU A 1 124 ? 1.547   7.139   9.037   1.00 45.49  ? 124 GLU A CA  1 
ATOM   992  C C   . GLU A 1 124 ? 0.473   8.152   9.376   1.00 45.75  ? 124 GLU A C   1 
ATOM   993  O O   . GLU A 1 124 ? 0.773   9.201   9.928   1.00 47.59  ? 124 GLU A O   1 
ATOM   994  C CB  . GLU A 1 124 ? 2.438   7.691   7.919   1.00 45.07  ? 124 GLU A CB  1 
ATOM   995  C CG  . GLU A 1 124 ? 3.735   6.969   7.751   1.00 41.77  ? 124 GLU A CG  1 
ATOM   996  C CD  . GLU A 1 124 ? 4.439   7.379   6.497   1.00 41.94  ? 124 GLU A CD  1 
ATOM   997  O OE1 . GLU A 1 124 ? 4.009   6.955   5.416   1.00 42.90  ? 124 GLU A OE1 1 
ATOM   998  O OE2 . GLU A 1 124 ? 5.454   8.098   6.593   1.00 50.81  ? 124 GLU A OE2 1 
ATOM   999  N N   . ASN A 1 125 ? -0.779  7.820   9.074   1.00 43.63  ? 125 ASN A N   1 
ATOM   1000 C CA  . ASN A 1 125 ? -1.897  8.760   9.201   1.00 43.28  ? 125 ASN A CA  1 
ATOM   1001 C C   . ASN A 1 125 ? -3.079  8.231   10.003  1.00 42.56  ? 125 ASN A C   1 
ATOM   1002 O O   . ASN A 1 125 ? -4.181  8.123   9.471   1.00 42.20  ? 125 ASN A O   1 
ATOM   1003 C CB  . ASN A 1 125 ? -2.308  9.243   7.807   1.00 40.02  ? 125 ASN A CB  1 
ATOM   1004 C CG  . ASN A 1 125 ? -1.106  9.741   7.032   1.00 40.35  ? 125 ASN A CG  1 
ATOM   1005 O OD1 . ASN A 1 125 ? -0.416  8.963   6.363   1.00 44.16  ? 125 ASN A OD1 1 
ATOM   1006 N ND2 . ASN A 1 125 ? -0.797  11.038  7.181   1.00 41.01  ? 125 ASN A ND2 1 
ATOM   1007 N N   . PRO A 1 126 ? -2.853  7.950   11.307  1.00 42.59  ? 126 PRO A N   1 
ATOM   1008 C CA  . PRO A 1 126 ? -3.961  7.502   12.130  1.00 43.87  ? 126 PRO A CA  1 
ATOM   1009 C C   . PRO A 1 126 ? -5.067  8.544   12.185  1.00 45.90  ? 126 PRO A C   1 
ATOM   1010 O O   . PRO A 1 126 ? -6.209  8.159   12.356  1.00 47.64  ? 126 PRO A O   1 
ATOM   1011 C CB  . PRO A 1 126 ? -3.327  7.298   13.516  1.00 43.13  ? 126 PRO A CB  1 
ATOM   1012 C CG  . PRO A 1 126 ? -2.096  8.113   13.494  1.00 51.75  ? 126 PRO A CG  1 
ATOM   1013 C CD  . PRO A 1 126 ? -1.607  8.076   12.095  1.00 41.42  ? 126 PRO A CD  1 
ATOM   1014 N N   . GLU A 1 127 ? -4.752  9.834   11.978  1.00 45.74  ? 127 GLU A N   1 
ATOM   1015 C CA  . GLU A 1 127 ? -5.798  10.895  12.029  1.00 46.02  ? 127 GLU A CA  1 
ATOM   1016 C C   . GLU A 1 127 ? -6.815  10.715  10.927  1.00 44.59  ? 127 GLU A C   1 
ATOM   1017 O O   . GLU A 1 127 ? -7.887  11.302  10.984  1.00 43.51  ? 127 GLU A O   1 
ATOM   1018 C CB  . GLU A 1 127 ? -5.262  12.342  11.875  1.00 45.40  ? 127 GLU A CB  1 
ATOM   1019 C CG  . GLU A 1 127 ? -3.760  12.548  11.898  1.00 59.14  ? 127 GLU A CG  1 
ATOM   1020 C CD  . GLU A 1 127 ? -3.027  11.849  10.738  1.00 42.84  ? 127 GLU A CD  1 
ATOM   1021 O OE1 . GLU A 1 127 ? -3.242  12.160  9.560   1.00 43.39  ? 127 GLU A OE1 1 
ATOM   1022 O OE2 . GLU A 1 127 ? -2.214  10.984  11.067  1.00 48.32  ? 127 GLU A OE2 1 
ATOM   1023 N N   . LEU A 1 128 ? -6.461  9.954   9.908   1.00 45.77  ? 128 LEU A N   1 
ATOM   1024 C CA  . LEU A 1 128 ? -7.382  9.701   8.791   1.00 49.78  ? 128 LEU A CA  1 
ATOM   1025 C C   . LEU A 1 128 ? -8.289  8.495   9.031   1.00 54.47  ? 128 LEU A C   1 
ATOM   1026 O O   . LEU A 1 128 ? -9.251  8.256   8.286   1.00 53.40  ? 128 LEU A O   1 
ATOM   1027 C CB  . LEU A 1 128 ? -6.601  9.516   7.485   1.00 49.63  ? 128 LEU A CB  1 
ATOM   1028 C CG  . LEU A 1 128 ? -5.760  10.730  7.040   1.00 46.08  ? 128 LEU A CG  1 
ATOM   1029 C CD1 . LEU A 1 128 ? -5.067  10.465  5.686   1.00 43.29  ? 128 LEU A CD1 1 
ATOM   1030 C CD2 . LEU A 1 128 ? -6.587  12.002  7.002   1.00 46.15  ? 128 LEU A CD2 1 
ATOM   1031 N N   . LEU A 1 129 ? -7.972  7.746   10.087  1.00 59.26  ? 129 LEU A N   1 
ATOM   1032 C CA  . LEU A 1 129 ? -8.630  6.476   10.337  1.00 65.16  ? 129 LEU A CA  1 
ATOM   1033 C C   . LEU A 1 129 ? -9.969  6.606   11.044  1.00 69.76  ? 129 LEU A C   1 
ATOM   1034 O O   . LEU A 1 129 ? -10.226 7.599   11.727  1.00 69.15  ? 129 LEU A O   1 
ATOM   1035 C CB  . LEU A 1 129 ? -7.705  5.500   11.094  1.00 65.05  ? 129 LEU A CB  1 
ATOM   1036 C CG  . LEU A 1 129 ? -6.642  4.852   10.194  1.00 59.57  ? 129 LEU A CG  1 
ATOM   1037 C CD1 . LEU A 1 129 ? -5.927  3.690   10.868  1.00 65.34  ? 129 LEU A CD1 1 
ATOM   1038 C CD2 . LEU A 1 129 ? -7.292  4.397   8.907   1.00 65.86  ? 129 LEU A CD2 1 
ATOM   1039 N N   . GLU A 1 130 ? -10.808 5.584   10.827  1.00 73.76  ? 130 GLU A N   1 
ATOM   1040 C CA  . GLU A 1 130 ? -12.053 5.325   11.568  1.00 76.21  ? 130 GLU A CA  1 
ATOM   1041 C C   . GLU A 1 130 ? -12.910 6.566   11.723  1.00 78.38  ? 130 GLU A C   1 
ATOM   1042 O O   . GLU A 1 130 ? -14.108 6.528   11.463  1.00 80.29  ? 130 GLU A O   1 
ATOM   1043 C CB  . GLU A 1 130 ? -11.762 4.650   12.925  1.00 76.89  ? 130 GLU A CB  1 
ATOM   1044 C CG  . GLU A 1 130 ? -11.518 5.580   14.092  1.00 86.07  ? 130 GLU A CG  1 
ATOM   1045 C CD  . GLU A 1 130 ? -12.813 5.925   14.818  1.00 83.58  ? 130 GLU A CD  1 
ATOM   1046 O OE1 . GLU A 1 130 ? -13.382 7.019   14.579  1.00 89.07  ? 130 GLU A OE1 1 
ATOM   1047 O OE2 . GLU A 1 130 ? -13.276 5.088   15.625  1.00 91.69  ? 130 GLU A OE2 1 
HETATM 1048 O O   . HOH B 2 .   ? -14.354 -4.522  -4.707  1.00 66.46  ? 140 HOH A O   1 
HETATM 1049 O O   . HOH B 2 .   ? -11.460 -3.589  -7.681  1.00 63.61  ? 141 HOH A O   1 
HETATM 1050 O O   . HOH B 2 .   ? 0.204   11.875  0.461   1.00 43.20  ? 142 HOH A O   1 
HETATM 1051 O O   . HOH B 2 .   ? -2.237  4.114   12.092  1.00 54.11  ? 143 HOH A O   1 
HETATM 1052 O O   . HOH B 2 .   ? 10.878  -9.458  7.573   1.00 43.84  ? 144 HOH A O   1 
HETATM 1053 O O   . HOH B 2 .   ? -0.057  12.563  4.402   1.00 48.35  ? 145 HOH A O   1 
HETATM 1054 O O   . HOH B 2 .   ? 1.692   10.191  5.042   1.00 43.47  ? 146 HOH A O   1 
HETATM 1055 O O   . HOH B 2 .   ? 3.279   11.825  6.630   1.00 62.20  ? 147 HOH A O   1 
HETATM 1056 O O   . HOH B 2 .   ? -2.019  -7.425  14.192  1.00 67.12  ? 148 HOH A O   1 
HETATM 1057 O O   . HOH B 2 .   ? 3.221   -5.090  -10.569 1.00 46.22  ? 149 HOH A O   1 
HETATM 1058 O O   . HOH B 2 .   ? 2.233   -0.131  14.052  1.00 51.86  ? 150 HOH A O   1 
HETATM 1059 O O   . HOH B 2 .   ? 12.119  13.531  -5.617  1.00 59.04  ? 151 HOH A O   1 
HETATM 1060 O O   . HOH B 2 .   ? 18.098  -20.078 4.742   1.00 56.90  ? 152 HOH A O   1 
HETATM 1061 O O   . HOH B 2 .   ? -4.101  -5.672  1.988   1.00 52.20  ? 153 HOH A O   1 
HETATM 1062 O O   . HOH B 2 .   ? 29.343  -13.808 5.996   1.00 41.19  ? 154 HOH A O   1 
HETATM 1063 O O   . HOH B 2 .   ? 11.904  -1.054  -8.837  1.00 66.48  ? 155 HOH A O   1 
HETATM 1064 O O   . HOH B 2 .   ? 16.582  -2.718  8.975   1.00 57.66  ? 156 HOH A O   1 
HETATM 1065 O O   . HOH B 2 .   ? 4.139   -22.904 8.486   1.00 63.24  ? 157 HOH A O   1 
HETATM 1066 O O   . HOH B 2 .   ? -4.568  13.545  -14.131 1.00 54.58  ? 158 HOH A O   1 
HETATM 1067 O O   . HOH B 2 .   ? -12.039 -1.010  -5.891  1.00 53.21  ? 159 HOH A O   1 
HETATM 1068 O O   . HOH B 2 .   ? -19.490 6.072   10.072  1.00 67.81  ? 160 HOH A O   1 
HETATM 1069 O O   . HOH B 2 .   ? -17.044 5.926   -10.346 1.00 63.65  ? 161 HOH A O   1 
HETATM 1070 O O   . HOH B 2 .   ? 5.091   7.032   2.960   1.00 48.05  ? 162 HOH A O   1 
HETATM 1071 O O   . HOH B 2 .   ? 10.618  -20.246 -0.546  1.00 46.97  ? 163 HOH A O   1 
HETATM 1072 O O   . HOH B 2 .   ? -0.297  8.388   -13.633 1.00 54.88  ? 164 HOH A O   1 
HETATM 1073 O O   . HOH B 2 .   ? 3.717   -9.906  4.339   1.00 60.02  ? 165 HOH A O   1 
HETATM 1074 O O   . HOH B 2 .   ? -7.384  -12.046 17.674  1.00 72.55  ? 166 HOH A O   1 
HETATM 1075 O O   . HOH B 2 .   ? 9.416   9.523   10.100  1.00 66.17  ? 167 HOH A O   1 
HETATM 1076 O O   . HOH B 2 .   ? -14.171 2.170   14.566  1.00 76.30  ? 168 HOH A O   1 
HETATM 1077 O O   . HOH B 2 .   ? -7.085  0.230   9.994   1.00 74.00  ? 169 HOH A O   1 
HETATM 1078 O O   . HOH B 2 .   ? 27.360  -21.101 5.333   1.00 52.20  ? 170 HOH A O   1 
HETATM 1079 O O   . HOH B 2 .   ? -17.964 8.077   13.172  0.50 27.58  ? 171 HOH A O   1 
HETATM 1080 O O   . HOH B 2 .   ? 0.217   3.807   13.000  1.00 58.54  ? 172 HOH A O   1 
HETATM 1081 O O   . HOH B 2 .   ? -9.539  -12.927 0.598   1.00 67.13  ? 173 HOH A O   1 
HETATM 1082 O O   . HOH B 2 .   ? 8.197   20.548  -0.719  1.00 69.92  ? 174 HOH A O   1 
HETATM 1083 O O   . HOH B 2 .   ? 35.170  -13.117 10.876  1.00 62.50  ? 175 HOH A O   1 
HETATM 1084 O O   . HOH B 2 .   ? -16.167 -11.075 -7.167  1.00 51.41  ? 176 HOH A O   1 
HETATM 1085 O O   . HOH B 2 .   ? 17.797  11.910  12.152  0.50 43.36  ? 177 HOH A O   1 
HETATM 1086 O O   . HOH B 2 .   ? -8.461  -2.765  7.616   1.00 66.22  ? 178 HOH A O   1 
HETATM 1087 O O   . HOH B 2 .   ? -5.262  -6.528  10.437  1.00 73.31  ? 179 HOH A O   1 
HETATM 1088 O O   . HOH B 2 .   ? 2.416   -8.506  9.780   1.00 68.60  ? 180 HOH A O   1 
HETATM 1089 O O   . HOH B 2 .   ? 1.103   6.906   1.758   1.00 40.91  ? 181 HOH A O   1 
HETATM 1090 O O   . HOH B 2 .   ? 4.408   12.689  -7.411  1.00 54.84  ? 182 HOH A O   1 
HETATM 1091 O O   . HOH B 2 .   ? 7.457   15.105  -4.610  1.00 67.86  ? 183 HOH A O   1 
HETATM 1092 O O   . HOH B 2 .   ? 16.419  -14.927 11.143  1.00 53.70  ? 184 HOH A O   1 
HETATM 1093 O O   . HOH B 2 .   ? 23.487  -18.255 6.680   1.00 66.81  ? 185 HOH A O   1 
HETATM 1094 O O   . HOH B 2 .   ? 8.916   -4.418  -21.181 1.00 70.53  ? 186 HOH A O   1 
HETATM 1095 O O   . HOH B 2 .   ? 7.802   -14.359 12.151  1.00 50.98  ? 187 HOH A O   1 
HETATM 1096 O O   . HOH B 2 .   ? -8.053  12.470  -16.507 1.00 51.57  ? 188 HOH A O   1 
HETATM 1097 O O   . HOH B 2 .   ? -3.659  16.784  -12.746 1.00 63.49  ? 189 HOH A O   1 
HETATM 1098 O O   . HOH B 2 .   ? -13.381 11.301  -1.515  1.00 51.25  ? 190 HOH A O   1 
HETATM 1099 O O   . HOH B 2 .   ? -10.269 17.566  -4.472  1.00 54.26  ? 191 HOH A O   1 
HETATM 1100 O O   . HOH B 2 .   ? -27.129 19.395  2.637   1.00 56.84  ? 192 HOH A O   1 
HETATM 1101 O O   . HOH B 2 .   ? -23.208 16.897  -2.771  1.00 64.52  ? 193 HOH A O   1 
HETATM 1102 O O   . HOH B 2 .   ? -15.915 -2.064  1.140   1.00 67.50  ? 194 HOH A O   1 
HETATM 1103 O O   . HOH B 2 .   ? 1.892   5.911   -1.999  1.00 45.60  ? 195 HOH A O   1 
HETATM 1104 O O   . HOH B 2 .   ? -2.814  13.875  7.259   1.00 38.00  ? 196 HOH A O   1 
HETATM 1105 O O   . HOH B 2 .   ? 8.231   7.162   8.209   1.00 52.08  ? 197 HOH A O   1 
HETATM 1106 O O   . HOH B 2 .   ? 13.292  9.318   12.370  1.00 68.63  ? 198 HOH A O   1 
HETATM 1107 O O   . HOH B 2 .   ? -3.347  0.917   11.113  1.00 55.76  ? 199 HOH A O   1 
HETATM 1108 O O   . HOH B 2 .   ? 4.181   -8.080  5.974   1.00 50.76  ? 200 HOH A O   1 
HETATM 1109 O O   . HOH B 2 .   ? 8.123   11.809  -1.217  1.00 66.09  ? 201 HOH A O   1 
HETATM 1110 O O   . HOH B 2 .   ? 9.303   -19.667 3.661   1.00 78.44  ? 202 HOH A O   1 
HETATM 1111 O O   . HOH B 2 .   ? 18.646  1.942   10.639  1.00 67.02  ? 203 HOH A O   1 
HETATM 1112 O O   . HOH B 2 .   ? 8.472   7.433   -1.868  1.00 63.13  ? 204 HOH A O   1 
HETATM 1113 O O   . HOH B 2 .   ? -2.212  15.185  0.928   1.00 52.95  ? 205 HOH A O   1 
HETATM 1114 O O   . HOH B 2 .   ? 4.591   -4.589  -7.171  1.00 47.55  ? 206 HOH A O   1 
# 
